data_5VQ3
#
_entry.id   5VQ3
#
_cell.length_a   69.477
_cell.length_b   147.963
_cell.length_c   116.694
_cell.angle_alpha   90.00
_cell.angle_beta   103.51
_cell.angle_gamma   90.00
#
_symmetry.space_group_name_H-M   'P 1 21 1'
#
loop_
_entity.id
_entity.type
_entity.pdbx_description
1 polymer 'Nitrogenase molybdenum-iron protein alpha chain'
2 polymer 'Nitrogenase molybdenum-iron protein beta chain'
3 non-polymer '3-HYDROXY-3-CARBOXY-ADIPIC ACID'
4 non-polymer 'iron-sulfur-molybdenum cluster with interstitial carbon'
5 non-polymer 'FE(8)-S(7) CLUSTER'
6 non-polymer 'FE (II) ION'
7 water water
#
loop_
_entity_poly.entity_id
_entity_poly.type
_entity_poly.pdbx_seq_one_letter_code
_entity_poly.pdbx_strand_id
1 'polypeptide(L)'
;MSENLKDEILEKYIPKTKKTRSGHIVIKTEETPNPEIVANTRTVPGIITARGCAYAGCKGVVMGPIKDMVHITHGPIGCS
FYTWGGRRFKSKPENGTGLNFNEYVFSTDMQESDIVFGGVNKLKDAIHEAYEMFHPAAIGVYATCPVGLIGDDILAVAAT
ASKEIGIPVHAFSCEGYKGVSQSAGHHIANNTVMTDIIGKGNKEQKKYSINVLGEYNIGGDAWEMDRVLEKIGYHVNATL
TGDATYEKVQNADKADLNLVQCHRSINYIAEMMETKYGIPWIKCNFIGVDGIVETLRDMAKCFDDPELTKRTEEVIAEEI
AAIQDDLDYFKEKLQGKTACLYVGGSRSHTYMNMLKSFGVDSLVAGFEFAHRDDYEGREVIPTIKIDADSKNIPEITVTP
DEQKYRVVIPEDKVEELKKAGVPLSSYGGMMKEMHDGTILIDDMNHHDMEVVLEKLKPDMFFAGIKEKFVIQKGGVLSKQ
LHSYDYNGPYAGFRGVVNFGHELVNGIYTPAWKMITPPWK
;
A,C
2 'polypeptide(L)'
;MLDATPKEIVERKALRINPAKTCQPVGAMYAALGIHNCLPHSHGSQGCCSYHRTVLSRHFKEPAMASTSSFTEGASVFGG
GSNIKTAVKNIFSLYNPDIIAVHTTCLSETLGDDLPTYISQMEDAGSIPEGKLVIHTNTPSYVGSHVTGFANMVQGIVNY
LSENTGAKNGKINVIPGFVGPADMREIKRLFEAMDIPYIMFPDTSGVLDGPTTGEYKMYPEGGTKIEDLKDTGNSDLTLS
LGSYASDLGAKTLEKKCKVPFKTLRTPIGVSATDEFIMALSEATGKEVPASIEEERGQLIDLMIDAQQYLQGKKVALLGD
PDEIIALSKFIIELGAIPKYVVTGTPGMKFQKEIDAMLAEAGIEGSKVKVEGDFFDVHQWIKNEGVDLLISNTYGKFIAR
EENIPFVRFGFPIMDRYGHYYNPKVGYKGAIRLVEEITNVILDKIERECTEEDFEVVR
;
B,D
#
# COMPACT_ATOMS: atom_id res chain seq x y z
N ASN A 4 -20.15 -42.57 -24.71
CA ASN A 4 -20.75 -41.23 -24.45
C ASN A 4 -20.35 -40.62 -23.07
N LEU A 5 -20.71 -39.35 -22.85
CA LEU A 5 -20.24 -38.59 -21.66
C LEU A 5 -20.69 -39.22 -20.34
N LYS A 6 -21.94 -39.65 -20.28
CA LYS A 6 -22.46 -40.28 -19.06
C LYS A 6 -21.63 -41.49 -18.68
N ASP A 7 -21.30 -42.34 -19.65
CA ASP A 7 -20.48 -43.54 -19.35
C ASP A 7 -19.05 -43.17 -18.91
N GLU A 8 -18.46 -42.17 -19.56
CA GLU A 8 -17.10 -41.73 -19.19
C GLU A 8 -17.06 -41.12 -17.75
N ILE A 9 -18.12 -40.42 -17.39
CA ILE A 9 -18.24 -39.89 -16.02
C ILE A 9 -18.41 -41.02 -15.00
N LEU A 10 -19.24 -42.03 -15.33
CA LEU A 10 -19.57 -43.10 -14.40
C LEU A 10 -18.45 -44.11 -14.22
N GLU A 11 -17.53 -44.15 -15.16
CA GLU A 11 -16.55 -45.24 -15.18
C GLU A 11 -15.80 -45.53 -13.86
N LYS A 12 -15.21 -44.52 -13.24
CA LYS A 12 -14.32 -44.72 -12.08
C LYS A 12 -15.04 -44.99 -10.75
N TYR A 13 -16.33 -44.71 -10.70
CA TYR A 13 -17.06 -44.94 -9.46
C TYR A 13 -17.05 -46.43 -9.09
N ILE A 14 -16.86 -46.75 -7.83
CA ILE A 14 -17.11 -48.14 -7.37
C ILE A 14 -18.56 -48.53 -7.62
N PRO A 15 -18.81 -49.85 -7.71
CA PRO A 15 -20.15 -50.28 -8.13
C PRO A 15 -21.33 -49.71 -7.35
N LYS A 16 -21.27 -49.64 -6.02
CA LYS A 16 -22.45 -49.18 -5.29
C LYS A 16 -22.70 -47.69 -5.61
N THR A 17 -21.62 -46.94 -5.75
CA THR A 17 -21.73 -45.49 -6.05
C THR A 17 -22.15 -45.27 -7.49
N LYS A 18 -21.57 -46.07 -8.38
CA LYS A 18 -21.96 -46.02 -9.80
C LYS A 18 -23.47 -46.18 -9.96
N LYS A 19 -24.04 -47.12 -9.22
CA LYS A 19 -25.45 -47.42 -9.38
C LYS A 19 -26.36 -46.32 -8.86
N THR A 20 -25.95 -45.67 -7.76
CA THR A 20 -26.74 -44.58 -7.22
C THR A 20 -26.55 -43.29 -8.07
N ARG A 21 -25.36 -43.11 -8.60
CA ARG A 21 -25.06 -41.85 -9.34
C ARG A 21 -25.62 -41.87 -10.73
N SER A 22 -25.80 -43.04 -11.36
CA SER A 22 -26.23 -43.01 -12.75
C SER A 22 -27.52 -42.24 -13.01
N GLY A 23 -28.48 -42.35 -12.13
CA GLY A 23 -29.75 -41.68 -12.31
C GLY A 23 -29.69 -40.16 -12.21
N HIS A 24 -28.53 -39.65 -11.73
CA HIS A 24 -28.35 -38.21 -11.52
C HIS A 24 -27.80 -37.53 -12.77
N ILE A 25 -27.54 -38.32 -13.81
CA ILE A 25 -26.95 -37.79 -15.04
C ILE A 25 -27.86 -38.16 -16.19
N VAL A 26 -28.39 -37.16 -16.87
CA VAL A 26 -29.26 -37.42 -18.01
C VAL A 26 -28.87 -36.56 -19.20
N ILE A 27 -29.05 -37.13 -20.38
CA ILE A 27 -28.88 -36.44 -21.65
C ILE A 27 -30.27 -36.20 -22.18
N LYS A 28 -30.70 -34.94 -22.27
CA LYS A 28 -31.96 -34.59 -22.93
C LYS A 28 -31.78 -34.56 -24.46
N THR A 29 -32.75 -35.09 -25.22
CA THR A 29 -32.69 -35.08 -26.70
C THR A 29 -34.04 -34.84 -27.42
N GLU A 30 -33.97 -34.81 -28.75
CA GLU A 30 -35.14 -34.79 -29.66
C GLU A 30 -36.27 -35.76 -29.27
N GLU A 31 -35.95 -37.05 -29.12
CA GLU A 31 -36.97 -38.07 -28.79
C GLU A 31 -37.40 -38.04 -27.31
N THR A 32 -36.47 -37.83 -26.38
CA THR A 32 -36.81 -37.73 -24.95
C THR A 32 -36.56 -36.31 -24.42
N PRO A 33 -37.59 -35.46 -24.47
CA PRO A 33 -37.42 -34.04 -24.20
C PRO A 33 -37.34 -33.71 -22.72
N ASN A 34 -37.96 -34.56 -21.89
CA ASN A 34 -38.03 -34.31 -20.46
C ASN A 34 -37.66 -35.58 -19.67
N PRO A 35 -36.44 -36.11 -19.89
CA PRO A 35 -36.04 -37.35 -19.24
C PRO A 35 -36.06 -37.23 -17.72
N GLU A 36 -36.49 -38.31 -17.06
CA GLU A 36 -36.58 -38.36 -15.61
C GLU A 36 -35.18 -38.33 -14.99
N ILE A 37 -34.98 -37.47 -14.00
CA ILE A 37 -33.69 -37.39 -13.30
C ILE A 37 -33.95 -37.77 -11.84
N VAL A 38 -32.91 -38.24 -11.18
CA VAL A 38 -32.95 -38.47 -9.73
C VAL A 38 -32.32 -37.23 -9.13
N ALA A 39 -33.03 -36.63 -8.20
CA ALA A 39 -32.59 -35.39 -7.55
C ALA A 39 -33.04 -35.39 -6.10
N ASN A 40 -32.49 -34.47 -5.30
CA ASN A 40 -32.88 -34.27 -3.89
C ASN A 40 -32.75 -35.55 -3.05
N THR A 41 -31.67 -36.29 -3.28
CA THR A 41 -31.32 -37.44 -2.45
C THR A 41 -30.03 -37.14 -1.70
N ARG A 42 -29.68 -38.00 -0.76
CA ARG A 42 -28.50 -37.77 0.06
C ARG A 42 -27.20 -37.67 -0.73
N THR A 43 -26.27 -36.86 -0.24
CA THR A 43 -24.97 -36.82 -0.84
C THR A 43 -24.21 -38.07 -0.53
N VAL A 44 -23.52 -38.62 -1.50
CA VAL A 44 -22.63 -39.77 -1.24
C VAL A 44 -21.42 -39.31 -0.39
N PRO A 45 -21.23 -39.94 0.78
CA PRO A 45 -20.04 -39.58 1.58
C PRO A 45 -18.72 -39.72 0.81
N GLY A 46 -17.88 -38.71 0.98
CA GLY A 46 -16.54 -38.64 0.41
C GLY A 46 -16.36 -38.32 -1.05
N ILE A 47 -17.44 -37.90 -1.68
CA ILE A 47 -17.48 -37.72 -3.13
C ILE A 47 -17.06 -36.30 -3.59
N ILE A 48 -16.82 -35.39 -2.63
CA ILE A 48 -16.47 -33.97 -2.89
C ILE A 48 -17.57 -33.26 -3.64
N THR A 49 -18.64 -33.03 -2.89
CA THR A 49 -19.83 -32.28 -3.25
C THR A 49 -19.56 -30.78 -3.06
N ALA A 50 -20.40 -29.93 -3.63
CA ALA A 50 -20.33 -28.49 -3.31
C ALA A 50 -21.47 -28.09 -2.40
N ARG A 51 -22.36 -29.02 -2.07
CA ARG A 51 -23.52 -28.71 -1.24
C ARG A 51 -23.22 -28.15 0.16
N GLY A 52 -24.16 -27.35 0.63
CA GLY A 52 -24.19 -26.80 1.97
C GLY A 52 -25.27 -27.46 2.82
N CYS A 53 -25.61 -26.81 3.92
CA CYS A 53 -26.49 -27.40 4.93
C CYS A 53 -27.77 -26.64 5.06
N ALA A 54 -28.70 -27.18 5.85
CA ALA A 54 -29.98 -26.54 6.05
C ALA A 54 -29.90 -25.18 6.75
N TYR A 55 -28.90 -25.00 7.61
CA TYR A 55 -28.72 -23.73 8.26
C TYR A 55 -28.30 -22.65 7.24
N ALA A 56 -27.43 -23.02 6.31
CA ALA A 56 -27.05 -22.09 5.23
C ALA A 56 -28.30 -21.68 4.48
N GLY A 57 -29.12 -22.67 4.13
CA GLY A 57 -30.37 -22.38 3.40
C GLY A 57 -31.41 -21.50 4.10
N CYS A 58 -31.50 -21.65 5.42
CA CYS A 58 -32.52 -20.93 6.21
C CYS A 58 -31.99 -19.54 6.64
N LYS A 59 -30.87 -19.56 7.35
CA LYS A 59 -30.28 -18.33 7.89
C LYS A 59 -29.46 -17.58 6.82
N GLY A 60 -28.57 -18.29 6.15
CA GLY A 60 -27.64 -17.68 5.22
C GLY A 60 -28.29 -17.17 3.95
N VAL A 61 -29.36 -17.84 3.54
CA VAL A 61 -29.98 -17.57 2.25
C VAL A 61 -31.31 -16.82 2.36
N VAL A 62 -32.32 -17.44 2.92
CA VAL A 62 -33.64 -16.81 2.93
C VAL A 62 -33.81 -15.68 3.98
N MET A 63 -33.37 -15.90 5.23
CA MET A 63 -33.74 -15.00 6.31
C MET A 63 -32.76 -13.85 6.50
N GLY A 64 -31.48 -14.13 6.35
CA GLY A 64 -30.44 -13.12 6.60
C GLY A 64 -30.62 -11.79 5.88
N PRO A 65 -31.14 -11.80 4.65
CA PRO A 65 -31.31 -10.51 3.97
C PRO A 65 -32.31 -9.55 4.58
N ILE A 66 -33.18 -10.02 5.50
CA ILE A 66 -34.10 -9.12 6.17
C ILE A 66 -33.28 -8.19 7.08
N LYS A 67 -33.18 -6.91 6.70
CA LYS A 67 -32.09 -6.10 7.19
C LYS A 67 -32.30 -5.48 8.58
N ASP A 68 -33.55 -5.36 9.00
CA ASP A 68 -33.88 -4.76 10.29
C ASP A 68 -34.33 -5.79 11.32
N MET A 69 -34.06 -7.06 11.06
CA MET A 69 -34.27 -8.12 12.03
C MET A 69 -32.88 -8.54 12.49
N VAL A 70 -32.68 -8.73 13.78
CA VAL A 70 -31.42 -9.27 14.29
C VAL A 70 -31.47 -10.79 14.22
N HIS A 71 -30.55 -11.37 13.43
CA HIS A 71 -30.43 -12.81 13.22
C HIS A 71 -29.40 -13.45 14.18
N ILE A 72 -29.87 -14.14 15.21
CA ILE A 72 -28.97 -14.73 16.17
C ILE A 72 -28.75 -16.19 15.85
N THR A 73 -27.50 -16.59 15.54
CA THR A 73 -27.17 -17.98 15.37
C THR A 73 -27.00 -18.66 16.76
N HIS A 74 -27.80 -19.67 17.05
CA HIS A 74 -27.61 -20.44 18.29
C HIS A 74 -26.77 -21.63 18.00
N GLY A 75 -25.48 -21.45 18.30
CA GLY A 75 -24.50 -22.42 17.96
C GLY A 75 -23.10 -21.99 18.33
N PRO A 76 -22.12 -22.87 18.10
CA PRO A 76 -20.72 -22.47 18.24
C PRO A 76 -20.39 -21.49 17.12
N ILE A 77 -19.22 -20.90 17.19
CA ILE A 77 -19.02 -19.61 16.53
C ILE A 77 -18.98 -19.72 15.01
N GLY A 78 -18.49 -20.84 14.47
CA GLY A 78 -18.29 -20.98 13.04
C GLY A 78 -19.52 -20.74 12.21
N CYS A 79 -20.64 -21.31 12.62
CA CYS A 79 -21.86 -21.13 11.85
C CYS A 79 -22.20 -19.64 11.65
N SER A 80 -21.86 -18.81 12.62
CA SER A 80 -22.05 -17.38 12.52
C SER A 80 -20.99 -16.75 11.64
N PHE A 81 -19.71 -17.04 11.92
CA PHE A 81 -18.58 -16.48 11.18
C PHE A 81 -18.68 -16.70 9.67
N TYR A 82 -19.13 -17.89 9.29
CA TYR A 82 -19.19 -18.21 7.87
C TYR A 82 -20.39 -17.65 7.15
N THR A 83 -21.27 -16.96 7.87
CA THR A 83 -22.33 -16.17 7.26
C THR A 83 -22.07 -14.67 7.36
N TRP A 84 -20.84 -14.26 7.50
CA TRP A 84 -20.53 -12.84 7.68
C TRP A 84 -20.06 -12.20 6.37
N GLY A 85 -21.03 -11.86 5.52
CA GLY A 85 -20.75 -11.12 4.30
C GLY A 85 -20.32 -11.89 3.08
N GLY A 86 -20.20 -13.20 3.13
CA GLY A 86 -19.79 -13.98 1.95
C GLY A 86 -20.85 -14.03 0.85
N ARG A 87 -22.11 -13.98 1.25
CA ARG A 87 -23.22 -13.88 0.33
C ARG A 87 -23.67 -12.42 0.20
N ARG A 88 -23.69 -11.95 -1.04
CA ARG A 88 -23.67 -10.50 -1.27
C ARG A 88 -25.05 -9.84 -1.41
N PHE A 89 -25.97 -10.15 -0.49
CA PHE A 89 -27.26 -9.49 -0.52
C PHE A 89 -27.04 -8.05 -0.10
N LYS A 90 -27.53 -7.12 -0.89
CA LYS A 90 -27.31 -5.71 -0.55
C LYS A 90 -28.50 -5.09 0.15
N SER A 91 -28.19 -4.21 1.11
CA SER A 91 -29.19 -3.57 1.93
C SER A 91 -28.84 -2.12 2.03
N LYS A 92 -29.88 -1.29 2.10
CA LYS A 92 -29.73 0.08 2.54
C LYS A 92 -30.75 0.46 3.64
N PRO A 93 -30.40 1.39 4.50
CA PRO A 93 -31.38 1.83 5.50
C PRO A 93 -32.67 2.33 4.86
N GLU A 94 -33.82 1.82 5.25
CA GLU A 94 -35.08 2.19 4.61
C GLU A 94 -35.35 3.68 4.85
N ASN A 95 -35.74 4.38 3.78
CA ASN A 95 -35.97 5.84 3.82
C ASN A 95 -34.74 6.62 4.29
N GLY A 96 -33.56 6.02 4.10
CA GLY A 96 -32.31 6.62 4.53
C GLY A 96 -32.03 6.55 6.01
N THR A 97 -33.01 6.10 6.81
CA THR A 97 -32.95 6.19 8.27
C THR A 97 -33.15 4.86 9.05
N GLY A 98 -33.73 3.84 8.43
CA GLY A 98 -34.07 2.65 9.19
C GLY A 98 -32.87 1.79 9.58
N LEU A 99 -33.14 0.77 10.38
CA LEU A 99 -32.09 -0.13 10.83
C LEU A 99 -31.54 -0.98 9.69
N ASN A 100 -30.25 -1.32 9.80
CA ASN A 100 -29.59 -2.16 8.82
C ASN A 100 -28.51 -2.92 9.52
N PHE A 101 -28.68 -4.24 9.65
CA PHE A 101 -27.69 -5.10 10.31
C PHE A 101 -26.80 -5.91 9.39
N ASN A 102 -26.73 -5.56 8.10
CA ASN A 102 -25.95 -6.36 7.16
C ASN A 102 -24.50 -6.53 7.52
N GLU A 103 -23.95 -5.58 8.25
CA GLU A 103 -22.52 -5.63 8.51
C GLU A 103 -22.15 -6.41 9.76
N TYR A 104 -23.14 -6.95 10.46
CA TYR A 104 -22.94 -7.65 11.73
C TYR A 104 -23.28 -9.10 11.61
N VAL A 105 -22.64 -9.93 12.40
CA VAL A 105 -23.19 -11.26 12.69
C VAL A 105 -23.31 -11.47 14.19
N PHE A 106 -24.36 -12.20 14.56
CA PHE A 106 -24.77 -12.36 15.96
C PHE A 106 -24.87 -13.83 16.32
N SER A 107 -24.34 -14.22 17.47
CA SER A 107 -24.50 -15.59 17.91
C SER A 107 -24.43 -15.75 19.43
N THR A 108 -24.73 -16.96 19.87
CA THR A 108 -24.56 -17.31 21.29
C THR A 108 -23.22 -17.93 21.60
N ASP A 109 -22.38 -18.12 20.61
CA ASP A 109 -21.02 -18.60 20.80
C ASP A 109 -20.97 -19.74 21.82
N MET A 110 -21.69 -20.79 21.51
CA MET A 110 -21.73 -21.95 22.39
C MET A 110 -20.40 -22.47 22.82
N GLN A 111 -20.29 -22.78 24.11
CA GLN A 111 -19.12 -23.43 24.69
C GLN A 111 -19.44 -24.82 25.23
N GLU A 112 -18.41 -25.47 25.76
CA GLU A 112 -18.59 -26.84 26.25
C GLU A 112 -19.68 -26.95 27.30
N SER A 113 -19.76 -25.96 28.22
CA SER A 113 -20.76 -26.02 29.23
C SER A 113 -22.19 -25.94 28.64
N ASP A 114 -22.34 -25.24 27.52
CA ASP A 114 -23.65 -25.21 26.84
C ASP A 114 -24.01 -26.55 26.22
N ILE A 115 -23.02 -27.26 25.67
CA ILE A 115 -23.21 -28.57 25.09
C ILE A 115 -23.60 -29.53 26.22
N VAL A 116 -22.88 -29.45 27.33
CA VAL A 116 -23.09 -30.45 28.42
C VAL A 116 -24.36 -30.19 29.22
N PHE A 117 -24.67 -28.94 29.52
CA PHE A 117 -25.79 -28.60 30.39
C PHE A 117 -26.93 -27.91 29.69
N GLY A 118 -26.77 -27.66 28.39
CA GLY A 118 -27.80 -26.93 27.61
C GLY A 118 -27.51 -25.46 27.47
N GLY A 119 -28.02 -24.88 26.37
CA GLY A 119 -27.67 -23.51 26.00
C GLY A 119 -28.82 -22.54 26.08
N VAL A 120 -29.97 -22.97 26.63
CA VAL A 120 -31.17 -22.13 26.64
C VAL A 120 -31.05 -20.86 27.50
N ASN A 121 -30.29 -20.90 28.58
CA ASN A 121 -30.14 -19.73 29.40
C ASN A 121 -29.30 -18.66 28.66
N LYS A 122 -28.21 -19.10 28.01
CA LYS A 122 -27.40 -18.20 27.20
C LYS A 122 -28.17 -17.63 26.01
N LEU A 123 -29.03 -18.43 25.39
CA LEU A 123 -29.85 -17.91 24.30
C LEU A 123 -30.82 -16.83 24.77
N LYS A 124 -31.54 -17.12 25.83
CA LYS A 124 -32.40 -16.13 26.46
C LYS A 124 -31.64 -14.83 26.73
N ASP A 125 -30.44 -14.93 27.29
CA ASP A 125 -29.70 -13.71 27.65
C ASP A 125 -29.29 -12.96 26.39
N ALA A 126 -28.91 -13.72 25.34
CA ALA A 126 -28.47 -13.10 24.07
C ALA A 126 -29.67 -12.36 23.40
N ILE A 127 -30.84 -12.98 23.40
CA ILE A 127 -32.04 -12.34 22.86
C ILE A 127 -32.33 -11.02 23.60
N HIS A 128 -32.30 -11.03 24.93
CA HIS A 128 -32.51 -9.81 25.67
C HIS A 128 -31.43 -8.74 25.43
N GLU A 129 -30.15 -9.15 25.37
CA GLU A 129 -29.08 -8.23 25.05
C GLU A 129 -29.29 -7.58 23.68
N ALA A 130 -29.68 -8.37 22.68
CA ALA A 130 -29.89 -7.86 21.31
C ALA A 130 -31.06 -6.91 21.30
N TYR A 131 -32.15 -7.26 22.00
CA TYR A 131 -33.28 -6.37 22.08
C TYR A 131 -32.90 -5.02 22.72
N GLU A 132 -32.23 -5.06 23.86
CA GLU A 132 -31.91 -3.83 24.62
C GLU A 132 -30.91 -2.96 23.85
N MET A 133 -29.94 -3.59 23.19
CA MET A 133 -28.94 -2.82 22.45
C MET A 133 -29.40 -2.27 21.12
N PHE A 134 -30.29 -2.98 20.42
CA PHE A 134 -30.59 -2.66 19.01
C PHE A 134 -32.02 -2.30 18.69
N HIS A 135 -32.94 -2.65 19.60
CA HIS A 135 -34.41 -2.51 19.37
C HIS A 135 -34.81 -2.74 17.93
N PRO A 136 -34.60 -3.96 17.45
CA PRO A 136 -34.93 -4.29 16.06
C PRO A 136 -36.40 -4.47 15.83
N ALA A 137 -36.79 -4.64 14.58
CA ALA A 137 -38.18 -4.94 14.29
C ALA A 137 -38.58 -6.36 14.78
N ALA A 138 -37.61 -7.27 14.82
CA ALA A 138 -37.83 -8.64 15.22
C ALA A 138 -36.46 -9.29 15.43
N ILE A 139 -36.48 -10.44 16.09
CA ILE A 139 -35.29 -11.26 16.30
C ILE A 139 -35.53 -12.65 15.75
N GLY A 140 -34.54 -13.17 15.04
CA GLY A 140 -34.56 -14.54 14.59
C GLY A 140 -33.56 -15.36 15.39
N VAL A 141 -33.93 -16.61 15.70
CA VAL A 141 -33.05 -17.56 16.36
C VAL A 141 -32.92 -18.80 15.48
N TYR A 142 -31.67 -19.11 15.12
CA TYR A 142 -31.41 -20.14 14.13
C TYR A 142 -30.62 -21.27 14.75
N ALA A 143 -31.18 -22.48 14.68
CA ALA A 143 -30.49 -23.70 15.15
C ALA A 143 -29.33 -24.08 14.28
N THR A 144 -28.36 -24.71 14.93
CA THR A 144 -27.22 -25.32 14.30
C THR A 144 -27.10 -26.77 14.76
N CYS A 145 -26.17 -27.50 14.17
CA CYS A 145 -25.95 -28.92 14.44
C CYS A 145 -26.25 -29.40 15.89
N PRO A 146 -25.68 -28.73 16.92
CA PRO A 146 -25.87 -29.33 18.26
C PRO A 146 -27.21 -29.11 18.96
N VAL A 147 -28.03 -28.20 18.46
CA VAL A 147 -29.09 -27.61 19.26
C VAL A 147 -30.16 -28.62 19.69
N GLY A 148 -30.63 -29.44 18.76
CA GLY A 148 -31.66 -30.44 19.12
C GLY A 148 -31.09 -31.51 20.01
N LEU A 149 -29.88 -31.96 19.67
CA LEU A 149 -29.21 -33.01 20.41
C LEU A 149 -28.93 -32.68 21.86
N ILE A 150 -28.61 -31.43 22.12
CA ILE A 150 -28.33 -31.04 23.52
C ILE A 150 -29.59 -30.71 24.31
N GLY A 151 -30.74 -30.83 23.66
CA GLY A 151 -32.06 -30.69 24.27
C GLY A 151 -32.59 -29.28 24.40
N ASP A 152 -32.08 -28.34 23.61
CA ASP A 152 -32.54 -26.95 23.71
C ASP A 152 -33.85 -26.75 22.94
N ASP A 153 -34.88 -26.30 23.63
CA ASP A 153 -36.19 -25.99 23.03
C ASP A 153 -36.27 -24.51 22.58
N ILE A 154 -35.73 -24.23 21.40
CA ILE A 154 -35.63 -22.82 21.00
C ILE A 154 -37.00 -22.17 20.70
N LEU A 155 -37.97 -22.99 20.30
CA LEU A 155 -39.33 -22.50 20.07
C LEU A 155 -39.90 -21.88 21.33
N ALA A 156 -39.77 -22.62 22.44
CA ALA A 156 -40.27 -22.11 23.72
C ALA A 156 -39.45 -20.94 24.25
N VAL A 157 -38.14 -20.97 24.09
CA VAL A 157 -37.33 -19.82 24.53
C VAL A 157 -37.76 -18.58 23.74
N ALA A 158 -37.96 -18.74 22.45
CA ALA A 158 -38.34 -17.59 21.61
C ALA A 158 -39.71 -17.03 22.04
N ALA A 159 -40.68 -17.91 22.28
CA ALA A 159 -42.02 -17.47 22.65
C ALA A 159 -42.01 -16.77 24.01
N THR A 160 -41.25 -17.28 24.96
CA THR A 160 -41.14 -16.62 26.26
C THR A 160 -40.52 -15.25 26.11
N ALA A 161 -39.48 -15.17 25.28
CA ALA A 161 -38.75 -13.93 25.14
C ALA A 161 -39.60 -12.88 24.43
N SER A 162 -40.31 -13.30 23.40
CA SER A 162 -41.17 -12.41 22.65
C SER A 162 -42.22 -11.77 23.56
N LYS A 163 -42.80 -12.58 24.43
CA LYS A 163 -43.83 -12.07 25.36
C LYS A 163 -43.26 -11.02 26.33
N GLU A 164 -42.05 -11.25 26.82
CA GLU A 164 -41.39 -10.30 27.68
C GLU A 164 -40.90 -9.01 27.01
N ILE A 165 -40.28 -9.10 25.83
CA ILE A 165 -39.74 -7.88 25.22
C ILE A 165 -40.70 -7.13 24.31
N GLY A 166 -41.78 -7.78 23.89
CA GLY A 166 -42.82 -7.13 23.12
C GLY A 166 -42.55 -6.96 21.65
N ILE A 167 -41.65 -7.76 21.08
CA ILE A 167 -41.51 -7.80 19.62
C ILE A 167 -41.48 -9.24 19.20
N PRO A 168 -41.66 -9.53 17.91
CA PRO A 168 -41.64 -10.91 17.50
C PRO A 168 -40.22 -11.54 17.59
N VAL A 169 -40.20 -12.79 18.03
CA VAL A 169 -39.00 -13.62 18.08
C VAL A 169 -39.34 -14.94 17.38
N HIS A 170 -38.64 -15.23 16.29
CA HIS A 170 -38.92 -16.36 15.45
C HIS A 170 -37.79 -17.37 15.54
N ALA A 171 -38.15 -18.59 15.91
CA ALA A 171 -37.22 -19.68 15.98
C ALA A 171 -37.27 -20.56 14.74
N PHE A 172 -36.10 -20.98 14.29
CA PHE A 172 -35.98 -21.81 13.11
C PHE A 172 -35.14 -23.03 13.41
N SER A 173 -35.75 -24.22 13.29
CA SER A 173 -35.05 -25.47 13.53
C SER A 173 -34.32 -25.98 12.31
N CYS A 174 -33.29 -25.24 11.92
CA CYS A 174 -32.54 -25.50 10.73
C CYS A 174 -31.17 -26.12 11.04
N GLU A 175 -31.13 -27.05 12.00
CA GLU A 175 -29.94 -27.83 12.25
C GLU A 175 -29.35 -28.32 10.93
N GLY A 176 -28.04 -28.22 10.81
CA GLY A 176 -27.37 -28.50 9.53
C GLY A 176 -27.54 -29.84 8.88
N TYR A 177 -27.75 -30.88 9.68
CA TYR A 177 -27.95 -32.20 9.14
C TYR A 177 -29.34 -32.47 8.61
N LYS A 178 -30.29 -31.56 8.82
CA LYS A 178 -31.65 -31.72 8.27
C LYS A 178 -31.67 -31.67 6.74
N GLY A 179 -32.48 -32.55 6.15
CA GLY A 179 -32.49 -32.62 4.71
C GLY A 179 -31.17 -33.14 4.17
N VAL A 180 -30.83 -32.72 2.95
CA VAL A 180 -29.68 -33.19 2.27
C VAL A 180 -28.87 -32.04 1.66
N SER A 181 -29.32 -30.81 1.91
CA SER A 181 -28.76 -29.65 1.22
C SER A 181 -29.35 -28.38 1.77
N GLN A 182 -28.97 -27.24 1.16
CA GLN A 182 -29.56 -25.96 1.51
C GLN A 182 -31.06 -25.92 1.36
N SER A 183 -31.60 -26.74 0.45
CA SER A 183 -33.04 -26.79 0.16
C SER A 183 -33.94 -26.98 1.39
N ALA A 184 -33.59 -27.90 2.28
CA ALA A 184 -34.37 -28.07 3.51
C ALA A 184 -34.47 -26.79 4.32
N GLY A 185 -33.38 -25.99 4.34
CA GLY A 185 -33.39 -24.73 5.03
C GLY A 185 -34.36 -23.72 4.40
N HIS A 186 -34.48 -23.72 3.06
CA HIS A 186 -35.47 -22.83 2.42
C HIS A 186 -36.86 -23.15 3.00
N HIS A 187 -37.15 -24.44 3.01
CA HIS A 187 -38.46 -24.91 3.41
C HIS A 187 -38.77 -24.51 4.83
N ILE A 188 -37.83 -24.73 5.71
CA ILE A 188 -37.97 -24.36 7.11
C ILE A 188 -38.21 -22.86 7.29
N ALA A 189 -37.45 -22.05 6.56
CA ALA A 189 -37.68 -20.63 6.58
C ALA A 189 -39.07 -20.24 6.05
N ASN A 190 -39.45 -20.82 4.90
CA ASN A 190 -40.74 -20.48 4.30
C ASN A 190 -41.89 -20.77 5.27
N ASN A 191 -41.79 -21.88 6.00
CA ASN A 191 -42.87 -22.24 6.93
C ASN A 191 -43.13 -21.16 7.95
N THR A 192 -42.07 -20.67 8.58
CA THR A 192 -42.22 -19.70 9.63
C THR A 192 -42.52 -18.29 9.07
N VAL A 193 -41.92 -17.95 7.94
CA VAL A 193 -42.28 -16.69 7.30
C VAL A 193 -43.80 -16.65 6.97
N MET A 194 -44.29 -17.72 6.36
CA MET A 194 -45.71 -17.74 5.95
C MET A 194 -46.64 -17.68 7.15
N THR A 195 -46.39 -18.51 8.15
CA THR A 195 -47.33 -18.62 9.27
C THR A 195 -47.26 -17.45 10.23
N ASP A 196 -46.06 -16.90 10.46
CA ASP A 196 -45.84 -15.92 11.54
C ASP A 196 -45.49 -14.49 11.13
N ILE A 197 -45.21 -14.25 9.86
CA ILE A 197 -44.86 -12.92 9.40
C ILE A 197 -45.84 -12.39 8.34
N ILE A 198 -45.97 -13.09 7.23
CA ILE A 198 -46.82 -12.66 6.09
C ILE A 198 -48.26 -12.52 6.55
N GLY A 199 -48.85 -11.35 6.30
CA GLY A 199 -50.25 -11.11 6.64
C GLY A 199 -50.50 -10.37 7.94
N LYS A 200 -49.45 -10.09 8.70
CA LYS A 200 -49.54 -9.43 9.99
C LYS A 200 -49.50 -7.90 9.91
N GLY A 201 -49.25 -7.37 8.72
CA GLY A 201 -49.20 -5.94 8.52
C GLY A 201 -50.58 -5.29 8.33
N ASN A 202 -50.63 -3.96 8.27
CA ASN A 202 -51.92 -3.27 7.98
C ASN A 202 -51.75 -2.08 7.03
N LYS A 203 -50.77 -2.14 6.13
CA LYS A 203 -50.67 -1.14 5.07
C LYS A 203 -51.81 -1.28 4.05
N GLU A 204 -52.22 -0.16 3.48
CA GLU A 204 -53.20 -0.21 2.40
C GLU A 204 -52.52 -0.58 1.07
N GLN A 205 -53.17 -1.44 0.30
CA GLN A 205 -52.68 -1.91 -0.97
C GLN A 205 -52.71 -0.81 -2.02
N LYS A 206 -51.66 -0.69 -2.83
CA LYS A 206 -51.67 0.29 -3.91
C LYS A 206 -52.00 -0.34 -5.25
N LYS A 207 -52.24 0.51 -6.24
CA LYS A 207 -52.50 0.09 -7.58
C LYS A 207 -51.27 -0.58 -8.22
N TYR A 208 -51.51 -1.58 -9.06
CA TYR A 208 -50.49 -2.26 -9.86
C TYR A 208 -49.39 -2.85 -8.97
N SER A 209 -49.81 -3.49 -7.88
CA SER A 209 -48.90 -3.99 -6.83
C SER A 209 -48.46 -5.41 -7.11
N ILE A 210 -47.13 -5.62 -7.09
CA ILE A 210 -46.54 -6.92 -7.38
C ILE A 210 -45.55 -7.18 -6.27
N ASN A 211 -45.28 -8.44 -6.01
CA ASN A 211 -44.14 -8.83 -5.18
C ASN A 211 -43.14 -9.55 -6.01
N VAL A 212 -41.86 -9.45 -5.67
CA VAL A 212 -40.87 -10.30 -6.29
C VAL A 212 -40.39 -11.31 -5.26
N LEU A 213 -40.65 -12.57 -5.55
CA LEU A 213 -40.44 -13.61 -4.54
C LEU A 213 -39.24 -14.40 -4.93
N GLY A 214 -38.36 -14.69 -3.95
CA GLY A 214 -37.21 -15.50 -4.29
C GLY A 214 -36.16 -14.70 -4.95
N GLU A 215 -35.94 -13.49 -4.43
CA GLU A 215 -35.01 -12.54 -5.04
C GLU A 215 -34.28 -11.86 -3.87
N TYR A 216 -32.95 -11.97 -3.86
CA TYR A 216 -32.17 -11.65 -2.64
C TYR A 216 -31.24 -10.48 -2.83
N ASN A 217 -31.42 -9.76 -3.94
CA ASN A 217 -30.67 -8.52 -4.18
C ASN A 217 -29.15 -8.72 -4.16
N ILE A 218 -28.71 -9.86 -4.70
CA ILE A 218 -27.28 -10.15 -4.81
C ILE A 218 -26.66 -9.14 -5.76
N GLY A 219 -25.67 -8.40 -5.23
CA GLY A 219 -24.94 -7.36 -5.97
C GLY A 219 -25.84 -6.29 -6.57
N GLY A 220 -27.01 -6.07 -5.98
CA GLY A 220 -27.90 -4.99 -6.45
C GLY A 220 -28.95 -5.40 -7.50
N ASP A 221 -29.06 -6.70 -7.76
CA ASP A 221 -30.04 -7.23 -8.75
C ASP A 221 -31.47 -6.71 -8.55
N ALA A 222 -31.95 -6.68 -7.32
CA ALA A 222 -33.33 -6.35 -7.09
C ALA A 222 -33.55 -4.85 -7.35
N TRP A 223 -32.57 -4.02 -7.00
CA TRP A 223 -32.65 -2.57 -7.29
C TRP A 223 -32.73 -2.31 -8.78
N GLU A 224 -31.99 -3.11 -9.53
CA GLU A 224 -32.04 -3.03 -10.98
C GLU A 224 -33.40 -3.46 -11.52
N MET A 225 -33.93 -4.58 -11.06
CA MET A 225 -35.30 -4.99 -11.46
C MET A 225 -36.31 -3.89 -11.07
N ASP A 226 -36.21 -3.39 -9.84
CA ASP A 226 -37.17 -2.38 -9.37
C ASP A 226 -37.12 -1.12 -10.26
N ARG A 227 -35.94 -0.75 -10.71
CA ARG A 227 -35.81 0.45 -11.53
C ARG A 227 -36.70 0.35 -12.80
N VAL A 228 -36.66 -0.80 -13.44
CA VAL A 228 -37.44 -1.08 -14.66
C VAL A 228 -38.93 -1.19 -14.36
N LEU A 229 -39.27 -1.94 -13.30
CA LEU A 229 -40.66 -2.15 -12.93
C LEU A 229 -41.33 -0.83 -12.57
N GLU A 230 -40.63 0.04 -11.82
CA GLU A 230 -41.19 1.33 -11.37
C GLU A 230 -41.35 2.30 -12.53
N LYS A 231 -40.46 2.20 -13.47
CA LYS A 231 -40.54 3.04 -14.64
C LYS A 231 -41.76 2.66 -15.48
N ILE A 232 -42.04 1.36 -15.62
CA ILE A 232 -43.24 0.94 -16.34
C ILE A 232 -44.47 1.44 -15.62
N GLY A 233 -44.46 1.38 -14.31
CA GLY A 233 -45.61 1.83 -13.53
C GLY A 233 -46.05 0.93 -12.39
N TYR A 234 -45.38 -0.19 -12.19
CA TYR A 234 -45.74 -1.07 -11.09
C TYR A 234 -45.32 -0.50 -9.77
N HIS A 235 -46.03 -0.92 -8.72
CA HIS A 235 -45.62 -0.62 -7.38
C HIS A 235 -45.05 -1.93 -6.82
N VAL A 236 -43.77 -1.91 -6.47
CA VAL A 236 -43.14 -3.09 -5.94
C VAL A 236 -43.39 -3.15 -4.44
N ASN A 237 -44.36 -3.95 -4.06
CA ASN A 237 -44.85 -4.03 -2.71
C ASN A 237 -43.80 -4.65 -1.77
N ALA A 238 -43.26 -5.78 -2.15
CA ALA A 238 -42.27 -6.49 -1.32
C ALA A 238 -41.37 -7.29 -2.20
N THR A 239 -40.10 -7.39 -1.81
CA THR A 239 -39.18 -8.30 -2.42
C THR A 239 -38.81 -9.29 -1.30
N LEU A 240 -39.11 -10.57 -1.46
CA LEU A 240 -38.73 -11.56 -0.44
C LEU A 240 -37.42 -12.23 -0.88
N THR A 241 -36.29 -11.87 -0.28
CA THR A 241 -36.19 -11.01 0.88
C THR A 241 -35.09 -9.96 0.66
N GLY A 242 -34.65 -9.77 -0.56
CA GLY A 242 -33.59 -8.83 -0.83
C GLY A 242 -33.92 -7.40 -0.48
N ASP A 243 -33.08 -6.78 0.33
CA ASP A 243 -33.24 -5.41 0.85
C ASP A 243 -34.55 -5.20 1.62
N ALA A 244 -35.13 -6.31 2.08
CA ALA A 244 -36.43 -6.25 2.77
C ALA A 244 -36.35 -5.73 4.19
N THR A 245 -37.34 -4.92 4.54
CA THR A 245 -37.68 -4.71 5.93
C THR A 245 -38.65 -5.82 6.42
N TYR A 246 -38.65 -6.05 7.71
CA TYR A 246 -39.54 -6.99 8.32
C TYR A 246 -40.99 -6.60 8.00
N GLU A 247 -41.27 -5.30 8.09
CA GLU A 247 -42.60 -4.78 7.83
C GLU A 247 -43.06 -4.99 6.38
N LYS A 248 -42.15 -4.89 5.42
CA LYS A 248 -42.51 -5.16 4.03
C LYS A 248 -42.86 -6.65 3.87
N VAL A 249 -42.17 -7.53 4.59
CA VAL A 249 -42.53 -8.94 4.53
C VAL A 249 -43.90 -9.18 5.18
N GLN A 250 -44.17 -8.50 6.29
CA GLN A 250 -45.49 -8.62 6.93
C GLN A 250 -46.62 -8.19 6.01
N ASN A 251 -46.35 -7.27 5.10
CA ASN A 251 -47.38 -6.78 4.15
C ASN A 251 -47.29 -7.41 2.76
N ALA A 252 -46.64 -8.57 2.64
CA ALA A 252 -46.51 -9.27 1.37
C ALA A 252 -47.88 -9.62 0.74
N ASP A 253 -48.91 -9.73 1.57
CA ASP A 253 -50.26 -10.04 1.05
C ASP A 253 -50.95 -8.87 0.33
N LYS A 254 -50.34 -7.69 0.36
CA LYS A 254 -50.90 -6.49 -0.24
C LYS A 254 -50.40 -6.32 -1.67
N ALA A 255 -50.60 -7.35 -2.47
CA ALA A 255 -50.17 -7.33 -3.85
C ALA A 255 -51.19 -8.10 -4.71
N ASP A 256 -51.18 -7.84 -6.03
CA ASP A 256 -52.07 -8.53 -6.94
C ASP A 256 -51.44 -9.67 -7.66
N LEU A 257 -50.11 -9.69 -7.70
CA LEU A 257 -49.43 -10.72 -8.48
C LEU A 257 -48.08 -10.98 -7.85
N ASN A 258 -47.73 -12.26 -7.67
CA ASN A 258 -46.40 -12.66 -7.19
C ASN A 258 -45.53 -13.10 -8.34
N LEU A 259 -44.35 -12.50 -8.47
CA LEU A 259 -43.41 -12.96 -9.46
C LEU A 259 -42.45 -13.86 -8.73
N VAL A 260 -42.17 -15.03 -9.28
CA VAL A 260 -41.33 -16.00 -8.62
C VAL A 260 -40.05 -16.13 -9.42
N GLN A 261 -38.98 -15.49 -8.90
CA GLN A 261 -37.70 -15.57 -9.54
C GLN A 261 -37.04 -16.93 -9.21
N CYS A 262 -36.71 -17.17 -7.95
CA CYS A 262 -36.15 -18.48 -7.57
C CYS A 262 -37.27 -19.42 -7.14
N HIS A 263 -37.66 -20.32 -8.03
CA HIS A 263 -38.68 -21.29 -7.69
C HIS A 263 -38.32 -22.23 -6.53
N ARG A 264 -37.09 -22.73 -6.50
CA ARG A 264 -36.66 -23.64 -5.48
C ARG A 264 -36.88 -23.08 -4.07
N SER A 265 -36.42 -21.86 -3.83
CA SER A 265 -36.33 -21.39 -2.48
C SER A 265 -37.63 -20.82 -1.98
N ILE A 266 -38.56 -20.44 -2.88
CA ILE A 266 -39.70 -19.65 -2.45
C ILE A 266 -41.04 -20.22 -2.91
N ASN A 267 -41.04 -21.38 -3.56
CA ASN A 267 -42.30 -21.89 -4.11
C ASN A 267 -43.34 -22.20 -3.04
N TYR A 268 -42.89 -22.60 -1.85
CA TYR A 268 -43.79 -22.87 -0.74
C TYR A 268 -44.67 -21.66 -0.41
N ILE A 269 -44.04 -20.49 -0.31
CA ILE A 269 -44.75 -19.26 0.01
C ILE A 269 -45.65 -18.87 -1.17
N ALA A 270 -45.14 -19.01 -2.38
CA ALA A 270 -45.98 -18.71 -3.57
C ALA A 270 -47.28 -19.54 -3.55
N GLU A 271 -47.16 -20.84 -3.30
CA GLU A 271 -48.35 -21.72 -3.33
C GLU A 271 -49.27 -21.36 -2.19
N MET A 272 -48.70 -21.11 -1.00
CA MET A 272 -49.50 -20.83 0.18
C MET A 272 -50.18 -19.47 0.12
N MET A 273 -49.56 -18.47 -0.49
CA MET A 273 -50.20 -17.19 -0.62
C MET A 273 -51.34 -17.29 -1.60
N GLU A 274 -51.21 -18.14 -2.63
CA GLU A 274 -52.33 -18.38 -3.54
C GLU A 274 -53.52 -19.08 -2.85
N THR A 275 -53.26 -20.11 -2.07
CA THR A 275 -54.31 -20.80 -1.30
C THR A 275 -54.93 -19.87 -0.29
N LYS A 276 -54.09 -19.15 0.45
CA LYS A 276 -54.61 -18.33 1.55
C LYS A 276 -55.23 -17.00 1.17
N TYR A 277 -54.64 -16.29 0.19
CA TYR A 277 -55.04 -14.92 -0.12
C TYR A 277 -55.63 -14.81 -1.51
N GLY A 278 -55.32 -15.79 -2.38
CA GLY A 278 -55.84 -15.85 -3.75
C GLY A 278 -54.94 -15.12 -4.73
N ILE A 279 -53.72 -14.84 -4.31
CA ILE A 279 -52.82 -14.06 -5.12
C ILE A 279 -52.13 -15.04 -6.01
N PRO A 280 -52.26 -14.83 -7.32
CA PRO A 280 -51.65 -15.77 -8.21
C PRO A 280 -50.18 -15.45 -8.41
N TRP A 281 -49.45 -16.36 -9.01
CA TRP A 281 -48.04 -16.14 -9.26
C TRP A 281 -47.66 -16.55 -10.67
N ILE A 282 -46.58 -15.95 -11.16
CA ILE A 282 -45.95 -16.39 -12.40
C ILE A 282 -44.45 -16.55 -12.21
N LYS A 283 -43.84 -17.40 -13.02
CA LYS A 283 -42.41 -17.53 -13.04
C LYS A 283 -41.86 -16.25 -13.63
N CYS A 284 -40.86 -15.69 -12.95
CA CYS A 284 -40.13 -14.44 -13.23
C CYS A 284 -38.75 -14.89 -13.71
N ASN A 285 -38.31 -14.45 -14.87
CA ASN A 285 -36.98 -14.81 -15.35
C ASN A 285 -36.20 -13.52 -15.69
N PHE A 286 -35.65 -12.82 -14.69
CA PHE A 286 -35.10 -11.46 -14.89
C PHE A 286 -33.62 -11.41 -15.29
N ILE A 287 -33.11 -12.51 -15.81
CA ILE A 287 -31.72 -12.62 -16.27
C ILE A 287 -31.72 -12.86 -17.77
N GLY A 288 -31.06 -11.98 -18.51
CA GLY A 288 -31.00 -12.11 -19.97
C GLY A 288 -32.13 -11.32 -20.64
N VAL A 289 -31.85 -10.77 -21.81
CA VAL A 289 -32.90 -9.99 -22.51
C VAL A 289 -34.18 -10.78 -22.75
N ASP A 290 -34.10 -12.00 -23.32
CA ASP A 290 -35.29 -12.79 -23.59
C ASP A 290 -36.11 -13.06 -22.37
N GLY A 291 -35.44 -13.44 -21.27
CA GLY A 291 -36.12 -13.70 -20.05
C GLY A 291 -36.87 -12.47 -19.51
N ILE A 292 -36.16 -11.34 -19.49
CA ILE A 292 -36.69 -10.11 -18.95
C ILE A 292 -37.93 -9.65 -19.76
N VAL A 293 -37.75 -9.65 -21.06
CA VAL A 293 -38.82 -9.26 -21.98
C VAL A 293 -40.05 -10.17 -21.82
N GLU A 294 -39.82 -11.48 -21.75
CA GLU A 294 -40.94 -12.40 -21.66
C GLU A 294 -41.63 -12.19 -20.33
N THR A 295 -40.87 -11.97 -19.25
CA THR A 295 -41.48 -11.70 -17.96
C THR A 295 -42.36 -10.44 -17.94
N LEU A 296 -41.86 -9.37 -18.53
CA LEU A 296 -42.58 -8.09 -18.53
C LEU A 296 -43.84 -8.24 -19.40
N ARG A 297 -43.73 -8.97 -20.49
CA ARG A 297 -44.91 -9.21 -21.33
C ARG A 297 -45.95 -10.06 -20.65
N ASP A 298 -45.52 -11.09 -19.91
CA ASP A 298 -46.44 -11.94 -19.18
C ASP A 298 -47.12 -11.15 -18.10
N MET A 299 -46.38 -10.29 -17.40
CA MET A 299 -46.97 -9.48 -16.34
C MET A 299 -48.03 -8.54 -16.92
N ALA A 300 -47.74 -7.97 -18.08
CA ALA A 300 -48.70 -7.03 -18.66
C ALA A 300 -50.00 -7.75 -19.02
N LYS A 301 -49.89 -8.96 -19.54
CA LYS A 301 -51.09 -9.74 -19.90
C LYS A 301 -51.94 -10.01 -18.67
N CYS A 302 -51.31 -10.28 -17.52
CA CYS A 302 -52.04 -10.54 -16.28
C CYS A 302 -52.86 -9.38 -15.79
N PHE A 303 -52.32 -8.16 -15.85
CA PHE A 303 -53.05 -6.98 -15.42
C PHE A 303 -54.01 -6.47 -16.50
N ASP A 304 -53.68 -6.71 -17.77
CA ASP A 304 -54.64 -6.48 -18.88
C ASP A 304 -55.10 -5.01 -18.86
N ASP A 305 -54.13 -4.11 -18.86
CA ASP A 305 -54.38 -2.68 -18.77
C ASP A 305 -53.73 -2.08 -20.00
N PRO A 306 -54.53 -1.45 -20.87
CA PRO A 306 -53.99 -0.89 -22.11
C PRO A 306 -52.75 0.03 -21.95
N GLU A 307 -52.82 0.97 -21.01
CA GLU A 307 -51.72 1.93 -20.82
C GLU A 307 -50.47 1.24 -20.22
N LEU A 308 -50.68 0.33 -19.28
CA LEU A 308 -49.58 -0.47 -18.72
C LEU A 308 -48.91 -1.28 -19.80
N THR A 309 -49.69 -1.88 -20.69
CA THR A 309 -49.13 -2.66 -21.78
C THR A 309 -48.31 -1.80 -22.73
N LYS A 310 -48.84 -0.62 -23.05
CA LYS A 310 -48.13 0.30 -23.93
C LYS A 310 -46.81 0.78 -23.32
N ARG A 311 -46.86 1.11 -22.03
CA ARG A 311 -45.66 1.56 -21.31
C ARG A 311 -44.61 0.46 -21.24
N THR A 312 -45.06 -0.77 -21.02
CA THR A 312 -44.20 -1.95 -21.03
C THR A 312 -43.42 -2.01 -22.34
N GLU A 313 -44.10 -1.91 -23.48
CA GLU A 313 -43.41 -1.90 -24.77
C GLU A 313 -42.49 -0.68 -24.98
N GLU A 314 -42.93 0.51 -24.60
CA GLU A 314 -42.04 1.67 -24.69
C GLU A 314 -40.77 1.48 -23.88
N VAL A 315 -40.92 0.94 -22.66
CA VAL A 315 -39.77 0.75 -21.78
C VAL A 315 -38.82 -0.30 -22.34
N ILE A 316 -39.37 -1.40 -22.80
CA ILE A 316 -38.55 -2.47 -23.38
C ILE A 316 -37.74 -1.93 -24.56
N ALA A 317 -38.40 -1.23 -25.48
CA ALA A 317 -37.70 -0.73 -26.64
C ALA A 317 -36.57 0.20 -26.29
N GLU A 318 -36.77 1.10 -25.33
CA GLU A 318 -35.70 2.02 -24.96
C GLU A 318 -34.59 1.36 -24.18
N GLU A 319 -34.91 0.41 -23.31
CA GLU A 319 -33.82 -0.25 -22.56
C GLU A 319 -32.94 -1.06 -23.49
N ILE A 320 -33.54 -1.76 -24.45
CA ILE A 320 -32.78 -2.58 -25.39
C ILE A 320 -31.98 -1.67 -26.32
N ALA A 321 -32.60 -0.60 -26.81
CA ALA A 321 -31.84 0.32 -27.66
C ALA A 321 -30.61 0.87 -26.93
N ALA A 322 -30.69 1.14 -25.62
CA ALA A 322 -29.54 1.71 -24.91
C ALA A 322 -28.38 0.73 -24.75
N ILE A 323 -28.65 -0.57 -24.85
CA ILE A 323 -27.59 -1.56 -24.68
C ILE A 323 -27.25 -2.35 -25.96
N GLN A 324 -27.91 -2.07 -27.07
CA GLN A 324 -27.77 -2.92 -28.27
C GLN A 324 -26.34 -2.97 -28.77
N ASP A 325 -25.63 -1.85 -28.70
CA ASP A 325 -24.26 -1.83 -29.16
C ASP A 325 -23.36 -2.73 -28.29
N ASP A 326 -23.59 -2.74 -26.98
CA ASP A 326 -22.88 -3.67 -26.10
C ASP A 326 -23.23 -5.13 -26.48
N LEU A 327 -24.50 -5.42 -26.66
CA LEU A 327 -24.93 -6.78 -27.01
C LEU A 327 -24.25 -7.28 -28.29
N ASP A 328 -24.14 -6.39 -29.28
CA ASP A 328 -23.49 -6.71 -30.55
C ASP A 328 -22.03 -7.02 -30.35
N TYR A 329 -21.37 -6.21 -29.50
CA TYR A 329 -19.97 -6.45 -29.15
C TYR A 329 -19.74 -7.82 -28.43
N PHE A 330 -20.63 -8.16 -27.50
CA PHE A 330 -20.45 -9.42 -26.78
C PHE A 330 -20.55 -10.58 -27.77
N LYS A 331 -21.52 -10.51 -28.68
CA LYS A 331 -21.67 -11.59 -29.67
C LYS A 331 -20.45 -11.67 -30.59
N GLU A 332 -19.96 -10.54 -31.07
CA GLU A 332 -18.76 -10.53 -31.89
C GLU A 332 -17.56 -11.16 -31.19
N LYS A 333 -17.41 -10.91 -29.90
CA LYS A 333 -16.24 -11.35 -29.14
C LYS A 333 -16.34 -12.79 -28.59
N LEU A 334 -17.56 -13.27 -28.40
CA LEU A 334 -17.82 -14.56 -27.72
C LEU A 334 -18.38 -15.69 -28.60
N GLN A 335 -18.93 -15.36 -29.76
CA GLN A 335 -19.72 -16.38 -30.47
C GLN A 335 -18.82 -17.52 -30.85
N GLY A 336 -19.36 -18.72 -30.77
CA GLY A 336 -18.65 -19.91 -31.18
C GLY A 336 -17.97 -20.60 -29.99
N LYS A 337 -17.89 -19.91 -28.85
CA LYS A 337 -17.30 -20.50 -27.65
C LYS A 337 -18.31 -21.35 -26.91
N THR A 338 -17.81 -22.25 -26.06
CA THR A 338 -18.65 -23.19 -25.36
C THR A 338 -18.51 -22.97 -23.84
N ALA A 339 -19.58 -23.29 -23.15
CA ALA A 339 -19.69 -23.13 -21.70
C ALA A 339 -20.27 -24.37 -21.05
N CYS A 340 -19.90 -24.55 -19.79
CA CYS A 340 -20.65 -25.36 -18.85
C CYS A 340 -21.06 -24.49 -17.64
N LEU A 341 -22.13 -24.87 -16.99
CA LEU A 341 -22.62 -24.10 -15.84
C LEU A 341 -22.91 -25.00 -14.66
N TYR A 342 -22.58 -24.56 -13.45
CA TYR A 342 -22.84 -25.33 -12.24
C TYR A 342 -23.35 -24.35 -11.21
N VAL A 343 -24.64 -24.40 -10.90
CA VAL A 343 -25.15 -23.56 -9.84
C VAL A 343 -25.83 -24.35 -8.75
N GLY A 344 -26.49 -23.62 -7.86
CA GLY A 344 -27.14 -24.23 -6.74
C GLY A 344 -28.43 -24.92 -7.09
N GLY A 345 -29.48 -24.10 -7.24
CA GLY A 345 -30.79 -24.64 -7.44
C GLY A 345 -31.64 -23.93 -8.45
N SER A 346 -31.07 -22.91 -9.11
N SER A 346 -31.17 -22.87 -9.08
CA SER A 346 -31.78 -22.03 -10.06
CA SER A 346 -32.03 -22.11 -9.96
C SER A 346 -30.88 -21.33 -11.13
C SER A 346 -31.17 -21.47 -11.06
N ARG A 347 -29.73 -20.82 -10.75
N ARG A 347 -31.80 -20.83 -12.00
CA ARG A 347 -28.98 -19.98 -11.72
CA ARG A 347 -31.17 -19.97 -12.97
C ARG A 347 -28.35 -20.70 -12.90
C ARG A 347 -30.44 -20.51 -14.11
N SER A 348 -28.38 -22.01 -12.88
N SER A 348 -30.27 -21.79 -14.12
CA SER A 348 -27.82 -22.81 -13.95
CA SER A 348 -29.42 -22.39 -15.14
C SER A 348 -28.77 -22.71 -15.12
C SER A 348 -29.88 -22.06 -16.57
N HIS A 349 -30.01 -22.41 -14.79
N HIS A 349 -31.18 -22.15 -16.81
CA HIS A 349 -31.06 -22.31 -15.78
CA HIS A 349 -31.64 -21.92 -18.18
C HIS A 349 -31.25 -20.83 -16.21
C HIS A 349 -31.51 -20.47 -18.60
N THR A 350 -31.31 -19.92 -15.24
N THR A 350 -31.83 -19.52 -17.72
CA THR A 350 -31.75 -18.55 -15.51
CA THR A 350 -31.67 -18.11 -18.08
C THR A 350 -30.72 -17.75 -16.32
C THR A 350 -30.21 -17.79 -18.43
N TYR A 351 -29.48 -18.24 -16.40
N TYR A 351 -29.24 -18.36 -17.72
CA TYR A 351 -28.42 -17.56 -17.16
CA TYR A 351 -27.83 -18.15 -18.08
C TYR A 351 -28.30 -18.06 -18.58
C TYR A 351 -27.45 -18.81 -19.41
N MET A 352 -29.04 -19.11 -18.92
N MET A 352 -27.93 -20.01 -19.64
CA MET A 352 -28.86 -19.74 -20.21
CA MET A 352 -27.72 -20.63 -20.92
C MET A 352 -29.34 -18.90 -21.41
C MET A 352 -28.26 -19.72 -22.02
N ASN A 353 -30.47 -18.21 -21.27
N ASN A 353 -29.41 -19.11 -21.76
CA ASN A 353 -30.99 -17.42 -22.40
CA ASN A 353 -30.06 -18.28 -22.75
C ASN A 353 -29.95 -16.39 -22.78
C ASN A 353 -29.36 -16.92 -22.93
N MET A 354 -29.06 -16.15 -21.85
CA MET A 354 -28.17 -15.00 -21.99
C MET A 354 -26.88 -15.41 -22.72
N LEU A 355 -26.25 -16.51 -22.32
CA LEU A 355 -25.06 -17.00 -23.07
C LEU A 355 -25.39 -17.28 -24.54
N LYS A 356 -26.52 -17.92 -24.79
CA LYS A 356 -26.92 -18.22 -26.17
C LYS A 356 -27.08 -16.92 -27.01
N SER A 357 -27.61 -15.86 -26.39
N SER A 357 -27.58 -15.85 -26.39
CA SER A 357 -27.72 -14.56 -27.07
CA SER A 357 -27.71 -14.53 -27.07
C SER A 357 -26.36 -14.03 -27.55
C SER A 357 -26.37 -13.90 -27.46
N PHE A 358 -25.30 -14.31 -26.77
CA PHE A 358 -23.94 -13.96 -27.14
C PHE A 358 -23.28 -14.95 -28.12
N GLY A 359 -23.99 -15.99 -28.53
CA GLY A 359 -23.44 -17.00 -29.43
C GLY A 359 -22.66 -18.10 -28.76
N VAL A 360 -22.83 -18.18 -27.44
CA VAL A 360 -22.12 -19.15 -26.61
C VAL A 360 -23.01 -20.36 -26.40
N ASP A 361 -22.50 -21.53 -26.72
CA ASP A 361 -23.24 -22.75 -26.58
C ASP A 361 -22.97 -23.44 -25.23
N SER A 362 -24.03 -23.75 -24.47
CA SER A 362 -23.91 -24.39 -23.18
C SER A 362 -24.12 -25.92 -23.32
N LEU A 363 -23.08 -26.67 -23.01
CA LEU A 363 -23.07 -28.15 -23.22
C LEU A 363 -23.50 -28.96 -21.99
N VAL A 364 -23.06 -28.54 -20.81
CA VAL A 364 -23.37 -29.24 -19.54
C VAL A 364 -23.93 -28.28 -18.51
N ALA A 365 -25.02 -28.65 -17.86
CA ALA A 365 -25.56 -27.90 -16.73
C ALA A 365 -25.67 -28.79 -15.51
N GLY A 366 -25.07 -28.33 -14.42
CA GLY A 366 -25.05 -29.08 -13.18
C GLY A 366 -25.81 -28.28 -12.14
N PHE A 367 -26.28 -28.96 -11.11
CA PHE A 367 -27.01 -28.33 -10.02
C PHE A 367 -26.50 -28.97 -8.71
N GLU A 368 -26.36 -28.21 -7.64
CA GLU A 368 -26.08 -28.83 -6.35
C GLU A 368 -27.31 -29.55 -5.79
N PHE A 369 -28.48 -28.89 -5.78
CA PHE A 369 -29.58 -29.32 -4.88
C PHE A 369 -31.01 -29.12 -5.40
N ALA A 370 -31.18 -28.76 -6.68
CA ALA A 370 -32.51 -28.65 -7.25
C ALA A 370 -33.31 -29.95 -7.08
N HIS A 371 -34.62 -29.83 -7.03
CA HIS A 371 -35.49 -31.01 -6.98
C HIS A 371 -35.95 -31.42 -8.41
N ARG A 372 -36.63 -32.56 -8.53
CA ARG A 372 -37.19 -32.97 -9.82
C ARG A 372 -38.13 -31.90 -10.43
N ASP A 373 -38.94 -31.23 -9.61
CA ASP A 373 -39.83 -30.14 -10.09
C ASP A 373 -39.10 -28.95 -10.72
N ASP A 374 -37.83 -28.74 -10.37
CA ASP A 374 -36.98 -27.71 -11.00
C ASP A 374 -36.39 -28.19 -12.31
N TYR A 375 -36.11 -29.48 -12.39
CA TYR A 375 -35.50 -30.02 -13.60
C TYR A 375 -36.64 -30.26 -14.64
N GLU A 376 -37.71 -30.92 -14.20
CA GLU A 376 -38.76 -31.44 -15.10
C GLU A 376 -39.97 -30.49 -15.11
N GLY A 377 -40.75 -30.49 -14.03
CA GLY A 377 -41.77 -29.46 -13.81
C GLY A 377 -42.63 -29.77 -12.62
N ARG A 378 -43.53 -28.85 -12.27
CA ARG A 378 -44.40 -29.06 -11.10
C ARG A 378 -45.52 -30.09 -11.31
N GLU A 379 -45.75 -30.51 -12.55
CA GLU A 379 -46.67 -31.63 -12.81
C GLU A 379 -46.23 -32.92 -12.08
N VAL A 380 -44.94 -33.07 -11.88
CA VAL A 380 -44.41 -34.28 -11.26
C VAL A 380 -44.48 -34.42 -9.75
N ILE A 381 -44.88 -33.36 -9.08
CA ILE A 381 -44.95 -33.35 -7.63
C ILE A 381 -45.72 -34.53 -7.00
N PRO A 382 -46.87 -34.90 -7.59
CA PRO A 382 -47.64 -36.03 -7.12
C PRO A 382 -46.92 -37.36 -7.39
N THR A 383 -46.03 -37.40 -8.36
CA THR A 383 -45.23 -38.60 -8.68
C THR A 383 -43.88 -38.66 -7.90
N ILE A 384 -43.66 -37.71 -6.99
CA ILE A 384 -42.39 -37.60 -6.25
C ILE A 384 -42.43 -38.39 -4.93
N LYS A 385 -41.50 -39.28 -4.76
CA LYS A 385 -41.45 -40.03 -3.53
C LYS A 385 -40.67 -39.28 -2.44
N ILE A 386 -41.33 -39.04 -1.32
CA ILE A 386 -40.77 -38.40 -0.15
C ILE A 386 -39.68 -39.27 0.42
N ASP A 387 -38.46 -38.78 0.53
CA ASP A 387 -37.47 -39.69 1.08
C ASP A 387 -37.15 -39.47 2.53
N ALA A 388 -36.63 -40.50 3.15
CA ALA A 388 -36.37 -40.49 4.57
C ALA A 388 -35.61 -39.31 5.08
N ASP A 389 -34.63 -38.85 4.36
CA ASP A 389 -33.85 -37.76 5.00
C ASP A 389 -34.50 -36.35 5.02
N SER A 390 -35.56 -36.16 4.23
CA SER A 390 -36.30 -34.87 4.19
C SER A 390 -37.78 -35.02 4.62
N LYS A 391 -38.18 -36.24 4.98
CA LYS A 391 -39.55 -36.49 5.44
C LYS A 391 -39.90 -35.79 6.77
N ASN A 392 -38.89 -35.48 7.61
CA ASN A 392 -39.15 -34.82 8.91
C ASN A 392 -39.21 -33.30 8.85
N ILE A 393 -39.02 -32.73 7.66
CA ILE A 393 -39.30 -31.30 7.46
C ILE A 393 -40.83 -31.08 7.47
N PRO A 394 -41.33 -30.26 8.40
CA PRO A 394 -42.77 -30.12 8.49
C PRO A 394 -43.39 -29.58 7.20
N GLU A 395 -44.53 -30.15 6.84
CA GLU A 395 -45.38 -29.67 5.75
C GLU A 395 -46.49 -28.81 6.34
N ILE A 396 -46.60 -27.57 5.91
CA ILE A 396 -47.58 -26.65 6.46
C ILE A 396 -48.77 -26.62 5.49
N THR A 397 -49.97 -26.57 6.03
CA THR A 397 -51.19 -26.47 5.21
C THR A 397 -51.88 -25.16 5.60
N VAL A 398 -52.27 -24.36 4.61
CA VAL A 398 -53.00 -23.13 4.91
C VAL A 398 -54.41 -23.28 4.33
N THR A 399 -55.35 -22.46 4.80
CA THR A 399 -56.69 -22.43 4.19
C THR A 399 -57.05 -20.98 3.88
N PRO A 400 -58.03 -20.76 2.99
CA PRO A 400 -58.38 -19.36 2.68
C PRO A 400 -58.61 -18.52 3.94
N ASP A 401 -57.99 -17.34 4.00
CA ASP A 401 -58.30 -16.37 5.03
C ASP A 401 -59.69 -15.76 4.67
N GLU A 402 -60.72 -16.07 5.44
CA GLU A 402 -62.10 -15.62 5.10
C GLU A 402 -62.19 -14.11 4.97
N GLN A 403 -61.43 -13.40 5.79
CA GLN A 403 -61.43 -11.93 5.81
C GLN A 403 -60.64 -11.29 4.63
N LYS A 404 -59.53 -11.93 4.22
CA LYS A 404 -58.62 -11.32 3.24
C LYS A 404 -58.61 -11.99 1.85
N TYR A 405 -59.17 -13.19 1.71
CA TYR A 405 -59.11 -13.90 0.42
C TYR A 405 -59.90 -13.13 -0.64
N ARG A 406 -59.38 -13.09 -1.85
CA ARG A 406 -60.10 -12.43 -2.95
C ARG A 406 -59.72 -13.09 -4.25
N VAL A 407 -60.64 -13.01 -5.21
CA VAL A 407 -60.41 -13.56 -6.52
C VAL A 407 -59.71 -12.44 -7.28
N VAL A 408 -58.41 -12.59 -7.53
CA VAL A 408 -57.67 -11.54 -8.20
C VAL A 408 -57.87 -11.58 -9.71
N ILE A 409 -57.69 -12.76 -10.29
CA ILE A 409 -57.94 -12.98 -11.69
C ILE A 409 -59.01 -14.07 -11.75
N PRO A 410 -60.24 -13.72 -12.15
CA PRO A 410 -61.32 -14.72 -12.13
C PRO A 410 -61.05 -15.85 -13.13
N GLU A 411 -61.70 -17.00 -12.94
CA GLU A 411 -61.38 -18.22 -13.70
C GLU A 411 -61.44 -18.14 -15.24
N ASP A 412 -62.36 -17.34 -15.81
CA ASP A 412 -62.37 -17.15 -17.26
C ASP A 412 -60.99 -16.71 -17.70
N LYS A 413 -60.54 -15.61 -17.12
CA LYS A 413 -59.28 -14.98 -17.49
C LYS A 413 -58.07 -15.92 -17.30
N VAL A 414 -58.03 -16.71 -16.22
CA VAL A 414 -56.89 -17.64 -15.99
C VAL A 414 -56.73 -18.63 -17.14
N GLU A 415 -57.85 -19.26 -17.52
CA GLU A 415 -57.89 -20.17 -18.66
C GLU A 415 -57.39 -19.45 -19.92
N GLU A 416 -58.03 -18.32 -20.20
CA GLU A 416 -57.65 -17.49 -21.35
C GLU A 416 -56.14 -17.18 -21.35
N LEU A 417 -55.60 -16.78 -20.18
CA LEU A 417 -54.16 -16.49 -20.10
C LEU A 417 -53.28 -17.71 -20.31
N LYS A 418 -53.68 -18.86 -19.75
CA LYS A 418 -52.91 -20.08 -19.91
C LYS A 418 -52.84 -20.45 -21.39
N LYS A 419 -53.98 -20.36 -22.07
CA LYS A 419 -54.02 -20.59 -23.51
C LYS A 419 -53.04 -19.68 -24.24
N ALA A 420 -53.02 -18.41 -23.85
CA ALA A 420 -52.14 -17.42 -24.45
C ALA A 420 -50.65 -17.66 -24.22
N GLY A 421 -50.29 -18.68 -23.44
CA GLY A 421 -48.88 -18.96 -23.13
C GLY A 421 -48.38 -18.30 -21.84
N VAL A 422 -49.30 -17.80 -21.02
CA VAL A 422 -48.91 -17.23 -19.74
C VAL A 422 -49.08 -18.34 -18.72
N PRO A 423 -47.97 -18.87 -18.22
CA PRO A 423 -48.07 -19.93 -17.26
C PRO A 423 -48.41 -19.33 -15.88
N LEU A 424 -49.70 -19.22 -15.60
CA LEU A 424 -50.14 -18.75 -14.32
C LEU A 424 -50.06 -19.87 -13.27
N SER A 425 -49.51 -19.49 -12.11
CA SER A 425 -49.43 -20.35 -10.91
C SER A 425 -48.97 -21.75 -11.24
N SER A 426 -47.97 -21.86 -12.11
CA SER A 426 -47.42 -23.12 -12.58
C SER A 426 -45.98 -22.89 -13.01
N TYR A 427 -45.24 -23.98 -13.19
CA TYR A 427 -43.85 -23.87 -13.66
C TYR A 427 -43.33 -25.16 -14.35
N GLY A 428 -42.63 -25.01 -15.48
CA GLY A 428 -41.93 -26.12 -16.18
C GLY A 428 -40.56 -26.46 -15.58
N GLY A 429 -39.45 -26.18 -16.27
CA GLY A 429 -38.14 -26.48 -15.69
C GLY A 429 -36.91 -26.19 -16.52
N MET A 430 -35.73 -26.37 -15.93
CA MET A 430 -34.49 -26.10 -16.67
C MET A 430 -34.52 -26.95 -17.93
N MET A 431 -34.97 -28.20 -17.80
CA MET A 431 -34.97 -29.11 -18.94
C MET A 431 -35.93 -28.66 -20.02
N LYS A 432 -37.20 -28.49 -19.67
CA LYS A 432 -38.25 -28.23 -20.67
C LYS A 432 -37.98 -27.01 -21.60
N GLU A 433 -37.02 -26.15 -21.26
CA GLU A 433 -36.65 -24.99 -22.09
C GLU A 433 -35.21 -25.06 -22.63
N MET A 434 -34.44 -26.06 -22.22
CA MET A 434 -33.09 -26.26 -22.74
C MET A 434 -33.11 -26.88 -24.11
N HIS A 435 -32.06 -26.62 -24.89
CA HIS A 435 -31.98 -27.19 -26.24
C HIS A 435 -31.76 -28.69 -26.12
N ASP A 436 -32.03 -29.40 -27.22
CA ASP A 436 -31.75 -30.85 -27.36
C ASP A 436 -30.25 -31.07 -27.29
N GLY A 437 -29.82 -32.15 -26.64
CA GLY A 437 -28.38 -32.48 -26.49
C GLY A 437 -27.78 -32.09 -25.13
N THR A 438 -28.42 -31.16 -24.41
CA THR A 438 -27.91 -30.67 -23.13
C THR A 438 -27.73 -31.83 -22.13
N ILE A 439 -26.56 -31.94 -21.51
CA ILE A 439 -26.37 -32.97 -20.44
C ILE A 439 -26.52 -32.33 -19.06
N LEU A 440 -27.30 -32.98 -18.19
CA LEU A 440 -27.62 -32.44 -16.87
C LEU A 440 -27.06 -33.34 -15.80
N ILE A 441 -26.42 -32.74 -14.80
CA ILE A 441 -25.81 -33.53 -13.74
C ILE A 441 -26.28 -32.99 -12.41
N ASP A 442 -27.08 -33.78 -11.70
CA ASP A 442 -27.49 -33.44 -10.36
C ASP A 442 -26.42 -33.84 -9.32
N ASP A 443 -26.22 -32.92 -8.35
CA ASP A 443 -25.18 -33.05 -7.31
C ASP A 443 -23.83 -33.38 -7.93
N MET A 444 -23.40 -32.54 -8.88
CA MET A 444 -22.13 -32.73 -9.55
C MET A 444 -21.01 -32.66 -8.52
N ASN A 445 -20.01 -33.51 -8.65
CA ASN A 445 -18.91 -33.54 -7.74
C ASN A 445 -17.62 -33.27 -8.48
N HIS A 446 -16.52 -33.22 -7.74
CA HIS A 446 -15.24 -32.85 -8.32
C HIS A 446 -14.85 -33.82 -9.43
N HIS A 447 -15.00 -35.10 -9.14
CA HIS A 447 -14.72 -36.12 -10.17
C HIS A 447 -15.52 -35.84 -11.48
N ASP A 448 -16.83 -35.61 -11.37
CA ASP A 448 -17.67 -35.42 -12.54
C ASP A 448 -17.18 -34.19 -13.29
N MET A 449 -16.88 -33.14 -12.53
CA MET A 449 -16.51 -31.87 -13.14
C MET A 449 -15.27 -32.02 -14.00
N GLU A 450 -14.29 -32.73 -13.47
CA GLU A 450 -13.02 -32.92 -14.10
C GLU A 450 -13.11 -33.83 -15.35
N VAL A 451 -14.02 -34.79 -15.32
CA VAL A 451 -14.26 -35.55 -16.55
C VAL A 451 -14.82 -34.65 -17.62
N VAL A 452 -15.79 -33.81 -17.25
CA VAL A 452 -16.41 -32.91 -18.19
C VAL A 452 -15.34 -32.00 -18.78
N LEU A 453 -14.49 -31.40 -17.94
CA LEU A 453 -13.45 -30.51 -18.41
C LEU A 453 -12.46 -31.17 -19.36
N GLU A 454 -12.02 -32.39 -19.05
CA GLU A 454 -11.07 -33.09 -19.91
C GLU A 454 -11.73 -33.55 -21.25
N LYS A 455 -12.98 -33.98 -21.23
CA LYS A 455 -13.60 -34.55 -22.43
C LYS A 455 -14.20 -33.49 -23.34
N LEU A 456 -14.85 -32.48 -22.78
CA LEU A 456 -15.50 -31.43 -23.61
C LEU A 456 -14.65 -30.21 -23.88
N LYS A 457 -13.64 -29.97 -23.04
CA LYS A 457 -12.72 -28.83 -23.22
C LYS A 457 -13.48 -27.52 -23.45
N PRO A 458 -14.36 -27.16 -22.53
CA PRO A 458 -15.17 -25.95 -22.73
C PRO A 458 -14.29 -24.72 -22.62
N ASP A 459 -14.69 -23.62 -23.26
CA ASP A 459 -13.94 -22.38 -23.15
C ASP A 459 -14.12 -21.73 -21.75
N MET A 460 -15.22 -22.05 -21.10
CA MET A 460 -15.56 -21.41 -19.84
C MET A 460 -16.43 -22.32 -19.01
N PHE A 461 -16.30 -22.26 -17.69
CA PHE A 461 -17.10 -23.15 -16.84
C PHE A 461 -17.51 -22.32 -15.65
N PHE A 462 -18.78 -21.90 -15.62
CA PHE A 462 -19.33 -21.07 -14.58
C PHE A 462 -19.65 -21.88 -13.33
N ALA A 463 -19.30 -21.38 -12.15
CA ALA A 463 -19.52 -22.14 -10.97
C ALA A 463 -19.50 -21.24 -9.71
N GLY A 464 -18.90 -21.73 -8.64
CA GLY A 464 -18.79 -20.97 -7.39
C GLY A 464 -17.34 -20.90 -6.95
N ILE A 465 -17.12 -20.43 -5.74
CA ILE A 465 -15.80 -20.12 -5.23
C ILE A 465 -14.93 -21.38 -5.01
N LYS A 466 -15.55 -22.52 -4.70
CA LYS A 466 -14.80 -23.74 -4.39
C LYS A 466 -14.23 -24.32 -5.70
N GLU A 467 -14.96 -24.09 -6.81
CA GLU A 467 -14.55 -24.63 -8.10
C GLU A 467 -13.75 -23.64 -8.94
N LYS A 468 -13.95 -22.33 -8.73
CA LYS A 468 -13.36 -21.33 -9.62
C LYS A 468 -11.87 -21.61 -9.88
N PHE A 469 -11.08 -21.75 -8.83
CA PHE A 469 -9.64 -21.80 -8.98
C PHE A 469 -9.17 -23.17 -9.47
N VAL A 470 -9.93 -24.22 -9.13
CA VAL A 470 -9.69 -25.54 -9.71
C VAL A 470 -9.78 -25.49 -11.24
N ILE A 471 -10.86 -24.90 -11.73
CA ILE A 471 -11.08 -24.75 -13.17
C ILE A 471 -10.00 -23.88 -13.80
N GLN A 472 -9.70 -22.73 -13.18
CA GLN A 472 -8.73 -21.82 -13.74
C GLN A 472 -7.27 -22.30 -13.71
N LYS A 473 -6.90 -23.14 -12.75
CA LYS A 473 -5.58 -23.76 -12.72
C LYS A 473 -5.38 -24.60 -14.02
N GLY A 474 -6.50 -25.05 -14.62
CA GLY A 474 -6.49 -25.83 -15.87
C GLY A 474 -6.53 -24.99 -17.16
N GLY A 475 -6.42 -23.69 -17.02
CA GLY A 475 -6.43 -22.74 -18.15
C GLY A 475 -7.79 -22.41 -18.70
N VAL A 476 -8.85 -22.66 -17.92
CA VAL A 476 -10.20 -22.43 -18.38
C VAL A 476 -10.80 -21.35 -17.53
N LEU A 477 -11.50 -20.39 -18.15
CA LEU A 477 -12.13 -19.30 -17.39
C LEU A 477 -13.31 -19.79 -16.57
N SER A 478 -13.37 -19.33 -15.32
CA SER A 478 -14.51 -19.63 -14.46
C SER A 478 -14.98 -18.39 -13.79
N LYS A 479 -16.05 -17.83 -14.31
CA LYS A 479 -16.72 -16.73 -13.63
C LYS A 479 -17.75 -17.27 -12.67
N GLN A 480 -17.80 -16.66 -11.48
CA GLN A 480 -18.72 -17.08 -10.43
C GLN A 480 -20.17 -16.66 -10.66
N LEU A 481 -21.09 -17.61 -10.58
CA LEU A 481 -22.50 -17.29 -10.71
C LEU A 481 -23.21 -17.06 -9.39
N HIS A 482 -22.55 -17.26 -8.25
CA HIS A 482 -23.19 -16.88 -6.98
C HIS A 482 -22.76 -15.45 -6.58
N SER A 483 -21.46 -15.26 -6.34
CA SER A 483 -20.96 -13.95 -5.86
C SER A 483 -20.83 -12.93 -7.00
N TYR A 484 -20.99 -13.38 -8.24
CA TYR A 484 -20.76 -12.52 -9.41
C TYR A 484 -19.35 -11.93 -9.46
N ASP A 485 -18.37 -12.60 -8.83
CA ASP A 485 -17.01 -12.07 -8.71
C ASP A 485 -16.99 -10.63 -8.16
N TYR A 486 -17.91 -10.35 -7.24
CA TYR A 486 -17.85 -9.15 -6.43
C TYR A 486 -18.27 -7.93 -7.23
N ASN A 487 -19.13 -8.16 -8.25
CA ASN A 487 -19.65 -7.15 -9.13
C ASN A 487 -21.18 -7.26 -9.15
N GLY A 488 -21.76 -6.77 -10.22
CA GLY A 488 -23.22 -6.83 -10.37
C GLY A 488 -23.84 -5.46 -10.45
N PRO A 489 -25.13 -5.38 -10.67
CA PRO A 489 -26.02 -6.52 -10.84
C PRO A 489 -25.76 -7.30 -12.14
N TYR A 490 -26.14 -8.58 -12.15
CA TYR A 490 -26.23 -9.38 -13.39
C TYR A 490 -27.67 -9.52 -13.88
N ALA A 491 -28.64 -9.20 -13.04
CA ALA A 491 -30.03 -9.17 -13.42
C ALA A 491 -30.42 -7.86 -14.09
N GLY A 492 -31.52 -7.93 -14.84
CA GLY A 492 -32.01 -6.74 -15.53
C GLY A 492 -31.25 -6.40 -16.80
N PHE A 493 -31.64 -5.32 -17.43
CA PHE A 493 -31.02 -4.89 -18.67
C PHE A 493 -29.58 -4.48 -18.43
N ARG A 494 -29.34 -3.72 -17.39
CA ARG A 494 -27.98 -3.28 -17.13
C ARG A 494 -27.14 -4.44 -16.67
N GLY A 495 -27.81 -5.42 -16.09
CA GLY A 495 -27.18 -6.68 -15.71
C GLY A 495 -26.55 -7.39 -16.88
N VAL A 496 -27.23 -7.35 -18.04
CA VAL A 496 -26.72 -8.08 -19.19
C VAL A 496 -25.39 -7.50 -19.61
N VAL A 497 -25.32 -6.18 -19.59
CA VAL A 497 -24.15 -5.44 -19.92
C VAL A 497 -23.03 -5.71 -18.93
N ASN A 498 -23.32 -5.70 -17.64
CA ASN A 498 -22.26 -5.98 -16.67
C ASN A 498 -21.73 -7.36 -16.81
N PHE A 499 -22.63 -8.35 -17.01
CA PHE A 499 -22.22 -9.74 -17.22
C PHE A 499 -21.38 -9.86 -18.49
N GLY A 500 -21.87 -9.34 -19.59
CA GLY A 500 -21.10 -9.42 -20.85
C GLY A 500 -19.73 -8.79 -20.78
N HIS A 501 -19.65 -7.61 -20.18
CA HIS A 501 -18.39 -6.91 -20.11
C HIS A 501 -17.39 -7.69 -19.26
N GLU A 502 -17.86 -8.22 -18.12
CA GLU A 502 -16.97 -9.03 -17.29
C GLU A 502 -16.59 -10.33 -17.97
N LEU A 503 -17.49 -10.91 -18.75
CA LEU A 503 -17.13 -12.13 -19.44
C LEU A 503 -16.11 -11.93 -20.53
N VAL A 504 -16.32 -10.91 -21.37
CA VAL A 504 -15.31 -10.59 -22.41
C VAL A 504 -13.99 -10.26 -21.78
N ASN A 505 -14.01 -9.45 -20.72
CA ASN A 505 -12.75 -9.14 -20.01
C ASN A 505 -12.03 -10.38 -19.52
N GLY A 506 -12.80 -11.38 -19.04
CA GLY A 506 -12.23 -12.62 -18.58
C GLY A 506 -11.59 -13.44 -19.68
N ILE A 507 -12.36 -13.64 -20.75
CA ILE A 507 -11.85 -14.40 -21.86
C ILE A 507 -10.59 -13.80 -22.48
N TYR A 508 -10.53 -12.49 -22.59
CA TYR A 508 -9.46 -11.81 -23.32
C TYR A 508 -8.30 -11.33 -22.43
N THR A 509 -8.28 -11.80 -21.18
CA THR A 509 -7.15 -11.55 -20.27
C THR A 509 -5.89 -12.14 -20.88
N PRO A 510 -4.84 -11.31 -21.08
CA PRO A 510 -3.71 -11.81 -21.86
C PRO A 510 -2.96 -12.93 -21.22
N ALA A 511 -2.99 -13.00 -19.89
CA ALA A 511 -2.20 -14.00 -19.21
C ALA A 511 -2.60 -15.47 -19.53
N TRP A 512 -3.81 -15.72 -20.02
CA TRP A 512 -4.20 -17.10 -20.38
C TRP A 512 -3.24 -17.67 -21.41
N LYS A 513 -2.75 -16.83 -22.29
CA LYS A 513 -1.83 -17.26 -23.38
C LYS A 513 -0.37 -17.25 -23.00
N MET A 514 -0.05 -16.92 -21.75
CA MET A 514 1.33 -16.80 -21.31
C MET A 514 1.70 -17.91 -20.31
N ILE A 515 0.82 -18.90 -20.12
CA ILE A 515 1.01 -19.94 -19.10
C ILE A 515 2.27 -20.76 -19.33
N THR A 516 2.53 -21.09 -20.59
CA THR A 516 3.70 -21.89 -20.88
C THR A 516 4.94 -21.02 -21.03
N PRO A 517 5.98 -21.31 -20.24
CA PRO A 517 7.17 -20.49 -20.34
C PRO A 517 7.91 -20.75 -21.63
N PRO A 518 8.70 -19.78 -22.10
CA PRO A 518 9.30 -19.99 -23.41
C PRO A 518 10.42 -21.07 -23.43
N TRP A 519 10.89 -21.54 -22.28
CA TRP A 519 11.89 -22.60 -22.24
C TRP A 519 11.28 -24.00 -22.32
N LYS A 520 9.96 -24.08 -22.43
CA LYS A 520 9.23 -25.36 -22.62
C LYS A 520 8.61 -25.50 -24.00
N MET B 1 -21.53 3.84 8.62
CA MET B 1 -21.20 2.40 8.56
C MET B 1 -21.16 1.90 10.01
N LEU B 2 -21.56 0.64 10.24
CA LEU B 2 -21.66 0.09 11.58
C LEU B 2 -22.45 1.07 12.45
N ASP B 3 -23.55 1.55 11.89
CA ASP B 3 -24.29 2.63 12.56
C ASP B 3 -24.95 2.17 13.85
N ALA B 4 -25.20 0.88 13.97
CA ALA B 4 -25.86 0.36 15.17
C ALA B 4 -24.94 0.18 16.40
N THR B 5 -23.65 0.45 16.25
CA THR B 5 -22.71 0.25 17.34
C THR B 5 -22.65 1.53 18.20
N PRO B 6 -23.11 1.45 19.47
CA PRO B 6 -23.10 2.65 20.30
C PRO B 6 -21.75 3.01 20.90
N LYS B 7 -21.56 4.29 21.21
CA LYS B 7 -20.38 4.67 22.00
C LYS B 7 -20.48 4.21 23.45
N GLU B 8 -21.69 4.30 24.01
CA GLU B 8 -21.91 3.95 25.43
C GLU B 8 -21.93 2.44 25.58
N ILE B 9 -20.98 1.93 26.35
CA ILE B 9 -20.83 0.49 26.51
C ILE B 9 -21.69 -0.12 27.62
N VAL B 10 -22.50 -1.11 27.23
CA VAL B 10 -23.22 -1.96 28.18
C VAL B 10 -22.58 -3.35 28.11
N GLU B 11 -22.37 -3.95 29.28
CA GLU B 11 -21.80 -5.30 29.42
C GLU B 11 -22.57 -6.34 28.61
N ARG B 12 -21.86 -7.05 27.74
CA ARG B 12 -22.41 -8.17 26.98
C ARG B 12 -21.82 -9.41 27.58
N LYS B 13 -22.68 -10.29 28.08
CA LYS B 13 -22.25 -11.56 28.63
C LYS B 13 -22.67 -12.74 27.76
N ALA B 14 -23.54 -12.50 26.78
CA ALA B 14 -24.09 -13.63 26.02
C ALA B 14 -24.06 -13.45 24.51
N LEU B 15 -24.32 -12.25 24.04
CA LEU B 15 -24.42 -11.99 22.61
C LEU B 15 -23.03 -11.67 22.09
N ARG B 16 -22.49 -12.58 21.29
CA ARG B 16 -21.22 -12.44 20.58
C ARG B 16 -21.49 -11.78 19.22
N ILE B 17 -20.70 -10.75 18.90
CA ILE B 17 -20.96 -9.91 17.73
C ILE B 17 -19.67 -9.72 16.99
N ASN B 18 -19.65 -10.06 15.71
CA ASN B 18 -18.45 -9.84 14.86
C ASN B 18 -17.19 -10.47 15.44
N PRO B 19 -17.15 -11.79 15.51
CA PRO B 19 -16.09 -12.47 16.27
C PRO B 19 -14.64 -12.35 15.71
N ALA B 20 -13.70 -12.45 16.65
CA ALA B 20 -12.29 -12.41 16.36
C ALA B 20 -11.72 -13.82 16.41
N LYS B 21 -12.51 -14.78 15.95
CA LYS B 21 -12.09 -16.18 15.85
C LYS B 21 -13.09 -16.87 14.96
N THR B 22 -12.71 -18.04 14.47
CA THR B 22 -13.66 -18.97 13.94
C THR B 22 -13.47 -20.34 14.59
N CYS B 23 -14.15 -21.37 14.14
CA CYS B 23 -14.11 -22.65 14.87
C CYS B 23 -12.92 -23.53 14.47
N GLN B 24 -12.65 -24.55 15.31
CA GLN B 24 -11.51 -25.46 15.09
C GLN B 24 -11.27 -26.03 13.68
N PRO B 25 -12.34 -26.55 13.01
CA PRO B 25 -12.05 -27.44 11.90
C PRO B 25 -11.24 -26.80 10.76
N VAL B 26 -11.45 -25.54 10.40
CA VAL B 26 -10.63 -24.98 9.31
C VAL B 26 -9.15 -24.99 9.65
N GLY B 27 -8.83 -24.82 10.93
CA GLY B 27 -7.41 -24.90 11.35
C GLY B 27 -6.81 -26.27 11.10
N ALA B 28 -7.61 -27.31 11.37
CA ALA B 28 -7.20 -28.66 11.12
C ALA B 28 -7.13 -28.96 9.63
N MET B 29 -8.09 -28.42 8.87
CA MET B 29 -8.03 -28.53 7.41
C MET B 29 -6.77 -27.91 6.82
N TYR B 30 -6.40 -26.73 7.32
CA TYR B 30 -5.21 -26.02 6.86
C TYR B 30 -3.96 -26.81 7.19
N ALA B 31 -3.90 -27.33 8.42
CA ALA B 31 -2.77 -28.19 8.80
C ALA B 31 -2.64 -29.44 7.90
N ALA B 32 -3.76 -30.08 7.64
CA ALA B 32 -3.77 -31.27 6.78
C ALA B 32 -3.28 -30.96 5.34
N LEU B 33 -3.64 -29.79 4.80
CA LEU B 33 -3.16 -29.36 3.49
C LEU B 33 -1.65 -29.12 3.48
N GLY B 34 -1.03 -29.06 4.66
CA GLY B 34 0.40 -29.01 4.81
C GLY B 34 1.09 -30.36 4.81
N ILE B 35 0.34 -31.41 4.49
CA ILE B 35 0.94 -32.75 4.28
C ILE B 35 0.83 -33.08 2.81
N HIS B 36 1.92 -33.56 2.21
CA HIS B 36 1.91 -33.91 0.79
C HIS B 36 0.98 -35.08 0.50
N ASN B 37 0.19 -34.92 -0.55
CA ASN B 37 -0.77 -35.93 -1.02
C ASN B 37 -1.81 -36.30 0.03
N CYS B 38 -2.26 -35.30 0.77
CA CYS B 38 -3.22 -35.52 1.83
C CYS B 38 -4.54 -34.92 1.42
N LEU B 39 -5.62 -35.66 1.62
CA LEU B 39 -6.96 -35.09 1.49
C LEU B 39 -7.58 -34.90 2.88
N PRO B 40 -7.78 -33.64 3.28
CA PRO B 40 -8.45 -33.40 4.51
C PRO B 40 -9.87 -33.91 4.45
N HIS B 41 -10.31 -34.49 5.55
CA HIS B 41 -11.68 -34.98 5.66
C HIS B 41 -12.42 -34.44 6.87
N SER B 42 -13.61 -33.89 6.62
CA SER B 42 -14.48 -33.30 7.62
C SER B 42 -15.55 -34.30 8.00
N HIS B 43 -15.43 -34.81 9.22
CA HIS B 43 -16.44 -35.74 9.72
C HIS B 43 -17.58 -35.06 10.44
N GLY B 44 -18.63 -34.76 9.67
CA GLY B 44 -19.78 -34.07 10.15
C GLY B 44 -20.72 -33.84 9.00
N SER B 45 -21.65 -32.94 9.21
CA SER B 45 -22.54 -32.50 8.15
C SER B 45 -21.77 -31.61 7.17
N GLN B 46 -22.14 -31.73 5.90
CA GLN B 46 -21.36 -31.17 4.80
C GLN B 46 -21.33 -29.65 4.74
N GLY B 47 -22.25 -28.98 5.42
CA GLY B 47 -22.18 -27.51 5.46
C GLY B 47 -20.82 -26.99 5.98
N CYS B 48 -20.27 -27.68 6.97
CA CYS B 48 -19.01 -27.31 7.59
C CYS B 48 -17.90 -27.32 6.51
N CYS B 49 -17.75 -28.46 5.85
CA CYS B 49 -16.72 -28.64 4.84
C CYS B 49 -16.84 -27.58 3.75
N SER B 50 -18.04 -27.32 3.29
CA SER B 50 -18.19 -26.29 2.29
C SER B 50 -17.69 -24.92 2.76
N TYR B 51 -18.12 -24.52 3.95
CA TYR B 51 -17.73 -23.23 4.50
C TYR B 51 -16.20 -23.13 4.75
N HIS B 52 -15.59 -24.23 5.17
CA HIS B 52 -14.20 -24.23 5.56
C HIS B 52 -13.32 -24.24 4.32
N ARG B 53 -13.69 -25.03 3.35
CA ARG B 53 -13.05 -24.95 2.05
C ARG B 53 -13.17 -23.54 1.47
N THR B 54 -14.35 -22.94 1.58
CA THR B 54 -14.62 -21.64 0.98
C THR B 54 -13.73 -20.54 1.56
N VAL B 55 -13.58 -20.51 2.87
CA VAL B 55 -12.76 -19.44 3.46
C VAL B 55 -11.30 -19.55 3.05
N LEU B 56 -10.83 -20.78 2.90
CA LEU B 56 -9.45 -20.98 2.45
C LEU B 56 -9.30 -20.45 1.02
N SER B 57 -10.27 -20.75 0.16
CA SER B 57 -10.20 -20.23 -1.22
C SER B 57 -10.29 -18.72 -1.31
N ARG B 58 -11.13 -18.13 -0.45
CA ARG B 58 -11.26 -16.70 -0.42
C ARG B 58 -9.99 -15.99 0.03
N HIS B 59 -9.26 -16.64 0.95
CA HIS B 59 -8.03 -16.07 1.48
C HIS B 59 -6.88 -16.25 0.46
N PHE B 60 -6.70 -17.47 -0.01
CA PHE B 60 -5.54 -17.75 -0.84
C PHE B 60 -5.71 -17.57 -2.33
N LYS B 61 -6.96 -17.38 -2.78
CA LYS B 61 -7.29 -17.39 -4.20
C LYS B 61 -6.71 -18.62 -4.89
N GLU B 62 -6.96 -19.77 -4.27
CA GLU B 62 -6.40 -21.05 -4.64
C GLU B 62 -7.47 -22.10 -4.38
N PRO B 63 -7.37 -23.27 -5.03
CA PRO B 63 -8.21 -24.38 -4.60
C PRO B 63 -7.93 -24.82 -3.16
N ALA B 64 -8.92 -25.40 -2.53
CA ALA B 64 -8.73 -25.97 -1.20
C ALA B 64 -9.63 -27.18 -1.10
N MET B 65 -9.07 -28.33 -1.39
CA MET B 65 -9.81 -29.55 -1.43
C MET B 65 -10.05 -30.24 -0.12
N ALA B 66 -11.26 -30.71 0.09
CA ALA B 66 -11.53 -31.54 1.23
C ALA B 66 -12.80 -32.36 0.97
N SER B 67 -12.87 -33.52 1.63
CA SER B 67 -14.06 -34.41 1.58
C SER B 67 -14.82 -34.31 2.85
N THR B 68 -16.06 -34.82 2.88
CA THR B 68 -16.89 -34.81 4.06
C THR B 68 -17.67 -36.13 4.21
N SER B 69 -17.98 -36.49 5.45
CA SER B 69 -18.83 -37.63 5.76
C SER B 69 -20.30 -37.36 5.41
N SER B 70 -20.64 -36.11 5.13
CA SER B 70 -22.02 -35.74 4.81
C SER B 70 -23.06 -36.40 5.70
N PHE B 71 -22.98 -36.15 7.02
CA PHE B 71 -24.04 -36.60 7.95
C PHE B 71 -25.44 -36.15 7.52
N THR B 72 -26.41 -37.07 7.62
CA THR B 72 -27.80 -36.72 7.60
C THR B 72 -28.39 -36.90 8.97
N GLU B 73 -29.71 -36.69 9.05
CA GLU B 73 -30.45 -36.81 10.28
C GLU B 73 -30.32 -38.23 10.85
N GLY B 74 -30.12 -39.19 9.99
CA GLY B 74 -29.88 -40.58 10.45
C GLY B 74 -28.64 -40.72 11.34
N ALA B 75 -27.53 -40.08 10.99
CA ALA B 75 -26.35 -40.04 11.89
C ALA B 75 -26.67 -39.50 13.28
N SER B 76 -27.63 -38.60 13.36
CA SER B 76 -28.06 -38.12 14.66
C SER B 76 -28.61 -39.23 15.53
N VAL B 77 -28.96 -40.37 14.92
CA VAL B 77 -29.51 -41.51 15.60
C VAL B 77 -28.56 -42.74 15.66
N PHE B 78 -27.87 -43.04 14.57
CA PHE B 78 -27.00 -44.24 14.53
C PHE B 78 -25.51 -43.91 14.52
N GLY B 79 -25.18 -42.63 14.63
CA GLY B 79 -23.80 -42.18 14.66
C GLY B 79 -23.20 -42.07 13.28
N GLY B 80 -21.98 -41.59 13.18
CA GLY B 80 -21.38 -41.34 11.88
C GLY B 80 -20.45 -42.39 11.35
N GLY B 81 -20.39 -43.53 12.04
CA GLY B 81 -19.46 -44.56 11.64
C GLY B 81 -19.68 -45.07 10.23
N SER B 82 -20.93 -45.37 9.85
CA SER B 82 -21.19 -45.88 8.51
C SER B 82 -20.88 -44.79 7.45
N ASN B 83 -21.15 -43.54 7.77
CA ASN B 83 -20.82 -42.46 6.81
C ASN B 83 -19.33 -42.40 6.51
N ILE B 84 -18.49 -42.49 7.53
CA ILE B 84 -17.07 -42.34 7.27
C ILE B 84 -16.54 -43.55 6.58
N LYS B 85 -17.07 -44.71 6.88
CA LYS B 85 -16.60 -45.91 6.17
C LYS B 85 -16.95 -45.85 4.68
N THR B 86 -18.16 -45.39 4.37
CA THR B 86 -18.55 -45.18 2.99
C THR B 86 -17.66 -44.11 2.34
N ALA B 87 -17.36 -43.02 3.04
CA ALA B 87 -16.50 -41.97 2.46
C ALA B 87 -15.15 -42.48 2.06
N VAL B 88 -14.54 -43.26 2.92
CA VAL B 88 -13.17 -43.75 2.67
C VAL B 88 -13.12 -44.61 1.40
N LYS B 89 -14.15 -45.42 1.19
CA LYS B 89 -14.22 -46.25 -0.01
C LYS B 89 -14.27 -45.41 -1.26
N ASN B 90 -15.06 -44.33 -1.21
CA ASN B 90 -15.15 -43.42 -2.34
C ASN B 90 -13.90 -42.57 -2.51
N ILE B 91 -13.31 -42.13 -1.40
CA ILE B 91 -12.11 -41.32 -1.49
C ILE B 91 -10.95 -42.02 -2.16
N PHE B 92 -10.66 -43.21 -1.70
CA PHE B 92 -9.48 -43.86 -2.21
C PHE B 92 -9.70 -44.24 -3.67
N SER B 93 -10.94 -44.60 -4.03
CA SER B 93 -11.26 -45.00 -5.40
C SER B 93 -11.29 -43.84 -6.38
N LEU B 94 -11.91 -42.72 -6.02
CA LEU B 94 -12.01 -41.60 -6.96
C LEU B 94 -10.81 -40.69 -6.94
N TYR B 95 -10.24 -40.45 -5.76
CA TYR B 95 -9.31 -39.31 -5.57
C TYR B 95 -7.92 -39.75 -5.11
N ASN B 96 -7.79 -40.99 -4.64
CA ASN B 96 -6.48 -41.63 -4.41
C ASN B 96 -5.42 -40.76 -3.67
N PRO B 97 -5.78 -40.18 -2.50
CA PRO B 97 -4.73 -39.55 -1.73
C PRO B 97 -3.78 -40.60 -1.15
N ASP B 98 -2.62 -40.19 -0.67
CA ASP B 98 -1.76 -41.12 0.08
C ASP B 98 -2.18 -41.19 1.55
N ILE B 99 -2.89 -40.15 2.01
CA ILE B 99 -3.31 -40.09 3.38
C ILE B 99 -4.60 -39.29 3.50
N ILE B 100 -5.53 -39.78 4.31
CA ILE B 100 -6.75 -39.05 4.63
C ILE B 100 -6.57 -38.53 6.04
N ALA B 101 -6.59 -37.20 6.22
CA ALA B 101 -6.50 -36.62 7.57
C ALA B 101 -7.88 -36.18 8.03
N VAL B 102 -8.45 -36.91 8.98
CA VAL B 102 -9.80 -36.65 9.46
C VAL B 102 -9.83 -35.66 10.63
N HIS B 103 -10.73 -34.70 10.55
CA HIS B 103 -11.11 -33.93 11.71
C HIS B 103 -12.60 -34.00 11.92
N THR B 104 -13.09 -33.48 13.03
CA THR B 104 -14.48 -33.55 13.39
C THR B 104 -15.16 -32.21 13.48
N THR B 105 -16.47 -32.24 13.62
CA THR B 105 -17.23 -31.00 13.75
C THR B 105 -17.98 -31.01 15.07
N CYS B 106 -18.64 -29.90 15.41
CA CYS B 106 -19.46 -29.83 16.58
C CYS B 106 -20.51 -30.97 16.58
N LEU B 107 -20.99 -31.40 15.41
CA LEU B 107 -21.99 -32.47 15.35
C LEU B 107 -21.44 -33.84 15.80
N SER B 108 -20.34 -34.26 15.21
CA SER B 108 -19.81 -35.56 15.56
C SER B 108 -19.31 -35.56 17.00
N GLU B 109 -18.83 -34.41 17.49
CA GLU B 109 -18.38 -34.32 18.88
C GLU B 109 -19.53 -34.34 19.83
N THR B 110 -20.63 -33.68 19.50
CA THR B 110 -21.81 -33.70 20.36
C THR B 110 -22.35 -35.14 20.43
N LEU B 111 -22.27 -35.86 19.30
CA LEU B 111 -22.75 -37.25 19.22
C LEU B 111 -21.81 -38.26 19.89
N GLY B 112 -20.58 -37.86 20.18
CA GLY B 112 -19.59 -38.78 20.76
C GLY B 112 -19.10 -39.86 19.80
N ASP B 113 -19.02 -39.52 18.52
CA ASP B 113 -18.45 -40.44 17.56
C ASP B 113 -17.08 -40.95 17.96
N ASP B 114 -16.84 -42.23 17.67
CA ASP B 114 -15.62 -42.90 18.11
C ASP B 114 -14.71 -43.22 16.94
N LEU B 115 -13.90 -42.24 16.51
CA LEU B 115 -13.08 -42.41 15.33
C LEU B 115 -12.03 -43.53 15.43
N PRO B 116 -11.39 -43.70 16.59
CA PRO B 116 -10.44 -44.85 16.64
C PRO B 116 -11.08 -46.20 16.30
N THR B 117 -12.28 -46.44 16.81
CA THR B 117 -13.03 -47.64 16.43
C THR B 117 -13.37 -47.72 14.96
N TYR B 118 -13.95 -46.67 14.37
CA TYR B 118 -14.26 -46.74 12.95
C TYR B 118 -12.99 -46.99 12.14
N ILE B 119 -11.88 -46.36 12.51
CA ILE B 119 -10.65 -46.49 11.73
C ILE B 119 -10.10 -47.91 11.83
N SER B 120 -10.12 -48.49 13.01
CA SER B 120 -9.66 -49.90 13.09
C SER B 120 -10.60 -50.86 12.34
N GLN B 121 -11.92 -50.55 12.31
CA GLN B 121 -12.87 -51.37 11.57
C GLN B 121 -12.61 -51.33 10.09
N MET B 122 -12.29 -50.16 9.55
CA MET B 122 -11.95 -50.08 8.15
C MET B 122 -10.66 -50.84 7.86
N GLU B 123 -9.72 -50.78 8.80
CA GLU B 123 -8.45 -51.48 8.63
C GLU B 123 -8.73 -52.96 8.51
N ASP B 124 -9.46 -53.51 9.48
CA ASP B 124 -9.90 -54.93 9.47
C ASP B 124 -10.70 -55.36 8.24
N ALA B 125 -11.59 -54.49 7.74
CA ALA B 125 -12.41 -54.77 6.58
C ALA B 125 -11.69 -54.63 5.22
N GLY B 126 -10.48 -54.07 5.22
CA GLY B 126 -9.70 -53.90 3.97
C GLY B 126 -10.02 -52.70 3.09
N SER B 127 -10.68 -51.66 3.64
CA SER B 127 -11.08 -50.44 2.87
C SER B 127 -9.95 -49.43 2.74
N ILE B 128 -8.91 -49.62 3.54
CA ILE B 128 -7.70 -48.83 3.44
C ILE B 128 -6.69 -49.63 2.66
N PRO B 129 -6.44 -49.26 1.40
CA PRO B 129 -5.51 -50.01 0.58
C PRO B 129 -4.11 -50.07 1.20
N GLU B 130 -3.38 -51.12 0.87
CA GLU B 130 -1.97 -51.24 1.20
C GLU B 130 -1.20 -49.96 0.82
N GLY B 131 -0.40 -49.45 1.74
CA GLY B 131 0.40 -48.26 1.52
C GLY B 131 -0.29 -46.94 1.89
N LYS B 132 -1.59 -46.97 2.11
CA LYS B 132 -2.39 -45.76 2.36
C LYS B 132 -2.55 -45.59 3.84
N LEU B 133 -2.85 -44.37 4.27
CA LEU B 133 -3.00 -44.09 5.69
C LEU B 133 -4.25 -43.28 5.97
N VAL B 134 -4.85 -43.52 7.13
CA VAL B 134 -5.95 -42.71 7.63
C VAL B 134 -5.61 -42.28 9.05
N ILE B 135 -5.62 -40.96 9.28
CA ILE B 135 -5.30 -40.42 10.59
C ILE B 135 -6.46 -39.53 11.03
N HIS B 136 -6.49 -39.16 12.30
CA HIS B 136 -7.55 -38.33 12.83
C HIS B 136 -7.10 -37.49 14.03
N THR B 137 -7.88 -36.44 14.27
CA THR B 137 -7.89 -35.69 15.49
C THR B 137 -9.33 -35.32 15.78
N ASN B 138 -9.57 -34.82 16.98
CA ASN B 138 -10.89 -34.39 17.43
C ASN B 138 -10.87 -32.89 17.57
N THR B 139 -11.85 -32.23 16.94
CA THR B 139 -11.81 -30.79 16.81
C THR B 139 -13.16 -30.16 17.16
N PRO B 140 -13.59 -30.26 18.41
CA PRO B 140 -14.87 -29.68 18.85
C PRO B 140 -14.94 -28.18 18.71
N SER B 141 -15.87 -27.69 17.91
N SER B 141 -15.90 -27.70 17.94
CA SER B 141 -15.91 -26.25 17.62
CA SER B 141 -15.94 -26.27 17.65
C SER B 141 -16.33 -25.38 18.79
C SER B 141 -16.33 -25.38 18.80
N TYR B 142 -16.88 -26.00 19.84
CA TYR B 142 -17.32 -25.28 20.99
C TYR B 142 -16.18 -25.14 22.02
N VAL B 143 -15.00 -25.60 21.65
CA VAL B 143 -13.77 -25.43 22.42
C VAL B 143 -12.77 -24.62 21.59
N GLY B 144 -12.22 -23.59 22.18
CA GLY B 144 -11.08 -22.92 21.52
C GLY B 144 -11.46 -22.21 20.24
N SER B 145 -10.59 -22.29 19.27
CA SER B 145 -10.76 -21.62 17.97
C SER B 145 -10.09 -22.43 16.88
N HIS B 146 -10.08 -21.88 15.67
CA HIS B 146 -9.34 -22.44 14.59
C HIS B 146 -7.87 -22.68 14.92
N VAL B 147 -7.27 -21.87 15.79
CA VAL B 147 -5.88 -22.09 16.17
C VAL B 147 -5.76 -23.44 16.91
N THR B 148 -6.74 -23.72 17.76
CA THR B 148 -6.78 -24.96 18.53
C THR B 148 -6.94 -26.17 17.59
N GLY B 149 -7.73 -25.98 16.52
CA GLY B 149 -7.92 -27.01 15.53
C GLY B 149 -6.64 -27.35 14.81
N PHE B 150 -5.89 -26.31 14.44
CA PHE B 150 -4.54 -26.53 13.90
C PHE B 150 -3.68 -27.31 14.88
N ALA B 151 -3.67 -26.90 16.13
CA ALA B 151 -2.83 -27.56 17.15
C ALA B 151 -3.18 -29.04 17.30
N ASN B 152 -4.48 -29.31 17.30
CA ASN B 152 -4.98 -30.68 17.45
C ASN B 152 -4.57 -31.52 16.23
N MET B 153 -4.66 -30.97 15.01
CA MET B 153 -4.30 -31.75 13.85
C MET B 153 -2.81 -32.08 13.86
N VAL B 154 -1.99 -31.13 14.31
CA VAL B 154 -0.58 -31.40 14.48
C VAL B 154 -0.37 -32.54 15.50
N GLN B 155 -1.10 -32.55 16.60
CA GLN B 155 -0.96 -33.63 17.55
C GLN B 155 -1.37 -34.95 16.88
N GLY B 156 -2.44 -34.93 16.10
CA GLY B 156 -2.84 -36.14 15.35
C GLY B 156 -1.76 -36.69 14.46
N ILE B 157 -1.08 -35.81 13.75
CA ILE B 157 0.00 -36.20 12.87
C ILE B 157 1.09 -36.88 13.72
N VAL B 158 1.47 -36.31 14.85
CA VAL B 158 2.49 -37.02 15.63
C VAL B 158 1.95 -38.33 16.22
N ASN B 159 0.70 -38.35 16.70
CA ASN B 159 0.13 -39.54 17.32
C ASN B 159 0.19 -40.71 16.33
N TYR B 160 -0.10 -40.46 15.05
CA TYR B 160 -0.15 -41.56 14.09
C TYR B 160 1.13 -41.83 13.37
N LEU B 161 2.00 -40.85 13.19
CA LEU B 161 3.10 -41.00 12.26
C LEU B 161 4.51 -40.97 12.86
N SER B 162 4.77 -40.07 13.81
CA SER B 162 6.15 -39.87 14.26
C SER B 162 6.66 -41.16 14.87
N GLU B 163 7.85 -41.59 14.47
CA GLU B 163 8.44 -42.76 15.12
C GLU B 163 9.94 -42.64 15.30
N ASN B 164 10.36 -42.93 16.51
CA ASN B 164 11.79 -42.99 16.82
C ASN B 164 12.27 -44.40 16.49
N THR B 165 13.05 -44.55 15.44
CA THR B 165 13.54 -45.86 15.02
C THR B 165 14.98 -46.09 15.42
N GLY B 166 15.55 -45.18 16.21
CA GLY B 166 16.96 -45.26 16.60
C GLY B 166 17.91 -44.63 15.61
N ALA B 167 17.50 -44.44 14.35
CA ALA B 167 18.38 -43.90 13.31
C ALA B 167 18.32 -42.36 13.29
N LYS B 168 19.20 -41.72 14.05
CA LYS B 168 19.25 -40.26 14.13
C LYS B 168 19.37 -39.61 12.77
N ASN B 169 18.64 -38.51 12.52
CA ASN B 169 18.68 -37.90 11.23
C ASN B 169 19.52 -36.61 11.15
N GLY B 170 19.98 -36.12 12.30
CA GLY B 170 20.77 -34.89 12.35
C GLY B 170 19.91 -33.62 12.13
N LYS B 171 18.60 -33.73 12.22
CA LYS B 171 17.70 -32.62 11.85
C LYS B 171 17.03 -31.99 13.06
N ILE B 172 16.54 -30.77 12.87
CA ILE B 172 15.70 -30.12 13.85
C ILE B 172 14.29 -30.07 13.27
N ASN B 173 13.30 -30.49 14.05
CA ASN B 173 11.90 -30.31 13.65
C ASN B 173 11.47 -28.86 13.88
N VAL B 174 10.71 -28.27 12.96
CA VAL B 174 10.10 -26.98 13.23
C VAL B 174 8.60 -27.04 12.94
N ILE B 175 7.79 -26.73 13.93
CA ILE B 175 6.35 -26.62 13.81
C ILE B 175 6.16 -25.12 13.78
N PRO B 176 5.77 -24.58 12.61
CA PRO B 176 5.78 -23.14 12.38
C PRO B 176 4.59 -22.43 12.93
N GLY B 177 3.60 -23.16 13.41
CA GLY B 177 2.38 -22.57 13.91
C GLY B 177 1.40 -22.17 12.82
N PHE B 178 0.34 -21.49 13.25
CA PHE B 178 -0.75 -21.08 12.37
C PHE B 178 -0.34 -19.81 11.63
N VAL B 179 0.57 -20.01 10.69
CA VAL B 179 1.13 -18.94 9.83
C VAL B 179 0.93 -19.34 8.37
N GLY B 180 1.02 -18.35 7.50
CA GLY B 180 0.87 -18.55 6.09
C GLY B 180 2.01 -19.26 5.38
N PRO B 181 1.79 -19.65 4.12
CA PRO B 181 2.82 -20.31 3.31
C PRO B 181 4.04 -19.43 3.07
N ALA B 182 3.88 -18.11 2.97
CA ALA B 182 5.04 -17.27 2.76
C ALA B 182 5.94 -17.29 4.02
N ASP B 183 5.30 -17.35 5.18
CA ASP B 183 6.01 -17.44 6.44
C ASP B 183 6.76 -18.73 6.55
N MET B 184 6.11 -19.83 6.16
CA MET B 184 6.76 -21.10 6.13
C MET B 184 7.99 -21.03 5.23
N ARG B 185 7.88 -20.42 4.04
CA ARG B 185 9.00 -20.34 3.12
C ARG B 185 10.13 -19.52 3.73
N GLU B 186 9.80 -18.45 4.46
CA GLU B 186 10.84 -17.59 5.02
C GLU B 186 11.55 -18.32 6.17
N ILE B 187 10.80 -19.08 6.97
CA ILE B 187 11.43 -19.85 8.04
C ILE B 187 12.39 -20.87 7.42
N LYS B 188 11.94 -21.54 6.37
CA LYS B 188 12.79 -22.54 5.73
C LYS B 188 14.03 -21.86 5.12
N ARG B 189 13.86 -20.68 4.54
CA ARG B 189 15.02 -20.01 3.96
C ARG B 189 16.09 -19.65 5.02
N LEU B 190 15.64 -19.28 6.22
CA LEU B 190 16.54 -18.97 7.34
C LEU B 190 17.32 -20.22 7.80
N PHE B 191 16.63 -21.36 7.92
CA PHE B 191 17.31 -22.64 8.27
C PHE B 191 18.38 -22.93 7.21
N GLU B 192 17.99 -22.76 5.95
CA GLU B 192 18.89 -23.07 4.85
C GLU B 192 20.10 -22.12 4.85
N ALA B 193 19.88 -20.84 5.14
CA ALA B 193 20.97 -19.87 5.23
C ALA B 193 21.92 -20.19 6.41
N MET B 194 21.38 -20.72 7.50
CA MET B 194 22.20 -21.13 8.67
C MET B 194 22.87 -22.48 8.42
N ASP B 195 22.49 -23.17 7.34
CA ASP B 195 23.01 -24.49 6.95
C ASP B 195 22.59 -25.56 7.95
N ILE B 196 21.33 -25.52 8.37
CA ILE B 196 20.83 -26.41 9.44
C ILE B 196 19.76 -27.33 8.86
N PRO B 197 20.01 -28.66 8.79
CA PRO B 197 18.95 -29.53 8.23
C PRO B 197 17.71 -29.61 9.16
N TYR B 198 16.55 -29.74 8.54
CA TYR B 198 15.32 -29.64 9.31
C TYR B 198 14.21 -30.44 8.66
N ILE B 199 13.14 -30.64 9.41
CA ILE B 199 11.87 -31.07 8.91
C ILE B 199 10.82 -30.03 9.41
N MET B 200 10.13 -29.40 8.49
CA MET B 200 9.01 -28.52 8.86
C MET B 200 7.70 -29.26 8.69
N PHE B 201 6.82 -29.18 9.70
CA PHE B 201 5.47 -29.71 9.54
C PHE B 201 4.49 -28.99 10.42
N PRO B 202 3.26 -28.80 9.95
CA PRO B 202 2.87 -28.84 8.57
C PRO B 202 3.55 -27.76 7.75
N ASP B 203 3.44 -27.87 6.45
CA ASP B 203 4.08 -26.92 5.52
C ASP B 203 3.18 -26.76 4.30
N THR B 204 2.49 -25.62 4.23
CA THR B 204 1.59 -25.37 3.15
C THR B 204 2.26 -24.61 1.98
N SER B 205 3.56 -24.33 2.05
CA SER B 205 4.24 -23.74 0.89
C SER B 205 4.19 -24.74 -0.26
N GLY B 206 3.91 -24.21 -1.44
CA GLY B 206 3.65 -25.01 -2.62
C GLY B 206 2.34 -25.75 -2.61
N VAL B 207 1.45 -25.47 -1.64
CA VAL B 207 0.13 -26.07 -1.64
C VAL B 207 -0.91 -24.95 -1.76
N LEU B 208 -0.79 -23.92 -0.95
CA LEU B 208 -1.79 -22.86 -1.02
C LEU B 208 -1.21 -21.54 -1.59
N ASP B 209 -0.03 -21.57 -2.17
CA ASP B 209 0.54 -20.38 -2.82
C ASP B 209 1.21 -20.77 -4.12
N GLY B 210 0.66 -21.78 -4.79
CA GLY B 210 1.31 -22.35 -5.95
C GLY B 210 1.04 -21.68 -7.28
N PRO B 211 1.80 -22.09 -8.30
CA PRO B 211 1.73 -21.52 -9.64
C PRO B 211 0.56 -22.03 -10.42
N THR B 212 0.19 -21.30 -11.46
CA THR B 212 -0.69 -21.80 -12.53
C THR B 212 0.25 -22.31 -13.61
N THR B 213 0.12 -23.60 -13.93
CA THR B 213 0.93 -24.25 -14.98
C THR B 213 0.10 -24.72 -16.15
N GLY B 214 -1.23 -24.59 -16.09
CA GLY B 214 -2.09 -25.01 -17.16
C GLY B 214 -2.69 -26.37 -16.91
N GLU B 215 -2.25 -27.03 -15.85
CA GLU B 215 -2.75 -28.31 -15.50
C GLU B 215 -3.12 -28.28 -14.02
N TYR B 216 -4.37 -28.58 -13.71
CA TYR B 216 -4.78 -28.66 -12.30
C TYR B 216 -4.25 -29.94 -11.69
N LYS B 217 -3.64 -29.85 -10.52
CA LYS B 217 -3.14 -30.99 -9.80
C LYS B 217 -3.85 -31.05 -8.49
N MET B 218 -4.65 -32.09 -8.28
CA MET B 218 -5.40 -32.17 -7.02
C MET B 218 -4.50 -32.07 -5.79
N TYR B 219 -3.38 -32.78 -5.83
CA TYR B 219 -2.38 -32.75 -4.75
C TYR B 219 -1.16 -31.98 -5.24
N PRO B 220 -1.02 -30.72 -4.81
CA PRO B 220 0.08 -29.94 -5.33
C PRO B 220 1.46 -30.44 -4.86
N GLU B 221 2.50 -29.85 -5.42
CA GLU B 221 3.85 -30.30 -5.21
C GLU B 221 4.31 -30.22 -3.76
N GLY B 222 3.80 -29.25 -3.02
CA GLY B 222 4.26 -29.02 -1.66
C GLY B 222 3.62 -29.93 -0.62
N GLY B 223 3.87 -29.60 0.63
CA GLY B 223 3.43 -30.39 1.75
C GLY B 223 4.58 -31.22 2.26
N THR B 224 4.59 -31.43 3.57
CA THR B 224 5.57 -32.32 4.17
C THR B 224 5.25 -33.74 3.79
N LYS B 225 6.29 -34.47 3.36
CA LYS B 225 6.13 -35.84 2.89
C LYS B 225 5.91 -36.78 4.05
N ILE B 226 5.07 -37.78 3.82
CA ILE B 226 4.73 -38.76 4.84
C ILE B 226 5.99 -39.34 5.45
N GLU B 227 6.97 -39.67 4.61
CA GLU B 227 8.19 -40.31 5.14
C GLU B 227 8.98 -39.40 6.09
N ASP B 228 8.98 -38.10 5.81
CA ASP B 228 9.60 -37.15 6.74
C ASP B 228 8.77 -36.92 7.99
N LEU B 229 7.45 -36.98 7.87
CA LEU B 229 6.61 -36.93 9.07
C LEU B 229 6.94 -38.12 10.02
N LYS B 230 7.14 -39.30 9.45
CA LYS B 230 7.50 -40.46 10.26
C LYS B 230 8.86 -40.18 10.90
N ASP B 231 9.78 -39.61 10.12
CA ASP B 231 11.15 -39.40 10.55
C ASP B 231 11.30 -38.31 11.62
N THR B 232 10.23 -37.55 11.90
CA THR B 232 10.32 -36.55 12.94
C THR B 232 10.67 -37.15 14.30
N GLY B 233 10.40 -38.43 14.49
CA GLY B 233 10.76 -39.08 15.76
C GLY B 233 12.25 -39.33 15.96
N ASN B 234 13.03 -39.16 14.91
CA ASN B 234 14.46 -39.37 14.91
C ASN B 234 15.27 -38.08 14.97
N SER B 235 14.58 -36.95 15.10
CA SER B 235 15.25 -35.63 15.11
C SER B 235 15.93 -35.30 16.45
N ASP B 236 16.78 -34.28 16.49
CA ASP B 236 17.50 -33.89 17.72
C ASP B 236 16.67 -33.03 18.62
N LEU B 237 15.80 -32.20 18.04
CA LEU B 237 15.11 -31.19 18.80
C LEU B 237 13.91 -30.73 17.99
N THR B 238 12.85 -30.33 18.65
CA THR B 238 11.71 -29.69 17.95
C THR B 238 11.60 -28.20 18.39
N LEU B 239 11.55 -27.28 17.43
CA LEU B 239 11.24 -25.90 17.76
C LEU B 239 9.74 -25.67 17.50
N SER B 240 9.04 -25.28 18.54
CA SER B 240 7.60 -25.05 18.50
C SER B 240 7.44 -23.52 18.45
N LEU B 241 7.06 -23.02 17.28
CA LEU B 241 6.90 -21.58 17.10
C LEU B 241 5.45 -21.22 17.38
N GLY B 242 5.22 -20.49 18.46
CA GLY B 242 3.89 -20.04 18.82
C GLY B 242 3.21 -21.08 19.69
N SER B 243 3.14 -20.82 20.99
CA SER B 243 2.71 -21.84 21.93
C SER B 243 1.29 -22.34 21.67
N TYR B 244 0.39 -21.49 21.26
CA TYR B 244 -0.98 -21.94 21.05
C TYR B 244 -1.12 -22.93 19.94
N ALA B 245 -0.40 -22.71 18.82
CA ALA B 245 -0.60 -23.53 17.68
C ALA B 245 0.25 -24.78 17.73
N SER B 246 1.43 -24.66 18.33
CA SER B 246 2.51 -25.63 18.09
C SER B 246 2.95 -26.46 19.31
N ASP B 247 2.71 -25.98 20.53
CA ASP B 247 3.21 -26.69 21.75
C ASP B 247 2.60 -28.05 21.90
N LEU B 248 1.32 -28.21 21.61
CA LEU B 248 0.69 -29.53 21.84
C LEU B 248 1.34 -30.61 20.99
N GLY B 249 1.61 -30.32 19.72
CA GLY B 249 2.33 -31.28 18.91
C GLY B 249 3.77 -31.56 19.38
N ALA B 250 4.48 -30.50 19.72
CA ALA B 250 5.86 -30.62 20.21
C ALA B 250 5.93 -31.46 21.50
N LYS B 251 5.03 -31.18 22.45
CA LYS B 251 4.97 -31.94 23.71
C LYS B 251 4.58 -33.40 23.48
N THR B 252 3.70 -33.62 22.53
CA THR B 252 3.27 -34.98 22.25
C THR B 252 4.43 -35.77 21.65
N LEU B 253 5.22 -35.10 20.82
CA LEU B 253 6.34 -35.73 20.14
C LEU B 253 7.41 -36.05 21.22
N GLU B 254 7.56 -35.17 22.22
CA GLU B 254 8.48 -35.45 23.30
C GLU B 254 8.06 -36.68 24.10
N LYS B 255 6.77 -36.80 24.41
CA LYS B 255 6.29 -37.98 25.14
C LYS B 255 6.38 -39.26 24.32
N LYS B 256 6.06 -39.19 23.05
CA LYS B 256 6.01 -40.38 22.23
C LYS B 256 7.41 -40.82 21.82
N CYS B 257 8.25 -39.89 21.37
CA CYS B 257 9.53 -40.25 20.75
C CYS B 257 10.80 -39.75 21.45
N LYS B 258 10.65 -39.07 22.57
CA LYS B 258 11.78 -38.58 23.35
C LYS B 258 12.54 -37.44 22.66
N VAL B 259 11.90 -36.70 21.76
CA VAL B 259 12.58 -35.58 21.11
C VAL B 259 12.32 -34.35 21.96
N PRO B 260 13.38 -33.73 22.49
CA PRO B 260 13.09 -32.55 23.34
C PRO B 260 12.61 -31.39 22.49
N PHE B 261 11.98 -30.43 23.13
CA PHE B 261 11.47 -29.27 22.43
C PHE B 261 11.78 -27.98 23.15
N LYS B 262 11.71 -26.89 22.39
CA LYS B 262 11.93 -25.54 22.85
C LYS B 262 10.78 -24.70 22.27
N THR B 263 10.12 -23.93 23.10
CA THR B 263 8.99 -23.09 22.65
C THR B 263 9.54 -21.69 22.41
N LEU B 264 9.13 -21.08 21.31
CA LEU B 264 9.63 -19.79 20.91
C LEU B 264 8.43 -19.00 20.42
N ARG B 265 8.50 -17.67 20.54
CA ARG B 265 7.45 -16.82 19.94
C ARG B 265 7.46 -16.97 18.44
N THR B 266 6.29 -16.77 17.82
CA THR B 266 6.25 -16.62 16.38
C THR B 266 7.25 -15.53 16.02
N PRO B 267 8.16 -15.78 15.07
CA PRO B 267 9.24 -14.80 14.83
C PRO B 267 8.81 -13.60 14.01
N ILE B 268 8.08 -12.70 14.68
CA ILE B 268 7.69 -11.42 14.10
C ILE B 268 8.42 -10.32 14.86
N GLY B 269 9.19 -9.51 14.16
CA GLY B 269 9.82 -8.37 14.76
C GLY B 269 11.25 -8.67 15.15
N VAL B 270 11.86 -7.75 15.91
CA VAL B 270 13.29 -7.84 16.17
C VAL B 270 13.60 -8.89 17.24
N SER B 271 13.02 -8.73 18.43
CA SER B 271 13.43 -9.62 19.53
C SER B 271 12.98 -11.05 19.22
N ALA B 272 11.80 -11.21 18.63
CA ALA B 272 11.29 -12.58 18.36
C ALA B 272 12.09 -13.27 17.26
N THR B 273 12.50 -12.51 16.23
CA THR B 273 13.33 -13.09 15.21
C THR B 273 14.74 -13.41 15.79
N ASP B 274 15.29 -12.45 16.55
CA ASP B 274 16.57 -12.63 17.27
C ASP B 274 16.55 -13.95 18.10
N GLU B 275 15.48 -14.19 18.83
CA GLU B 275 15.38 -15.38 19.70
C GLU B 275 15.36 -16.67 18.89
N PHE B 276 14.73 -16.62 17.72
CA PHE B 276 14.68 -17.76 16.81
C PHE B 276 16.06 -18.04 16.24
N ILE B 277 16.75 -17.00 15.76
CA ILE B 277 18.10 -17.16 15.22
C ILE B 277 19.06 -17.67 16.32
N MET B 278 18.94 -17.09 17.51
CA MET B 278 19.81 -17.53 18.61
C MET B 278 19.58 -19.00 18.99
N ALA B 279 18.32 -19.44 18.95
CA ALA B 279 18.00 -20.79 19.32
C ALA B 279 18.60 -21.74 18.29
N LEU B 280 18.52 -21.37 17.02
CA LEU B 280 19.12 -22.14 15.96
C LEU B 280 20.67 -22.26 16.15
N SER B 281 21.31 -21.13 16.43
CA SER B 281 22.77 -21.08 16.65
C SER B 281 23.14 -21.88 17.91
N GLU B 282 22.39 -21.75 18.98
CA GLU B 282 22.73 -22.42 20.24
C GLU B 282 22.54 -23.93 20.14
N ALA B 283 21.53 -24.36 19.40
CA ALA B 283 21.24 -25.79 19.27
C ALA B 283 22.17 -26.52 18.33
N THR B 284 22.86 -25.79 17.46
CA THR B 284 23.65 -26.44 16.43
C THR B 284 25.12 -26.04 16.45
N GLY B 285 25.48 -25.03 17.25
CA GLY B 285 26.80 -24.39 17.19
C GLY B 285 27.13 -23.60 15.91
N LYS B 286 26.19 -23.45 14.99
CA LYS B 286 26.48 -22.78 13.72
C LYS B 286 26.49 -21.25 13.89
N GLU B 287 27.43 -20.58 13.22
CA GLU B 287 27.52 -19.13 13.24
C GLU B 287 26.35 -18.51 12.46
N VAL B 288 26.01 -17.30 12.79
CA VAL B 288 25.03 -16.56 11.98
C VAL B 288 25.70 -15.94 10.77
N PRO B 289 25.23 -16.26 9.54
CA PRO B 289 25.91 -15.77 8.35
C PRO B 289 25.69 -14.28 8.09
N ALA B 290 26.57 -13.69 7.30
CA ALA B 290 26.54 -12.26 6.99
C ALA B 290 25.23 -11.84 6.35
N SER B 291 24.63 -12.70 5.52
CA SER B 291 23.39 -12.32 4.84
C SER B 291 22.26 -12.05 5.84
N ILE B 292 22.14 -12.91 6.85
CA ILE B 292 21.11 -12.75 7.86
C ILE B 292 21.41 -11.52 8.68
N GLU B 293 22.67 -11.32 9.05
CA GLU B 293 23.06 -10.12 9.79
C GLU B 293 22.75 -8.85 9.02
N GLU B 294 23.03 -8.87 7.71
CA GLU B 294 22.77 -7.69 6.87
C GLU B 294 21.24 -7.35 6.87
N GLU B 295 20.40 -8.38 6.77
CA GLU B 295 18.94 -8.17 6.76
C GLU B 295 18.49 -7.55 8.08
N ARG B 296 19.02 -8.03 9.20
CA ARG B 296 18.66 -7.45 10.49
C ARG B 296 19.05 -6.00 10.55
N GLY B 297 20.26 -5.71 10.11
CA GLY B 297 20.78 -4.31 10.05
C GLY B 297 19.97 -3.39 9.14
N GLN B 298 19.47 -3.92 8.03
CA GLN B 298 18.54 -3.17 7.17
C GLN B 298 17.21 -2.87 7.88
N LEU B 299 16.68 -3.85 8.62
CA LEU B 299 15.50 -3.60 9.43
C LEU B 299 15.74 -2.49 10.44
N ILE B 300 16.84 -2.60 11.19
CA ILE B 300 17.17 -1.59 12.18
C ILE B 300 17.32 -0.22 11.49
N ASP B 301 17.97 -0.17 10.33
CA ASP B 301 18.16 1.07 9.56
C ASP B 301 16.78 1.68 9.23
N LEU B 302 15.88 0.83 8.82
CA LEU B 302 14.53 1.24 8.47
C LEU B 302 13.72 1.76 9.68
N MET B 303 13.81 1.05 10.79
CA MET B 303 13.16 1.44 12.03
C MET B 303 13.62 2.83 12.50
N ILE B 304 14.90 3.12 12.33
CA ILE B 304 15.42 4.40 12.67
C ILE B 304 15.05 5.46 11.61
N ASP B 305 15.19 5.12 10.33
CA ASP B 305 14.89 6.08 9.27
C ASP B 305 13.43 6.55 9.35
N ALA B 306 12.54 5.64 9.66
CA ALA B 306 11.11 5.94 9.69
C ALA B 306 10.58 6.29 11.07
N GLN B 307 11.46 6.43 12.04
CA GLN B 307 11.03 6.54 13.47
C GLN B 307 10.00 7.62 13.75
N GLN B 308 10.06 8.76 13.07
CA GLN B 308 9.20 9.88 13.45
C GLN B 308 7.74 9.59 13.25
N TYR B 309 7.43 8.69 12.33
CA TYR B 309 6.05 8.38 11.98
C TYR B 309 5.50 7.27 12.87
N LEU B 310 6.33 6.68 13.73
CA LEU B 310 5.91 5.57 14.57
C LEU B 310 5.84 5.88 16.06
N GLN B 311 6.66 6.84 16.53
CA GLN B 311 6.81 7.06 17.97
C GLN B 311 5.49 7.52 18.53
N GLY B 312 5.02 6.84 19.56
CA GLY B 312 3.81 7.25 20.26
C GLY B 312 2.50 6.97 19.56
N LYS B 313 2.54 6.28 18.42
CA LYS B 313 1.31 6.04 17.65
C LYS B 313 0.49 4.96 18.40
N LYS B 314 -0.82 5.19 18.56
CA LYS B 314 -1.69 4.28 19.26
C LYS B 314 -2.25 3.27 18.28
N VAL B 315 -2.13 2.00 18.61
CA VAL B 315 -2.46 0.95 17.69
C VAL B 315 -3.51 0.01 18.28
N ALA B 316 -4.53 -0.29 17.46
CA ALA B 316 -5.49 -1.36 17.84
C ALA B 316 -5.20 -2.61 17.04
N LEU B 317 -5.09 -3.73 17.72
CA LEU B 317 -4.75 -4.99 17.08
C LEU B 317 -5.73 -6.05 17.50
N LEU B 318 -6.14 -6.86 16.53
CA LEU B 318 -7.01 -8.01 16.77
C LEU B 318 -6.56 -9.18 15.96
N GLY B 319 -6.51 -10.35 16.55
CA GLY B 319 -6.05 -11.50 15.79
C GLY B 319 -5.86 -12.72 16.65
N ASP B 320 -5.09 -13.65 16.11
CA ASP B 320 -4.81 -14.90 16.75
C ASP B 320 -3.64 -14.72 17.69
N PRO B 321 -3.64 -15.46 18.80
CA PRO B 321 -2.82 -15.13 19.94
C PRO B 321 -1.30 -15.12 19.71
N ASP B 322 -0.77 -16.13 19.04
CA ASP B 322 0.68 -16.26 18.89
C ASP B 322 1.18 -15.05 18.06
N GLU B 323 0.45 -14.76 16.99
CA GLU B 323 0.84 -13.69 16.05
C GLU B 323 0.64 -12.32 16.70
N ILE B 324 -0.44 -12.10 17.46
CA ILE B 324 -0.69 -10.82 18.10
C ILE B 324 0.24 -10.55 19.28
N ILE B 325 0.65 -11.58 20.01
CA ILE B 325 1.70 -11.43 21.00
C ILE B 325 2.98 -10.89 20.38
N ALA B 326 3.46 -11.56 19.35
CA ALA B 326 4.72 -11.19 18.70
C ALA B 326 4.57 -9.83 18.03
N LEU B 327 3.44 -9.61 17.35
CA LEU B 327 3.26 -8.33 16.69
C LEU B 327 3.17 -7.16 17.69
N SER B 328 2.51 -7.39 18.81
CA SER B 328 2.44 -6.35 19.87
C SER B 328 3.82 -5.97 20.37
N LYS B 329 4.68 -6.97 20.52
CA LYS B 329 6.06 -6.69 20.95
C LYS B 329 6.75 -5.85 19.89
N PHE B 330 6.49 -6.18 18.62
CA PHE B 330 7.15 -5.43 17.53
C PHE B 330 6.65 -4.01 17.50
N ILE B 331 5.38 -3.81 17.75
CA ILE B 331 4.83 -2.45 17.82
C ILE B 331 5.56 -1.64 18.90
N ILE B 332 5.76 -2.23 20.07
CA ILE B 332 6.56 -1.63 21.13
C ILE B 332 8.01 -1.34 20.71
N GLU B 333 8.60 -2.28 20.01
CA GLU B 333 9.96 -2.10 19.49
C GLU B 333 10.09 -0.97 18.48
N LEU B 334 9.01 -0.67 17.75
CA LEU B 334 8.95 0.45 16.80
C LEU B 334 8.77 1.80 17.47
N GLY B 335 8.45 1.76 18.76
CA GLY B 335 8.20 2.94 19.52
C GLY B 335 6.73 3.30 19.61
N ALA B 336 5.86 2.40 19.15
CA ALA B 336 4.46 2.66 19.13
C ALA B 336 3.80 1.99 20.33
N ILE B 337 2.51 2.25 20.46
CA ILE B 337 1.73 1.81 21.64
C ILE B 337 0.61 0.82 21.25
N PRO B 338 0.72 -0.45 21.67
CA PRO B 338 -0.44 -1.33 21.59
C PRO B 338 -1.53 -0.81 22.56
N LYS B 339 -2.52 -0.12 22.04
CA LYS B 339 -3.52 0.59 22.83
C LYS B 339 -4.73 -0.33 23.16
N TYR B 340 -5.23 -1.03 22.14
CA TYR B 340 -6.30 -2.04 22.26
C TYR B 340 -5.81 -3.34 21.63
N VAL B 341 -5.83 -4.45 22.39
CA VAL B 341 -5.20 -5.66 21.93
C VAL B 341 -6.14 -6.81 22.24
N VAL B 342 -6.63 -7.47 21.20
CA VAL B 342 -7.72 -8.43 21.39
C VAL B 342 -7.46 -9.71 20.64
N THR B 343 -7.77 -10.85 21.27
CA THR B 343 -7.92 -12.11 20.53
C THR B 343 -9.27 -12.74 20.84
N GLY B 344 -9.83 -13.43 19.86
CA GLY B 344 -11.04 -14.27 20.10
C GLY B 344 -10.75 -15.62 20.74
N THR B 345 -9.49 -16.04 20.72
CA THR B 345 -9.09 -17.37 21.16
C THR B 345 -8.88 -17.34 22.68
N PRO B 346 -9.53 -18.27 23.40
CA PRO B 346 -9.39 -18.25 24.87
C PRO B 346 -8.00 -18.70 25.31
N GLY B 347 -7.64 -18.33 26.52
CA GLY B 347 -6.37 -18.75 27.10
C GLY B 347 -5.75 -17.63 27.92
N MET B 348 -5.16 -18.01 29.04
CA MET B 348 -4.45 -17.09 29.91
C MET B 348 -3.17 -16.47 29.34
N LYS B 349 -2.45 -17.21 28.50
CA LYS B 349 -1.09 -16.82 28.11
C LYS B 349 -1.08 -15.44 27.43
N PHE B 350 -2.03 -15.21 26.53
CA PHE B 350 -2.13 -13.92 25.86
C PHE B 350 -2.19 -12.75 26.83
N GLN B 351 -3.08 -12.85 27.81
CA GLN B 351 -3.27 -11.81 28.79
C GLN B 351 -1.96 -11.51 29.53
N LYS B 352 -1.29 -12.58 29.98
CA LYS B 352 -0.06 -12.43 30.77
C LYS B 352 1.07 -11.87 29.95
N GLU B 353 1.25 -12.40 28.73
CA GLU B 353 2.36 -11.94 27.85
C GLU B 353 2.16 -10.50 27.43
N ILE B 354 0.94 -10.09 27.09
CA ILE B 354 0.73 -8.70 26.66
C ILE B 354 0.88 -7.74 27.84
N ASP B 355 0.27 -8.10 28.97
CA ASP B 355 0.37 -7.28 30.19
C ASP B 355 1.82 -7.07 30.58
N ALA B 356 2.63 -8.12 30.43
CA ALA B 356 4.04 -8.07 30.81
C ALA B 356 4.86 -7.14 29.93
N MET B 357 4.66 -7.22 28.61
CA MET B 357 5.41 -6.32 27.72
C MET B 357 4.98 -4.87 27.89
N LEU B 358 3.70 -4.61 28.11
CA LEU B 358 3.21 -3.27 28.35
C LEU B 358 3.82 -2.65 29.61
N ALA B 359 3.86 -3.44 30.68
CA ALA B 359 4.44 -2.93 31.92
C ALA B 359 5.95 -2.72 31.75
N GLU B 360 6.66 -3.61 31.05
CA GLU B 360 8.11 -3.43 30.77
C GLU B 360 8.41 -2.12 30.03
N ALA B 361 7.54 -1.73 29.11
CA ALA B 361 7.70 -0.47 28.40
C ALA B 361 7.08 0.74 29.11
N GLY B 362 6.51 0.59 30.30
CA GLY B 362 5.89 1.72 30.98
C GLY B 362 4.58 2.23 30.42
N ILE B 363 3.88 1.37 29.69
CA ILE B 363 2.65 1.79 29.02
C ILE B 363 1.47 1.48 29.90
N GLU B 364 0.73 2.54 30.26
CA GLU B 364 -0.47 2.46 31.07
C GLU B 364 -1.70 2.79 30.24
N GLY B 365 -2.85 2.30 30.64
CA GLY B 365 -4.09 2.70 30.00
C GLY B 365 -4.43 1.91 28.73
N SER B 366 -3.74 0.80 28.49
CA SER B 366 -4.13 -0.04 27.32
C SER B 366 -5.22 -1.01 27.77
N LYS B 367 -6.05 -1.46 26.83
CA LYS B 367 -7.06 -2.49 27.14
C LYS B 367 -6.73 -3.74 26.42
N VAL B 368 -6.67 -4.85 27.15
CA VAL B 368 -6.28 -6.12 26.62
C VAL B 368 -7.45 -7.06 26.89
N LYS B 369 -7.99 -7.73 25.88
CA LYS B 369 -9.09 -8.65 26.14
C LYS B 369 -8.99 -9.98 25.40
N VAL B 370 -9.09 -11.06 26.18
CA VAL B 370 -9.21 -12.42 25.66
C VAL B 370 -10.68 -12.74 25.51
N GLU B 371 -11.05 -13.36 24.38
CA GLU B 371 -12.44 -13.56 23.97
C GLU B 371 -13.23 -12.28 23.78
N GLY B 372 -12.53 -11.26 23.27
CA GLY B 372 -13.12 -10.03 22.84
C GLY B 372 -13.46 -10.19 21.35
N ASP B 373 -14.20 -9.24 20.83
CA ASP B 373 -14.60 -9.28 19.44
C ASP B 373 -14.46 -7.91 18.78
N PHE B 374 -14.77 -7.84 17.47
CA PHE B 374 -14.61 -6.59 16.75
C PHE B 374 -15.60 -5.51 17.20
N PHE B 375 -16.73 -5.89 17.75
CA PHE B 375 -17.68 -4.91 18.31
C PHE B 375 -17.08 -4.24 19.58
N ASP B 376 -16.44 -5.00 20.43
CA ASP B 376 -15.69 -4.40 21.56
C ASP B 376 -14.71 -3.34 21.10
N VAL B 377 -13.90 -3.69 20.11
CA VAL B 377 -12.81 -2.82 19.72
C VAL B 377 -13.36 -1.53 19.12
N HIS B 378 -14.43 -1.65 18.35
CA HIS B 378 -15.06 -0.50 17.78
C HIS B 378 -15.60 0.43 18.88
N GLN B 379 -16.30 -0.12 19.87
CA GLN B 379 -16.74 0.70 21.00
C GLN B 379 -15.60 1.39 21.72
N TRP B 380 -14.47 0.71 21.91
CA TRP B 380 -13.35 1.33 22.59
C TRP B 380 -12.81 2.48 21.77
N ILE B 381 -12.71 2.28 20.46
CA ILE B 381 -12.22 3.33 19.55
C ILE B 381 -13.12 4.55 19.57
N LYS B 382 -14.41 4.34 19.73
CA LYS B 382 -15.35 5.44 19.77
C LYS B 382 -15.17 6.30 21.01
N ASN B 383 -14.66 5.68 22.06
CA ASN B 383 -14.38 6.42 23.30
C ASN B 383 -13.00 7.08 23.30
N GLU B 384 -11.99 6.39 22.77
CA GLU B 384 -10.67 7.02 22.61
C GLU B 384 -10.05 6.46 21.31
N GLY B 385 -9.79 7.36 20.39
CA GLY B 385 -9.35 7.02 19.02
C GLY B 385 -7.95 6.40 18.96
N VAL B 386 -7.63 5.79 17.83
CA VAL B 386 -6.30 5.24 17.56
C VAL B 386 -5.75 5.78 16.24
N ASP B 387 -4.46 5.53 16.04
CA ASP B 387 -3.73 5.98 14.83
C ASP B 387 -3.53 4.90 13.78
N LEU B 388 -3.83 3.64 14.12
CA LEU B 388 -3.57 2.51 13.29
C LEU B 388 -4.38 1.33 13.77
N LEU B 389 -4.91 0.57 12.80
CA LEU B 389 -5.66 -0.65 13.08
C LEU B 389 -5.00 -1.78 12.29
N ILE B 390 -4.73 -2.90 12.95
CA ILE B 390 -4.15 -4.07 12.35
C ILE B 390 -5.01 -5.29 12.64
N SER B 391 -5.51 -5.92 11.60
CA SER B 391 -6.41 -7.08 11.81
C SER B 391 -6.61 -7.78 10.50
N ASN B 392 -7.48 -8.78 10.53
CA ASN B 392 -7.92 -9.43 9.28
C ASN B 392 -8.89 -8.53 8.51
N THR B 393 -9.46 -9.04 7.44
CA THR B 393 -10.30 -8.30 6.55
C THR B 393 -11.46 -7.60 7.26
N TYR B 394 -11.99 -8.21 8.31
CA TYR B 394 -13.19 -7.65 8.94
C TYR B 394 -12.94 -6.32 9.64
N GLY B 395 -11.68 -5.99 9.92
CA GLY B 395 -11.35 -4.67 10.38
C GLY B 395 -11.67 -3.52 9.44
N LYS B 396 -11.88 -3.83 8.18
CA LYS B 396 -12.02 -2.79 7.16
C LYS B 396 -13.26 -1.91 7.45
N PHE B 397 -14.26 -2.47 8.13
CA PHE B 397 -15.51 -1.71 8.34
C PHE B 397 -15.24 -0.64 9.38
N ILE B 398 -14.48 -1.02 10.39
CA ILE B 398 -14.04 -0.07 11.43
C ILE B 398 -13.12 0.98 10.84
N ALA B 399 -12.18 0.55 10.02
CA ALA B 399 -11.24 1.45 9.36
C ALA B 399 -11.91 2.51 8.54
N ARG B 400 -12.94 2.13 7.79
CA ARG B 400 -13.65 3.12 7.01
C ARG B 400 -14.52 4.01 7.90
N GLU B 401 -15.28 3.42 8.81
CA GLU B 401 -16.17 4.22 9.64
C GLU B 401 -15.43 5.25 10.49
N GLU B 402 -14.28 4.86 11.05
CA GLU B 402 -13.53 5.71 11.96
C GLU B 402 -12.35 6.40 11.28
N ASN B 403 -12.17 6.19 9.97
CA ASN B 403 -11.03 6.78 9.24
C ASN B 403 -9.64 6.45 9.83
N ILE B 404 -9.33 5.17 9.98
CA ILE B 404 -8.09 4.74 10.62
C ILE B 404 -7.23 4.03 9.59
N PRO B 405 -5.96 4.43 9.48
CA PRO B 405 -5.02 3.66 8.63
C PRO B 405 -5.04 2.19 9.02
N PHE B 406 -5.12 1.33 8.02
CA PHE B 406 -5.46 -0.06 8.20
C PHE B 406 -4.47 -1.02 7.52
N VAL B 407 -3.90 -1.92 8.30
CA VAL B 407 -3.03 -2.95 7.81
C VAL B 407 -3.66 -4.33 7.95
N ARG B 408 -3.91 -5.00 6.82
CA ARG B 408 -4.39 -6.35 6.84
C ARG B 408 -3.34 -7.32 7.30
N PHE B 409 -3.70 -8.20 8.22
CA PHE B 409 -2.73 -9.09 8.88
C PHE B 409 -3.50 -10.35 9.35
N GLY B 410 -2.89 -11.51 9.22
CA GLY B 410 -3.45 -12.71 9.82
C GLY B 410 -4.49 -13.38 8.95
N PHE B 411 -5.53 -13.90 9.56
CA PHE B 411 -6.48 -14.78 8.86
C PHE B 411 -7.90 -14.45 9.24
N PRO B 412 -8.82 -14.33 8.26
CA PRO B 412 -8.53 -14.40 6.82
C PRO B 412 -8.46 -12.99 6.19
N ILE B 413 -7.62 -12.84 5.17
CA ILE B 413 -7.54 -11.66 4.34
C ILE B 413 -8.11 -12.08 2.99
N MET B 414 -9.29 -11.54 2.67
CA MET B 414 -10.07 -12.06 1.52
C MET B 414 -10.30 -11.00 0.46
N ASP B 415 -9.66 -9.85 0.63
CA ASP B 415 -9.97 -8.72 -0.20
C ASP B 415 -8.79 -8.05 -0.87
N ARG B 416 -7.63 -8.70 -0.88
CA ARG B 416 -6.46 -8.19 -1.62
C ARG B 416 -5.75 -9.38 -2.26
N TYR B 417 -4.90 -9.09 -3.21
CA TYR B 417 -4.31 -10.12 -4.07
C TYR B 417 -2.82 -10.15 -3.87
N GLY B 418 -2.27 -11.35 -3.66
CA GLY B 418 -0.83 -11.51 -3.50
C GLY B 418 -0.27 -11.50 -2.09
N HIS B 419 -1.09 -11.17 -1.07
CA HIS B 419 -0.60 -11.16 0.30
C HIS B 419 0.05 -12.45 0.75
N TYR B 420 -0.40 -13.59 0.19
CA TYR B 420 0.12 -14.91 0.55
C TYR B 420 1.50 -15.18 -0.04
N TYR B 421 2.07 -14.22 -0.77
CA TYR B 421 3.46 -14.31 -1.24
C TYR B 421 4.36 -13.45 -0.35
N ASN B 422 3.79 -12.72 0.61
CA ASN B 422 4.54 -11.74 1.40
C ASN B 422 4.76 -12.29 2.82
N PRO B 423 6.01 -12.54 3.24
CA PRO B 423 6.22 -12.93 4.62
C PRO B 423 5.98 -11.83 5.63
N LYS B 424 5.56 -12.22 6.83
CA LYS B 424 5.45 -11.29 7.96
C LYS B 424 6.50 -11.64 9.03
N VAL B 425 7.11 -12.82 8.88
CA VAL B 425 8.09 -13.30 9.86
C VAL B 425 9.51 -13.01 9.41
N GLY B 426 10.44 -13.07 10.36
CA GLY B 426 11.85 -12.83 10.05
C GLY B 426 12.17 -11.34 9.90
N TYR B 427 13.42 -11.05 9.64
CA TYR B 427 13.84 -9.66 9.39
C TYR B 427 13.20 -9.18 8.11
N LYS B 428 13.15 -10.05 7.11
CA LYS B 428 12.50 -9.69 5.84
C LYS B 428 11.02 -9.34 6.01
N GLY B 429 10.30 -10.17 6.77
CA GLY B 429 8.88 -9.92 7.04
C GLY B 429 8.67 -8.64 7.83
N ALA B 430 9.57 -8.39 8.75
CA ALA B 430 9.50 -7.17 9.58
C ALA B 430 9.64 -5.92 8.73
N ILE B 431 10.56 -5.97 7.78
CA ILE B 431 10.71 -4.88 6.82
C ILE B 431 9.41 -4.64 6.06
N ARG B 432 8.78 -5.72 5.56
CA ARG B 432 7.51 -5.59 4.84
C ARG B 432 6.45 -4.94 5.74
N LEU B 433 6.39 -5.37 7.01
CA LEU B 433 5.45 -4.76 7.94
C LEU B 433 5.67 -3.28 8.18
N VAL B 434 6.93 -2.87 8.31
CA VAL B 434 7.23 -1.48 8.59
C VAL B 434 6.89 -0.63 7.37
N GLU B 435 7.12 -1.19 6.17
CA GLU B 435 6.75 -0.51 4.94
C GLU B 435 5.22 -0.31 4.87
N GLU B 436 4.47 -1.36 5.19
CA GLU B 436 3.00 -1.29 5.14
C GLU B 436 2.48 -0.27 6.12
N ILE B 437 3.02 -0.30 7.35
CA ILE B 437 2.56 0.57 8.43
C ILE B 437 2.84 2.01 8.06
N THR B 438 4.07 2.30 7.64
CA THR B 438 4.41 3.66 7.33
C THR B 438 3.67 4.14 6.09
N ASN B 439 3.50 3.27 5.11
CA ASN B 439 2.75 3.61 3.91
C ASN B 439 1.30 4.05 4.23
N VAL B 440 0.59 3.32 5.09
CA VAL B 440 -0.83 3.68 5.37
C VAL B 440 -0.91 4.94 6.24
N ILE B 441 0.05 5.12 7.14
CA ILE B 441 0.17 6.35 7.96
C ILE B 441 0.42 7.58 7.07
N LEU B 442 1.40 7.48 6.20
CA LEU B 442 1.73 8.60 5.28
C LEU B 442 0.64 8.85 4.24
N ASP B 443 0.00 7.80 3.73
CA ASP B 443 -1.12 7.98 2.76
C ASP B 443 -2.25 8.83 3.36
N LYS B 444 -2.58 8.57 4.61
CA LYS B 444 -3.60 9.36 5.30
C LYS B 444 -3.17 10.80 5.53
N ILE B 445 -1.97 11.00 6.03
CA ILE B 445 -1.43 12.36 6.18
C ILE B 445 -1.53 13.14 4.88
N GLU B 446 -1.09 12.53 3.78
CA GLU B 446 -1.04 13.24 2.50
C GLU B 446 -2.39 13.45 1.84
N ARG B 447 -3.38 12.61 2.18
CA ARG B 447 -4.72 12.74 1.61
C ARG B 447 -5.42 13.85 2.37
N GLU B 448 -5.15 13.96 3.67
CA GLU B 448 -5.94 14.86 4.53
C GLU B 448 -5.36 16.20 4.85
N CYS B 449 -4.07 16.39 4.62
CA CYS B 449 -3.45 17.65 4.92
C CYS B 449 -4.03 18.76 4.07
N THR B 450 -3.95 19.99 4.61
CA THR B 450 -4.27 21.16 3.80
C THR B 450 -3.28 21.22 2.64
N GLU B 451 -3.66 21.88 1.54
CA GLU B 451 -2.79 21.98 0.39
C GLU B 451 -1.48 22.67 0.74
N GLU B 452 -1.52 23.68 1.60
CA GLU B 452 -0.28 24.40 1.94
C GLU B 452 0.69 23.49 2.72
N ASP B 453 0.18 22.46 3.40
CA ASP B 453 1.01 21.55 4.16
C ASP B 453 1.44 20.32 3.35
N PHE B 454 1.09 20.26 2.07
CA PHE B 454 1.47 19.14 1.25
C PHE B 454 2.99 19.26 1.03
N GLU B 455 3.69 18.13 0.91
CA GLU B 455 5.16 18.05 0.95
C GLU B 455 5.65 17.19 -0.17
N VAL B 456 6.82 17.50 -0.70
CA VAL B 456 7.50 16.57 -1.58
C VAL B 456 8.17 15.46 -0.79
N VAL B 457 9.15 15.79 0.05
CA VAL B 457 9.90 14.79 0.81
C VAL B 457 9.15 14.47 2.13
N ARG B 458 9.20 13.20 2.54
CA ARG B 458 8.70 12.74 3.85
C ARG B 458 9.74 11.87 4.48
N ASN C 4 43.93 19.60 22.48
CA ASN C 4 42.49 19.98 22.46
C ASN C 4 41.85 19.58 21.11
N LEU C 5 40.54 19.82 21.00
CA LEU C 5 39.76 19.41 19.83
C LEU C 5 40.21 20.03 18.53
N LYS C 6 40.54 21.32 18.54
CA LYS C 6 41.08 21.99 17.36
C LYS C 6 42.31 21.26 16.80
N ASP C 7 43.31 20.98 17.64
CA ASP C 7 44.48 20.24 17.13
C ASP C 7 44.14 18.83 16.61
N GLU C 8 43.22 18.14 17.25
CA GLU C 8 42.77 16.80 16.79
C GLU C 8 42.05 16.90 15.43
N ILE C 9 41.24 17.93 15.25
CA ILE C 9 40.61 18.16 13.95
C ILE C 9 41.66 18.42 12.83
N LEU C 10 42.64 19.27 13.12
CA LEU C 10 43.60 19.69 12.13
C LEU C 10 44.65 18.64 11.76
N GLU C 11 44.85 17.63 12.60
CA GLU C 11 46.01 16.72 12.46
C GLU C 11 46.17 16.07 11.08
N LYS C 12 45.10 15.48 10.54
CA LYS C 12 45.19 14.75 9.28
C LYS C 12 45.33 15.58 7.99
N TYR C 13 45.00 16.85 8.04
CA TYR C 13 45.12 17.71 6.89
C TYR C 13 46.58 17.81 6.41
N ILE C 14 46.77 17.79 5.09
CA ILE C 14 48.09 18.09 4.48
C ILE C 14 48.51 19.52 4.84
N PRO C 15 49.84 19.81 4.85
CA PRO C 15 50.28 21.12 5.40
C PRO C 15 49.58 22.37 4.81
N LYS C 16 49.41 22.42 3.50
CA LYS C 16 48.80 23.57 2.84
C LYS C 16 47.35 23.80 3.35
N THR C 17 46.63 22.69 3.43
CA THR C 17 45.25 22.72 3.89
C THR C 17 45.14 23.00 5.36
N LYS C 18 46.05 22.42 6.15
CA LYS C 18 46.04 22.65 7.59
C LYS C 18 46.20 24.13 7.87
N LYS C 19 47.08 24.80 7.14
CA LYS C 19 47.39 26.19 7.45
C LYS C 19 46.19 27.09 7.13
N THR C 20 45.50 26.77 6.05
CA THR C 20 44.32 27.54 5.68
C THR C 20 43.11 27.24 6.58
N ARG C 21 42.94 26.00 7.01
CA ARG C 21 41.77 25.63 7.82
C ARG C 21 41.88 26.06 9.27
N SER C 22 43.12 26.18 9.75
CA SER C 22 43.31 26.48 11.14
C SER C 22 42.53 27.71 11.60
N GLY C 23 42.49 28.75 10.78
CA GLY C 23 41.82 29.98 11.18
C GLY C 23 40.29 29.88 11.22
N HIS C 24 39.76 28.79 10.65
CA HIS C 24 38.31 28.58 10.57
C HIS C 24 37.75 27.87 11.82
N ILE C 25 38.65 27.49 12.74
CA ILE C 25 38.25 26.84 13.98
C ILE C 25 38.73 27.70 15.16
N VAL C 26 37.81 28.10 16.03
CA VAL C 26 38.20 28.91 17.19
C VAL C 26 37.47 28.42 18.42
N ILE C 27 38.06 28.66 19.59
CA ILE C 27 37.43 28.27 20.85
C ILE C 27 37.10 29.53 21.62
N LYS C 28 35.89 29.66 22.10
CA LYS C 28 35.53 30.78 22.94
C LYS C 28 36.06 30.50 24.35
N THR C 29 36.71 31.49 24.97
CA THR C 29 37.17 31.33 26.34
C THR C 29 36.91 32.56 27.17
N GLU C 30 37.15 32.42 28.47
CA GLU C 30 37.09 33.55 29.39
C GLU C 30 38.04 34.68 28.95
N GLU C 31 39.31 34.36 28.66
CA GLU C 31 40.26 35.40 28.28
C GLU C 31 40.04 35.99 26.87
N THR C 32 39.57 35.19 25.92
CA THR C 32 39.16 35.75 24.61
C THR C 32 37.72 35.34 24.34
N PRO C 33 36.76 36.15 24.83
CA PRO C 33 35.35 35.78 24.65
C PRO C 33 34.91 35.87 23.20
N ASN C 34 35.63 36.64 22.38
CA ASN C 34 35.18 36.92 21.01
C ASN C 34 36.28 36.75 19.96
N PRO C 35 36.80 35.51 19.84
CA PRO C 35 38.00 35.31 19.02
C PRO C 35 37.76 35.63 17.55
N GLU C 36 38.76 36.17 16.88
CA GLU C 36 38.64 36.40 15.47
C GLU C 36 38.64 35.04 14.73
N ILE C 37 37.71 34.92 13.79
CA ILE C 37 37.60 33.70 12.94
C ILE C 37 37.80 34.11 11.48
N VAL C 38 38.24 33.15 10.66
CA VAL C 38 38.35 33.33 9.22
C VAL C 38 37.03 32.74 8.70
N ALA C 39 36.32 33.51 7.89
CA ALA C 39 35.04 33.05 7.33
C ALA C 39 34.82 33.65 5.94
N ASN C 40 33.89 33.09 5.20
CA ASN C 40 33.53 33.63 3.88
C ASN C 40 34.70 33.61 2.90
N THR C 41 35.49 32.53 2.94
CA THR C 41 36.53 32.31 1.98
C THR C 41 36.16 31.12 1.13
N ARG C 42 36.89 30.95 0.03
CA ARG C 42 36.61 29.82 -0.84
C ARG C 42 36.68 28.48 -0.14
N THR C 43 35.87 27.53 -0.62
CA THR C 43 35.93 26.17 -0.17
C THR C 43 37.19 25.52 -0.69
N VAL C 44 37.85 24.76 0.17
CA VAL C 44 38.96 23.93 -0.28
C VAL C 44 38.46 22.81 -1.20
N PRO C 45 38.99 22.72 -2.46
CA PRO C 45 38.52 21.64 -3.35
C PRO C 45 38.80 20.26 -2.76
N GLY C 46 37.80 19.38 -2.84
CA GLY C 46 37.93 17.96 -2.47
C GLY C 46 37.69 17.64 -1.01
N ILE C 47 37.35 18.66 -0.21
CA ILE C 47 37.28 18.50 1.24
C ILE C 47 35.92 17.99 1.80
N ILE C 48 34.93 17.90 0.93
CA ILE C 48 33.57 17.41 1.24
C ILE C 48 32.90 18.42 2.16
N THR C 49 32.43 19.46 1.49
CA THR C 49 31.73 20.60 2.07
C THR C 49 30.22 20.33 1.99
N ALA C 50 29.44 21.10 2.74
CA ALA C 50 27.99 21.01 2.64
C ALA C 50 27.50 22.23 1.88
N ARG C 51 28.40 23.15 1.51
CA ARG C 51 27.99 24.39 0.85
C ARG C 51 27.30 24.22 -0.50
N GLY C 52 26.42 25.18 -0.79
CA GLY C 52 25.80 25.32 -2.09
C GLY C 52 26.36 26.50 -2.88
N CYS C 53 25.61 26.91 -3.90
CA CYS C 53 26.01 27.92 -4.87
C CYS C 53 25.17 29.18 -4.78
N ALA C 54 25.57 30.19 -5.49
CA ALA C 54 24.90 31.50 -5.47
C ALA C 54 23.48 31.46 -6.07
N TYR C 55 23.25 30.56 -7.02
CA TYR C 55 21.92 30.38 -7.60
C TYR C 55 20.99 29.85 -6.51
N ALA C 56 21.47 28.88 -5.72
CA ALA C 56 20.67 28.38 -4.57
C ALA C 56 20.28 29.54 -3.65
N GLY C 57 21.23 30.41 -3.33
CA GLY C 57 21.00 31.51 -2.37
C GLY C 57 20.06 32.55 -2.94
N CYS C 58 20.09 32.76 -4.25
CA CYS C 58 19.27 33.77 -4.92
C CYS C 58 17.85 33.26 -5.25
N LYS C 59 17.77 32.27 -6.14
CA LYS C 59 16.53 31.69 -6.57
C LYS C 59 15.95 30.74 -5.53
N GLY C 60 16.77 29.83 -5.00
CA GLY C 60 16.28 28.76 -4.11
C GLY C 60 15.84 29.30 -2.78
N VAL C 61 16.53 30.35 -2.31
CA VAL C 61 16.36 30.84 -0.92
C VAL C 61 15.58 32.12 -0.85
N VAL C 62 16.11 33.25 -1.36
CA VAL C 62 15.44 34.54 -1.18
C VAL C 62 14.21 34.75 -2.08
N MET C 63 14.32 34.43 -3.37
CA MET C 63 13.28 34.85 -4.30
C MET C 63 12.17 33.83 -4.44
N GLY C 64 12.53 32.54 -4.45
CA GLY C 64 11.58 31.44 -4.66
C GLY C 64 10.30 31.56 -3.88
N PRO C 65 10.37 31.98 -2.59
CA PRO C 65 9.14 31.98 -1.83
C PRO C 65 8.10 33.03 -2.21
N ILE C 66 8.44 33.98 -3.08
CA ILE C 66 7.43 34.91 -3.55
C ILE C 66 6.46 34.17 -4.48
N LYS C 67 5.23 33.98 -3.99
CA LYS C 67 4.38 32.91 -4.48
C LYS C 67 3.60 33.25 -5.75
N ASP C 68 3.48 34.53 -6.08
CA ASP C 68 2.70 34.92 -7.28
C ASP C 68 3.58 35.52 -8.34
N MET C 69 4.88 35.24 -8.23
CA MET C 69 5.84 35.57 -9.25
C MET C 69 6.30 34.24 -9.90
N VAL C 70 6.36 34.17 -11.24
CA VAL C 70 6.90 33.02 -11.90
C VAL C 70 8.42 33.13 -11.94
N HIS C 71 9.11 32.16 -11.35
CA HIS C 71 10.56 32.14 -11.31
C HIS C 71 11.13 31.22 -12.37
N ILE C 72 11.72 31.79 -13.42
CA ILE C 72 12.25 31.01 -14.50
C ILE C 72 13.74 30.84 -14.36
N THR C 73 14.19 29.60 -14.19
CA THR C 73 15.60 29.29 -14.23
C THR C 73 16.10 29.29 -15.68
N HIS C 74 17.07 30.13 -15.98
CA HIS C 74 17.67 30.15 -17.31
C HIS C 74 18.93 29.30 -17.25
N GLY C 75 18.77 28.04 -17.63
CA GLY C 75 19.84 27.09 -17.49
C GLY C 75 19.41 25.74 -17.95
N PRO C 76 20.33 24.77 -17.89
CA PRO C 76 19.97 23.40 -18.10
C PRO C 76 19.08 22.91 -16.96
N ILE C 77 18.48 21.74 -17.16
CA ILE C 77 17.32 21.35 -16.35
C ILE C 77 17.59 21.15 -14.87
N GLY C 78 18.76 20.62 -14.47
CA GLY C 78 19.02 20.31 -13.08
C GLY C 78 18.87 21.49 -12.14
N CYS C 79 19.29 22.67 -12.53
CA CYS C 79 19.19 23.83 -11.63
C CYS C 79 17.73 24.05 -11.24
N SER C 80 16.84 23.74 -12.16
CA SER C 80 15.41 23.88 -11.86
C SER C 80 14.87 22.70 -11.05
N PHE C 81 15.18 21.47 -11.51
CA PHE C 81 14.73 20.26 -10.84
C PHE C 81 15.08 20.21 -9.35
N TYR C 82 16.29 20.68 -9.03
CA TYR C 82 16.75 20.65 -7.64
C TYR C 82 16.20 21.74 -6.73
N THR C 83 15.43 22.64 -7.28
CA THR C 83 14.72 23.63 -6.50
C THR C 83 13.20 23.39 -6.48
N TRP C 84 12.80 22.13 -6.69
CA TRP C 84 11.40 21.77 -6.78
C TRP C 84 10.92 21.14 -5.48
N GLY C 85 10.66 22.01 -4.50
CA GLY C 85 10.01 21.62 -3.26
C GLY C 85 10.89 21.04 -2.17
N GLY C 86 12.21 20.95 -2.38
CA GLY C 86 13.13 20.51 -1.35
C GLY C 86 13.23 21.46 -0.15
N ARG C 87 13.09 22.76 -0.39
CA ARG C 87 13.08 23.78 0.64
C ARG C 87 11.61 24.12 0.95
N ARG C 88 11.22 23.91 2.20
CA ARG C 88 9.81 23.84 2.62
C ARG C 88 9.20 25.17 2.99
N PHE C 89 9.46 26.19 2.18
CA PHE C 89 8.75 27.47 2.34
C PHE C 89 7.26 27.26 2.03
N LYS C 90 6.38 27.66 2.94
CA LYS C 90 4.94 27.35 2.77
C LYS C 90 4.21 28.56 2.24
N SER C 91 3.26 28.30 1.33
CA SER C 91 2.51 29.38 0.71
C SER C 91 1.05 29.03 0.65
N LYS C 92 0.19 30.02 0.78
CA LYS C 92 -1.23 29.79 0.45
C LYS C 92 -1.72 30.93 -0.41
N PRO C 93 -2.75 30.70 -1.22
CA PRO C 93 -3.28 31.76 -2.09
C PRO C 93 -3.74 32.95 -1.25
N GLU C 94 -3.32 34.15 -1.61
CA GLU C 94 -3.64 35.34 -0.82
C GLU C 94 -5.16 35.54 -0.80
N ASN C 95 -5.68 35.75 0.40
CA ASN C 95 -7.11 35.92 0.63
C ASN C 95 -7.89 34.73 0.06
N GLY C 96 -7.25 33.56 -0.03
CA GLY C 96 -7.89 32.38 -0.57
C GLY C 96 -8.03 32.26 -2.07
N THR C 97 -7.68 33.32 -2.83
CA THR C 97 -7.90 33.40 -4.27
C THR C 97 -6.67 33.71 -5.14
N GLY C 98 -5.64 34.29 -4.54
CA GLY C 98 -4.48 34.73 -5.32
C GLY C 98 -3.67 33.60 -5.94
N LEU C 99 -2.78 33.98 -6.85
CA LEU C 99 -1.89 33.03 -7.49
C LEU C 99 -0.88 32.39 -6.51
N ASN C 100 -0.51 31.15 -6.80
CA ASN C 100 0.49 30.40 -6.01
C ASN C 100 1.16 29.40 -6.89
N PHE C 101 2.46 29.66 -7.14
CA PHE C 101 3.25 28.80 -8.02
C PHE C 101 4.20 27.86 -7.24
N ASN C 102 3.98 27.68 -5.93
CA ASN C 102 4.85 26.83 -5.11
C ASN C 102 5.05 25.42 -5.66
N GLU C 103 4.02 24.89 -6.32
CA GLU C 103 4.05 23.49 -6.73
C GLU C 103 4.71 23.26 -8.09
N TYR C 104 5.22 24.34 -8.69
CA TYR C 104 5.81 24.29 -10.00
C TYR C 104 7.27 24.70 -10.01
N VAL C 105 8.03 24.20 -10.98
CA VAL C 105 9.29 24.82 -11.34
C VAL C 105 9.34 25.10 -12.84
N PHE C 106 9.95 26.25 -13.19
CA PHE C 106 9.97 26.76 -14.54
C PHE C 106 11.41 26.89 -15.03
N SER C 107 11.69 26.53 -16.29
CA SER C 107 13.08 26.49 -16.80
C SER C 107 13.07 26.78 -18.29
N THR C 108 14.20 27.23 -18.82
CA THR C 108 14.40 27.22 -20.24
C THR C 108 15.04 25.94 -20.78
N ASP C 109 15.41 25.01 -19.89
CA ASP C 109 15.84 23.65 -20.25
C ASP C 109 16.89 23.76 -21.38
N MET C 110 17.94 24.50 -21.10
CA MET C 110 18.99 24.70 -22.07
C MET C 110 19.53 23.44 -22.69
N GLN C 111 19.71 23.49 -24.01
CA GLN C 111 20.26 22.39 -24.78
C GLN C 111 21.59 22.81 -25.41
N GLU C 112 22.26 21.87 -26.07
CA GLU C 112 23.55 22.20 -26.70
C GLU C 112 23.47 23.38 -27.65
N SER C 113 22.37 23.49 -28.41
CA SER C 113 22.27 24.59 -29.33
C SER C 113 22.24 25.94 -28.59
N ASP C 114 21.66 25.98 -27.38
CA ASP C 114 21.70 27.20 -26.58
C ASP C 114 23.10 27.54 -26.09
N ILE C 115 23.86 26.52 -25.72
CA ILE C 115 25.25 26.75 -25.29
C ILE C 115 26.11 27.30 -26.45
N VAL C 116 25.96 26.71 -27.62
CA VAL C 116 26.77 27.08 -28.79
C VAL C 116 26.38 28.38 -29.41
N PHE C 117 25.07 28.62 -29.58
CA PHE C 117 24.58 29.81 -30.26
C PHE C 117 23.94 30.87 -29.38
N GLY C 118 23.88 30.64 -28.08
CA GLY C 118 23.22 31.58 -27.15
C GLY C 118 21.80 31.13 -26.85
N GLY C 119 21.33 31.53 -25.68
CA GLY C 119 20.04 31.04 -25.18
C GLY C 119 19.02 32.14 -25.10
N VAL C 120 19.32 33.33 -25.65
CA VAL C 120 18.47 34.47 -25.40
C VAL C 120 17.12 34.40 -26.11
N ASN C 121 17.07 33.73 -27.26
CA ASN C 121 15.82 33.65 -27.94
C ASN C 121 14.87 32.67 -27.20
N LYS C 122 15.44 31.58 -26.71
CA LYS C 122 14.62 30.65 -25.95
C LYS C 122 14.13 31.30 -24.66
N LEU C 123 14.99 32.08 -24.00
CA LEU C 123 14.58 32.83 -22.81
C LEU C 123 13.44 33.80 -23.10
N LYS C 124 13.59 34.59 -24.17
CA LYS C 124 12.52 35.49 -24.58
C LYS C 124 11.20 34.73 -24.75
N ASP C 125 11.25 33.63 -25.47
CA ASP C 125 10.06 32.84 -25.76
C ASP C 125 9.46 32.25 -24.47
N ALA C 126 10.32 31.79 -23.55
CA ALA C 126 9.84 31.22 -22.27
C ALA C 126 9.14 32.27 -21.40
N ILE C 127 9.68 33.50 -21.39
CA ILE C 127 9.07 34.57 -20.64
C ILE C 127 7.68 34.87 -21.19
N HIS C 128 7.56 34.97 -22.50
CA HIS C 128 6.23 35.24 -23.07
C HIS C 128 5.27 34.08 -22.83
N GLU C 129 5.76 32.85 -22.95
CA GLU C 129 4.88 31.69 -22.66
C GLU C 129 4.38 31.71 -21.22
N ALA C 130 5.26 32.05 -20.27
CA ALA C 130 4.85 32.12 -18.87
C ALA C 130 3.82 33.21 -18.69
N TYR C 131 4.05 34.35 -19.31
CA TYR C 131 3.14 35.45 -19.14
C TYR C 131 1.74 35.10 -19.67
N GLU C 132 1.71 34.57 -20.88
CA GLU C 132 0.44 34.26 -21.52
C GLU C 132 -0.34 33.12 -20.82
N MET C 133 0.37 32.13 -20.27
CA MET C 133 -0.27 31.01 -19.59
C MET C 133 -0.73 31.33 -18.17
N PHE C 134 0.02 32.18 -17.45
CA PHE C 134 -0.17 32.34 -16.02
C PHE C 134 -0.54 33.74 -15.54
N HIS C 135 -0.27 34.78 -16.34
CA HIS C 135 -0.48 36.19 -15.96
C HIS C 135 -0.07 36.51 -14.52
N PRO C 136 1.18 36.23 -14.17
CA PRO C 136 1.61 36.42 -12.80
C PRO C 136 1.76 37.90 -12.46
N ALA C 137 2.11 38.19 -11.22
CA ALA C 137 2.38 39.55 -10.80
C ALA C 137 3.69 40.06 -11.39
N ALA C 138 4.65 39.14 -11.55
CA ALA C 138 5.95 39.48 -12.06
C ALA C 138 6.64 38.18 -12.49
N ILE C 139 7.76 38.32 -13.23
CA ILE C 139 8.53 37.18 -13.65
C ILE C 139 9.96 37.41 -13.22
N GLY C 140 10.57 36.35 -12.70
CA GLY C 140 12.00 36.39 -12.37
C GLY C 140 12.78 35.53 -13.37
N VAL C 141 13.97 35.98 -13.74
CA VAL C 141 14.86 35.19 -14.54
C VAL C 141 16.19 35.02 -13.79
N TYR C 142 16.58 33.76 -13.59
CA TYR C 142 17.73 33.44 -12.78
C TYR C 142 18.80 32.79 -13.63
N ALA C 143 19.98 33.40 -13.63
CA ALA C 143 21.17 32.82 -14.24
C ALA C 143 21.70 31.60 -13.50
N THR C 144 22.32 30.75 -14.27
CA THR C 144 22.99 29.58 -13.80
C THR C 144 24.39 29.54 -14.43
N CYS C 145 25.19 28.55 -14.06
CA CYS C 145 26.58 28.46 -14.48
C CYS C 145 26.91 28.90 -15.92
N PRO C 146 26.17 28.42 -16.93
CA PRO C 146 26.66 28.72 -18.30
C PRO C 146 26.34 30.10 -18.80
N VAL C 147 25.41 30.79 -18.14
CA VAL C 147 24.74 31.94 -18.77
C VAL C 147 25.62 33.11 -19.19
N GLY C 148 26.42 33.62 -18.28
CA GLY C 148 27.39 34.70 -18.58
C GLY C 148 28.42 34.22 -19.60
N LEU C 149 28.88 33.00 -19.46
CA LEU C 149 29.97 32.51 -20.33
C LEU C 149 29.52 32.35 -21.78
N ILE C 150 28.24 32.03 -22.01
CA ILE C 150 27.75 31.85 -23.40
C ILE C 150 27.30 33.16 -24.00
N GLY C 151 27.37 34.24 -23.23
CA GLY C 151 27.12 35.60 -23.71
C GLY C 151 25.69 36.09 -23.61
N ASP C 152 24.86 35.42 -22.80
CA ASP C 152 23.41 35.79 -22.73
C ASP C 152 23.21 37.02 -21.84
N ASP C 153 22.73 38.13 -22.42
CA ASP C 153 22.47 39.33 -21.65
C ASP C 153 21.02 39.28 -21.12
N ILE C 154 20.85 38.60 -19.99
CA ILE C 154 19.50 38.46 -19.42
C ILE C 154 18.88 39.75 -18.94
N LEU C 155 19.70 40.72 -18.51
CA LEU C 155 19.17 42.01 -18.11
C LEU C 155 18.42 42.69 -19.25
N ALA C 156 19.05 42.70 -20.41
CA ALA C 156 18.40 43.26 -21.61
C ALA C 156 17.16 42.47 -22.10
N VAL C 157 17.23 41.14 -22.07
CA VAL C 157 16.09 40.30 -22.47
C VAL C 157 14.90 40.58 -21.55
N ALA C 158 15.18 40.63 -20.25
CA ALA C 158 14.17 40.99 -19.25
C ALA C 158 13.50 42.31 -19.51
N ALA C 159 14.29 43.37 -19.71
CA ALA C 159 13.77 44.70 -19.94
C ALA C 159 12.98 44.77 -21.23
N THR C 160 13.46 44.12 -22.29
CA THR C 160 12.68 44.08 -23.51
C THR C 160 11.32 43.39 -23.32
N ALA C 161 11.33 42.28 -22.60
CA ALA C 161 10.13 41.53 -22.35
C ALA C 161 9.17 42.29 -21.49
N SER C 162 9.70 42.96 -20.46
CA SER C 162 8.84 43.65 -19.52
C SER C 162 8.04 44.76 -20.26
N LYS C 163 8.71 45.47 -21.14
CA LYS C 163 8.05 46.56 -21.87
C LYS C 163 6.98 46.00 -22.81
N GLU C 164 7.22 44.84 -23.38
CA GLU C 164 6.21 44.24 -24.27
C GLU C 164 5.00 43.70 -23.51
N ILE C 165 5.23 43.01 -22.40
CA ILE C 165 4.14 42.35 -21.68
C ILE C 165 3.44 43.18 -20.61
N GLY C 166 4.07 44.25 -20.10
CA GLY C 166 3.41 45.17 -19.13
C GLY C 166 3.40 44.73 -17.67
N ILE C 167 4.30 43.83 -17.30
CA ILE C 167 4.48 43.47 -15.90
C ILE C 167 5.98 43.43 -15.66
N PRO C 168 6.39 43.52 -14.40
CA PRO C 168 7.82 43.53 -14.15
C PRO C 168 8.52 42.20 -14.47
N VAL C 169 9.74 42.27 -15.01
CA VAL C 169 10.57 41.11 -15.24
C VAL C 169 11.92 41.42 -14.61
N HIS C 170 12.34 40.63 -13.64
CA HIS C 170 13.59 40.92 -12.94
C HIS C 170 14.60 39.85 -13.25
N ALA C 171 15.77 40.28 -13.72
CA ALA C 171 16.90 39.42 -13.98
C ALA C 171 17.87 39.36 -12.81
N PHE C 172 18.39 38.16 -12.53
CA PHE C 172 19.34 38.00 -11.46
C PHE C 172 20.56 37.26 -12.00
N SER C 173 21.73 37.86 -11.88
CA SER C 173 22.96 37.28 -12.36
C SER C 173 23.59 36.47 -11.23
N CYS C 174 22.90 35.40 -10.87
CA CYS C 174 23.31 34.52 -9.78
C CYS C 174 23.96 33.22 -10.28
N GLU C 175 24.79 33.31 -11.33
CA GLU C 175 25.57 32.14 -11.76
C GLU C 175 26.22 31.40 -10.57
N GLY C 176 26.20 30.09 -10.62
CA GLY C 176 26.54 29.27 -9.46
C GLY C 176 27.94 29.49 -8.88
N TYR C 177 28.90 29.86 -9.73
CA TYR C 177 30.28 29.98 -9.30
C TYR C 177 30.64 31.35 -8.69
N LYS C 178 29.68 32.27 -8.70
CA LYS C 178 29.84 33.56 -8.06
C LYS C 178 29.93 33.45 -6.56
N GLY C 179 30.78 34.29 -5.98
CA GLY C 179 31.05 34.13 -4.56
C GLY C 179 31.66 32.79 -4.24
N VAL C 180 31.34 32.29 -3.05
CA VAL C 180 31.91 31.06 -2.52
C VAL C 180 30.87 30.14 -1.89
N SER C 181 29.61 30.54 -1.96
CA SER C 181 28.57 29.88 -1.20
C SER C 181 27.21 30.48 -1.58
N GLN C 182 26.15 30.00 -0.92
CA GLN C 182 24.82 30.61 -1.05
C GLN C 182 24.77 32.11 -0.73
N SER C 183 25.68 32.59 0.15
CA SER C 183 25.68 33.97 0.59
C SER C 183 25.72 35.02 -0.56
N ALA C 184 26.57 34.80 -1.55
CA ALA C 184 26.61 35.68 -2.70
C ALA C 184 25.24 35.82 -3.33
N GLY C 185 24.52 34.73 -3.43
CA GLY C 185 23.19 34.74 -3.97
C GLY C 185 22.21 35.59 -3.17
N HIS C 186 22.29 35.56 -1.84
CA HIS C 186 21.46 36.46 -1.04
C HIS C 186 21.69 37.89 -1.44
N HIS C 187 22.96 38.25 -1.59
CA HIS C 187 23.34 39.64 -1.90
C HIS C 187 22.79 40.07 -3.25
N ILE C 188 22.95 39.20 -4.25
CA ILE C 188 22.41 39.43 -5.57
C ILE C 188 20.90 39.65 -5.55
N ALA C 189 20.19 38.80 -4.83
CA ALA C 189 18.77 38.98 -4.68
C ALA C 189 18.41 40.30 -4.02
N ASN C 190 19.07 40.61 -2.91
CA ASN C 190 18.72 41.82 -2.14
C ASN C 190 18.90 43.07 -2.99
N ASN C 191 19.97 43.10 -3.81
CA ASN C 191 20.23 44.29 -4.68
C ASN C 191 19.04 44.60 -5.56
N THR C 192 18.52 43.59 -6.23
CA THR C 192 17.39 43.79 -7.14
C THR C 192 16.07 44.01 -6.42
N VAL C 193 15.81 43.27 -5.35
CA VAL C 193 14.64 43.48 -4.57
C VAL C 193 14.59 44.93 -4.08
N MET C 194 15.71 45.41 -3.53
CA MET C 194 15.74 46.80 -3.01
C MET C 194 15.52 47.86 -4.11
N THR C 195 16.25 47.76 -5.19
CA THR C 195 16.22 48.79 -6.22
C THR C 195 14.95 48.73 -7.10
N ASP C 196 14.44 47.53 -7.36
CA ASP C 196 13.40 47.36 -8.37
C ASP C 196 12.06 46.93 -7.86
N ILE C 197 11.95 46.54 -6.59
CA ILE C 197 10.66 46.10 -6.04
C ILE C 197 10.20 46.92 -4.85
N ILE C 198 11.04 47.01 -3.81
CA ILE C 198 10.61 47.70 -2.59
C ILE C 198 10.37 49.16 -2.88
N GLY C 199 9.25 49.68 -2.37
CA GLY C 199 8.89 51.07 -2.54
C GLY C 199 8.11 51.39 -3.79
N LYS C 200 7.81 50.39 -4.62
CA LYS C 200 7.08 50.66 -5.85
C LYS C 200 5.59 50.67 -5.65
N GLY C 201 5.12 50.25 -4.48
CA GLY C 201 3.68 50.20 -4.21
C GLY C 201 3.17 51.54 -3.69
N ASN C 202 1.88 51.63 -3.43
CA ASN C 202 1.33 52.89 -2.95
C ASN C 202 0.25 52.69 -1.89
N LYS C 203 0.27 51.57 -1.18
CA LYS C 203 -0.69 51.34 -0.10
C LYS C 203 -0.49 52.26 1.09
N GLU C 204 -1.58 52.55 1.78
CA GLU C 204 -1.52 53.40 2.95
C GLU C 204 -0.94 52.63 4.16
N GLN C 205 -0.02 53.23 4.92
CA GLN C 205 0.52 52.55 6.10
C GLN C 205 -0.48 52.40 7.23
N LYS C 206 -0.54 51.24 7.86
CA LYS C 206 -1.39 51.05 9.06
C LYS C 206 -0.67 51.28 10.37
N LYS C 207 -1.43 51.40 11.44
CA LYS C 207 -0.86 51.60 12.74
C LYS C 207 -0.08 50.36 13.21
N TYR C 208 1.01 50.59 13.93
CA TYR C 208 1.82 49.52 14.53
C TYR C 208 2.34 48.52 13.48
N SER C 209 2.82 49.05 12.36
CA SER C 209 3.20 48.19 11.24
C SER C 209 4.63 47.74 11.37
N ILE C 210 4.85 46.43 11.19
CA ILE C 210 6.18 45.87 11.27
C ILE C 210 6.36 44.97 10.05
N ASN C 211 7.61 44.79 9.64
CA ASN C 211 7.96 43.74 8.67
C ASN C 211 8.80 42.72 9.39
N VAL C 212 8.73 41.45 8.95
CA VAL C 212 9.67 40.45 9.42
C VAL C 212 10.58 40.16 8.22
N LEU C 213 11.88 40.40 8.37
CA LEU C 213 12.82 40.35 7.26
C LEU C 213 13.68 39.12 7.44
N GLY C 214 13.87 38.38 6.37
CA GLY C 214 14.76 37.22 6.43
C GLY C 214 14.04 36.11 7.14
N GLU C 215 12.79 35.91 6.75
CA GLU C 215 11.98 34.84 7.30
C GLU C 215 11.18 34.24 6.14
N TYR C 216 11.31 32.93 5.97
CA TYR C 216 10.87 32.30 4.74
C TYR C 216 9.77 31.30 4.95
N ASN C 217 9.17 31.30 6.14
CA ASN C 217 8.02 30.47 6.44
C ASN C 217 8.28 28.98 6.23
N ILE C 218 9.47 28.52 6.60
CA ILE C 218 9.77 27.10 6.51
C ILE C 218 8.83 26.36 7.48
N GLY C 219 8.12 25.39 6.95
CA GLY C 219 7.23 24.59 7.74
C GLY C 219 6.15 25.39 8.48
N GLY C 220 5.86 26.60 7.99
CA GLY C 220 4.83 27.41 8.61
C GLY C 220 5.33 28.31 9.75
N ASP C 221 6.65 28.43 9.95
CA ASP C 221 7.21 29.33 10.98
C ASP C 221 6.60 30.75 10.99
N ALA C 222 6.44 31.34 9.81
CA ALA C 222 6.04 32.75 9.73
C ALA C 222 4.58 32.91 10.17
N TRP C 223 3.76 31.96 9.78
CA TRP C 223 2.37 31.97 10.23
C TRP C 223 2.25 31.85 11.72
N GLU C 224 3.13 31.05 12.34
CA GLU C 224 3.12 30.95 13.80
C GLU C 224 3.58 32.28 14.43
N MET C 225 4.64 32.89 13.95
CA MET C 225 5.01 34.21 14.49
C MET C 225 3.91 35.29 14.24
N ASP C 226 3.28 35.28 13.09
CA ASP C 226 2.17 36.19 12.79
C ASP C 226 0.97 36.01 13.70
N ARG C 227 0.64 34.76 14.03
CA ARG C 227 -0.40 34.49 14.99
C ARG C 227 -0.17 35.27 16.32
N VAL C 228 1.03 35.17 16.87
CA VAL C 228 1.31 35.82 18.15
C VAL C 228 1.36 37.35 17.99
N LEU C 229 2.03 37.82 16.93
CA LEU C 229 2.21 39.24 16.72
C LEU C 229 0.89 39.93 16.50
N GLU C 230 -0.01 39.31 15.75
CA GLU C 230 -1.33 39.86 15.48
C GLU C 230 -2.22 39.85 16.74
N LYS C 231 -2.05 38.85 17.60
CA LYS C 231 -2.80 38.79 18.85
C LYS C 231 -2.43 39.96 19.79
N ILE C 232 -1.18 40.40 19.76
CA ILE C 232 -0.70 41.50 20.59
C ILE C 232 -1.19 42.84 20.05
N GLY C 233 -1.34 42.92 18.74
CA GLY C 233 -1.93 44.07 18.06
C GLY C 233 -1.09 44.66 16.92
N TYR C 234 0.05 44.08 16.59
CA TYR C 234 0.84 44.57 15.45
C TYR C 234 0.16 44.26 14.17
N HIS C 235 0.42 45.10 13.17
CA HIS C 235 0.05 44.78 11.81
C HIS C 235 1.30 44.25 11.13
N VAL C 236 1.27 43.01 10.65
CA VAL C 236 2.42 42.49 9.92
C VAL C 236 2.34 42.94 8.48
N ASN C 237 3.09 43.97 8.14
CA ASN C 237 3.01 44.56 6.82
C ASN C 237 3.58 43.64 5.72
N ALA C 238 4.78 43.11 5.93
CA ALA C 238 5.39 42.23 4.96
C ALA C 238 6.30 41.27 5.67
N THR C 239 6.39 40.06 5.12
CA THR C 239 7.41 39.13 5.52
C THR C 239 8.24 38.92 4.29
N LEU C 240 9.54 39.17 4.39
CA LEU C 240 10.46 38.95 3.27
C LEU C 240 11.20 37.64 3.48
N THR C 241 10.83 36.58 2.79
CA THR C 241 9.84 36.57 1.71
C THR C 241 8.82 35.43 1.90
N GLY C 242 8.75 34.86 3.08
CA GLY C 242 7.92 33.64 3.34
C GLY C 242 6.45 33.99 3.16
N ASP C 243 5.75 33.19 2.37
CA ASP C 243 4.36 33.39 1.97
C ASP C 243 4.07 34.76 1.34
N ALA C 244 5.08 35.44 0.81
CA ALA C 244 4.90 36.80 0.34
C ALA C 244 4.23 36.85 -1.01
N THR C 245 3.38 37.85 -1.21
CA THR C 245 3.04 38.30 -2.53
C THR C 245 4.03 39.34 -3.02
N TYR C 246 4.06 39.47 -4.32
CA TYR C 246 4.89 40.47 -4.96
C TYR C 246 4.51 41.88 -4.49
N GLU C 247 3.21 42.11 -4.40
CA GLU C 247 2.71 43.43 -3.98
C GLU C 247 3.07 43.77 -2.52
N LYS C 248 3.04 42.77 -1.63
CA LYS C 248 3.52 43.00 -0.26
C LYS C 248 4.99 43.41 -0.23
N VAL C 249 5.84 42.78 -1.04
CA VAL C 249 7.22 43.21 -1.13
C VAL C 249 7.32 44.64 -1.68
N GLN C 250 6.51 44.98 -2.70
CA GLN C 250 6.49 46.32 -3.21
C GLN C 250 6.15 47.35 -2.11
N ASN C 251 5.35 46.94 -1.13
CA ASN C 251 4.93 47.84 -0.05
C ASN C 251 5.69 47.65 1.25
N ALA C 252 6.91 47.08 1.19
CA ALA C 252 7.66 46.83 2.41
C ALA C 252 8.04 48.14 3.10
N ASP C 253 8.07 49.23 2.34
CA ASP C 253 8.39 50.53 2.94
C ASP C 253 7.33 51.10 3.91
N LYS C 254 6.15 50.49 3.93
CA LYS C 254 5.03 50.91 4.79
C LYS C 254 5.05 50.23 6.16
N ALA C 255 6.16 50.41 6.86
CA ALA C 255 6.32 49.87 8.18
C ALA C 255 7.07 50.85 9.05
N ASP C 256 6.94 50.72 10.37
CA ASP C 256 7.71 51.51 11.32
C ASP C 256 8.92 50.80 11.88
N LEU C 257 8.96 49.48 11.80
CA LEU C 257 10.07 48.73 12.37
C LEU C 257 10.31 47.44 11.55
N ASN C 258 11.57 47.19 11.22
CA ASN C 258 11.98 45.96 10.54
C ASN C 258 12.53 44.97 11.54
N LEU C 259 11.95 43.78 11.59
CA LEU C 259 12.49 42.75 12.46
C LEU C 259 13.39 41.92 11.59
N VAL C 260 14.61 41.68 12.01
CA VAL C 260 15.59 40.92 11.19
C VAL C 260 15.82 39.54 11.81
N GLN C 261 15.21 38.50 11.23
CA GLN C 261 15.35 37.16 11.78
C GLN C 261 16.66 36.60 11.28
N CYS C 262 16.78 36.43 9.97
CA CYS C 262 18.06 35.99 9.37
C CYS C 262 18.91 37.17 8.99
N HIS C 263 19.93 37.48 9.81
CA HIS C 263 20.84 38.59 9.50
C HIS C 263 21.60 38.37 8.18
N ARG C 264 22.18 37.22 8.02
CA ARG C 264 22.98 36.95 6.86
C ARG C 264 22.32 37.22 5.54
N SER C 265 21.09 36.76 5.40
CA SER C 265 20.45 36.80 4.08
C SER C 265 19.81 38.12 3.76
N ILE C 266 19.46 38.94 4.77
CA ILE C 266 18.59 40.09 4.55
C ILE C 266 19.23 41.40 5.08
N ASN C 267 20.46 41.35 5.61
CA ASN C 267 21.03 42.55 6.27
C ASN C 267 21.18 43.68 5.25
N TYR C 268 21.47 43.35 3.99
CA TYR C 268 21.58 44.34 2.93
C TYR C 268 20.31 45.20 2.84
N ILE C 269 19.16 44.58 2.70
CA ILE C 269 17.90 45.30 2.67
C ILE C 269 17.59 46.01 3.98
N ALA C 270 17.81 45.39 5.13
CA ALA C 270 17.61 46.11 6.40
C ALA C 270 18.36 47.48 6.42
N GLU C 271 19.63 47.45 6.06
CA GLU C 271 20.45 48.66 6.15
C GLU C 271 20.02 49.64 5.08
N MET C 272 19.67 49.15 3.91
CA MET C 272 19.31 50.03 2.80
C MET C 272 17.92 50.66 3.07
N MET C 273 17.04 49.94 3.74
CA MET C 273 15.74 50.51 4.08
C MET C 273 15.90 51.60 5.13
N GLU C 274 16.84 51.43 6.03
CA GLU C 274 17.06 52.44 7.05
C GLU C 274 17.57 53.72 6.39
N THR C 275 18.53 53.57 5.49
CA THR C 275 19.09 54.71 4.75
C THR C 275 18.07 55.42 3.89
N LYS C 276 17.29 54.65 3.14
CA LYS C 276 16.39 55.23 2.16
C LYS C 276 15.08 55.74 2.72
N TYR C 277 14.54 55.07 3.73
CA TYR C 277 13.23 55.40 4.23
C TYR C 277 13.19 55.85 5.66
N GLY C 278 14.29 55.62 6.38
CA GLY C 278 14.38 55.92 7.82
C GLY C 278 13.86 54.86 8.76
N ILE C 279 13.53 53.69 8.22
CA ILE C 279 12.94 52.61 9.05
C ILE C 279 14.04 51.89 9.81
N PRO C 280 13.96 51.92 11.13
CA PRO C 280 14.98 51.22 11.88
C PRO C 280 14.71 49.71 11.92
N TRP C 281 15.72 48.96 12.28
CA TRP C 281 15.62 47.51 12.41
C TRP C 281 16.13 47.01 13.73
N ILE C 282 15.59 45.90 14.21
CA ILE C 282 16.15 45.21 15.39
C ILE C 282 16.36 43.76 15.08
N LYS C 283 17.37 43.15 15.67
CA LYS C 283 17.54 41.69 15.48
C LYS C 283 16.37 41.02 16.20
N CYS C 284 15.76 40.05 15.57
CA CYS C 284 14.77 39.30 16.30
C CYS C 284 15.12 37.82 16.30
N ASN C 285 14.62 37.14 17.30
CA ASN C 285 14.73 35.71 17.27
C ASN C 285 13.50 35.05 17.76
N PHE C 286 12.72 34.49 16.83
CA PHE C 286 11.48 33.91 17.19
C PHE C 286 11.61 32.40 17.43
N ILE C 287 12.81 31.93 17.67
CA ILE C 287 13.03 30.54 18.03
C ILE C 287 13.46 30.40 19.52
N GLY C 288 12.71 29.61 20.28
CA GLY C 288 13.02 29.40 21.68
C GLY C 288 12.23 30.38 22.55
N VAL C 289 11.75 29.94 23.70
CA VAL C 289 11.00 30.82 24.59
C VAL C 289 11.79 32.12 24.88
N ASP C 290 13.08 32.02 25.17
CA ASP C 290 13.86 33.19 25.62
C ASP C 290 14.05 34.20 24.52
N GLY C 291 14.28 33.69 23.31
CA GLY C 291 14.45 34.58 22.17
C GLY C 291 13.16 35.29 21.84
N ILE C 292 12.06 34.55 21.85
CA ILE C 292 10.75 35.05 21.51
C ILE C 292 10.34 36.16 22.48
N VAL C 293 10.44 35.82 23.75
CA VAL C 293 10.13 36.81 24.79
C VAL C 293 11.02 38.08 24.71
N GLU C 294 12.32 37.94 24.53
CA GLU C 294 13.17 39.13 24.43
C GLU C 294 12.83 39.93 23.18
N THR C 295 12.61 39.25 22.06
CA THR C 295 12.12 39.96 20.88
C THR C 295 10.82 40.74 21.13
N LEU C 296 9.83 40.10 21.72
CA LEU C 296 8.54 40.76 21.94
C LEU C 296 8.71 41.96 22.93
N ARG C 297 9.56 41.79 23.93
CA ARG C 297 9.82 42.90 24.87
C ARG C 297 10.52 44.08 24.20
N ASP C 298 11.52 43.79 23.38
CA ASP C 298 12.24 44.80 22.59
C ASP C 298 11.32 45.58 21.65
N MET C 299 10.45 44.86 20.95
CA MET C 299 9.49 45.50 20.03
C MET C 299 8.59 46.48 20.80
N ALA C 300 8.10 46.05 21.95
CA ALA C 300 7.21 46.90 22.74
C ALA C 300 7.94 48.19 23.23
N LYS C 301 9.22 48.06 23.61
CA LYS C 301 10.00 49.20 24.03
C LYS C 301 10.20 50.17 22.87
N CYS C 302 10.39 49.64 21.66
CA CYS C 302 10.50 50.51 20.50
C CYS C 302 9.26 51.35 20.25
N PHE C 303 8.09 50.76 20.39
CA PHE C 303 6.83 51.44 20.06
C PHE C 303 6.34 52.30 21.21
N ASP C 304 6.74 51.92 22.42
CA ASP C 304 6.57 52.73 23.60
C ASP C 304 5.13 53.14 23.79
N ASP C 305 4.26 52.15 23.83
CA ASP C 305 2.83 52.38 23.95
C ASP C 305 2.29 51.50 25.07
N PRO C 306 1.73 52.12 26.11
CA PRO C 306 1.15 51.43 27.28
C PRO C 306 0.21 50.23 27.01
N GLU C 307 -0.67 50.35 26.02
CA GLU C 307 -1.61 49.29 25.68
C GLU C 307 -0.85 48.10 25.09
N LEU C 308 -0.04 48.37 24.08
CA LEU C 308 0.79 47.39 23.44
C LEU C 308 1.71 46.70 24.44
N THR C 309 2.33 47.48 25.32
CA THR C 309 3.25 46.91 26.30
C THR C 309 2.53 45.95 27.27
N LYS C 310 1.34 46.34 27.69
CA LYS C 310 0.50 45.51 28.55
C LYS C 310 0.02 44.23 27.85
N ARG C 311 -0.50 44.35 26.62
CA ARG C 311 -0.93 43.19 25.81
C ARG C 311 0.23 42.22 25.58
N THR C 312 1.43 42.76 25.39
CA THR C 312 2.62 41.97 25.20
C THR C 312 2.86 41.05 26.39
N GLU C 313 2.81 41.59 27.60
CA GLU C 313 2.95 40.74 28.78
C GLU C 313 1.81 39.75 28.97
N GLU C 314 0.59 40.16 28.68
CA GLU C 314 -0.57 39.28 28.82
C GLU C 314 -0.47 38.09 27.88
N VAL C 315 -0.02 38.34 26.64
CA VAL C 315 0.10 37.29 25.66
C VAL C 315 1.28 36.36 25.97
N ILE C 316 2.42 36.91 26.39
CA ILE C 316 3.57 36.10 26.80
C ILE C 316 3.25 35.16 27.95
N ALA C 317 2.61 35.68 29.00
CA ALA C 317 2.09 34.83 30.10
C ALA C 317 1.13 33.72 29.67
N GLU C 318 0.14 34.05 28.85
CA GLU C 318 -0.85 33.10 28.39
C GLU C 318 -0.24 31.99 27.52
N GLU C 319 0.71 32.36 26.66
CA GLU C 319 1.33 31.40 25.71
C GLU C 319 2.28 30.46 26.44
N ILE C 320 3.04 30.99 27.38
CA ILE C 320 3.95 30.21 28.20
C ILE C 320 3.18 29.28 29.14
N ALA C 321 2.09 29.74 29.72
CA ALA C 321 1.33 28.90 30.65
C ALA C 321 0.78 27.70 29.90
N ALA C 322 0.24 27.92 28.70
CA ALA C 322 -0.29 26.82 27.87
C ALA C 322 0.73 25.72 27.50
N ILE C 323 2.01 26.02 27.44
CA ILE C 323 3.05 25.02 27.08
C ILE C 323 4.02 24.64 28.20
N GLN C 324 3.84 25.22 29.37
CA GLN C 324 4.80 24.97 30.46
C GLN C 324 4.94 23.49 30.85
N ASP C 325 3.83 22.75 30.84
CA ASP C 325 3.89 21.29 31.12
C ASP C 325 4.82 20.55 30.13
N ASP C 326 4.75 20.92 28.86
CA ASP C 326 5.60 20.34 27.84
C ASP C 326 7.06 20.70 28.06
N LEU C 327 7.33 21.98 28.32
CA LEU C 327 8.69 22.47 28.57
C LEU C 327 9.35 21.74 29.74
N ASP C 328 8.59 21.54 30.82
CA ASP C 328 9.07 20.72 31.95
C ASP C 328 9.40 19.32 31.57
N TYR C 329 8.54 18.73 30.74
CA TYR C 329 8.74 17.39 30.20
C TYR C 329 10.04 17.28 29.38
N PHE C 330 10.26 18.23 28.48
CA PHE C 330 11.43 18.21 27.63
C PHE C 330 12.69 18.23 28.51
N LYS C 331 12.70 19.12 29.49
CA LYS C 331 13.85 19.22 30.39
C LYS C 331 14.06 17.94 31.19
N GLU C 332 13.00 17.36 31.74
CA GLU C 332 13.14 16.06 32.41
C GLU C 332 13.78 15.02 31.51
N LYS C 333 13.35 14.96 30.24
CA LYS C 333 13.74 13.87 29.37
C LYS C 333 15.12 14.11 28.74
N LEU C 334 15.53 15.37 28.66
CA LEU C 334 16.71 15.67 27.88
C LEU C 334 17.88 16.26 28.68
N GLN C 335 17.66 16.72 29.91
CA GLN C 335 18.73 17.47 30.56
C GLN C 335 19.95 16.56 30.74
N GLY C 336 21.14 17.16 30.61
CA GLY C 336 22.36 16.45 30.80
C GLY C 336 22.93 15.97 29.49
N LYS C 337 22.12 15.95 28.43
CA LYS C 337 22.60 15.47 27.12
C LYS C 337 23.39 16.58 26.42
N THR C 338 24.22 16.19 25.47
CA THR C 338 25.02 17.16 24.74
C THR C 338 24.66 17.16 23.26
N ALA C 339 24.89 18.28 22.63
CA ALA C 339 24.62 18.47 21.21
C ALA C 339 25.73 19.24 20.48
N CYS C 340 25.74 19.08 19.14
CA CYS C 340 26.44 19.94 18.24
C CYS C 340 25.42 20.41 17.22
N LEU C 341 25.68 21.56 16.62
CA LEU C 341 24.77 22.17 15.67
C LEU C 341 25.57 22.58 14.44
N TYR C 342 25.08 22.23 13.25
CA TYR C 342 25.72 22.77 12.06
C TYR C 342 24.66 23.22 11.10
N VAL C 343 24.54 24.51 10.88
CA VAL C 343 23.62 24.96 9.88
C VAL C 343 24.29 25.88 8.87
N GLY C 344 23.49 26.58 8.09
CA GLY C 344 24.03 27.40 6.97
C GLY C 344 24.66 28.69 7.43
N GLY C 345 23.82 29.64 7.82
CA GLY C 345 24.33 30.97 8.16
C GLY C 345 23.65 31.71 9.31
N SER C 346 22.71 31.03 9.97
N SER C 346 22.72 31.09 9.99
CA SER C 346 21.80 31.60 11.00
CA SER C 346 22.02 31.78 11.03
C SER C 346 21.21 30.63 12.08
C SER C 346 21.67 30.79 12.11
N ARG C 347 20.67 29.49 11.67
N ARG C 347 21.12 31.32 13.16
CA ARG C 347 20.00 28.61 12.64
CA ARG C 347 20.46 30.60 14.19
C ARG C 347 20.86 28.00 13.72
C ARG C 347 21.11 29.78 15.18
N SER C 348 22.13 27.83 13.44
N SER C 348 22.36 29.62 15.01
CA SER C 348 23.01 27.34 14.48
CA SER C 348 23.01 28.62 15.78
C SER C 348 22.88 28.24 15.72
C SER C 348 22.99 28.91 17.28
N HIS C 349 22.72 29.53 15.48
N HIS C 349 23.08 30.18 17.68
CA HIS C 349 22.62 30.55 16.54
CA HIS C 349 22.98 30.48 19.11
C HIS C 349 21.20 30.63 17.12
C HIS C 349 21.58 30.21 19.66
N THR C 350 20.19 30.72 16.26
N THR C 350 20.57 30.53 18.86
CA THR C 350 18.83 31.04 16.74
CA THR C 350 19.19 30.38 19.30
C THR C 350 18.18 29.92 17.60
C THR C 350 18.85 28.88 19.53
N TYR C 351 18.61 28.67 17.40
N TYR C 351 19.37 28.00 18.69
CA TYR C 351 18.08 27.50 18.11
CA TYR C 351 19.15 26.56 18.89
C TYR C 351 18.74 27.27 19.46
C TYR C 351 19.95 26.09 20.10
N MET C 352 19.82 27.98 19.74
N MET C 352 21.17 26.60 20.26
CA MET C 352 20.57 27.72 20.97
CA MET C 352 21.94 26.23 21.43
C MET C 352 19.81 28.03 22.26
C MET C 352 21.20 26.67 22.69
N ASN C 353 19.00 29.09 22.29
N ASN C 353 20.37 27.72 22.56
CA ASN C 353 18.38 29.50 23.54
CA ASN C 353 19.56 28.27 23.67
C ASN C 353 17.45 28.36 23.91
C ASN C 353 18.15 27.64 23.93
N MET C 354 17.24 27.50 22.93
CA MET C 354 16.18 26.52 23.09
C MET C 354 16.71 25.22 23.69
N LEU C 355 17.79 24.69 23.13
CA LEU C 355 18.41 23.48 23.64
C LEU C 355 18.84 23.67 25.10
N LYS C 356 19.32 24.87 25.40
CA LYS C 356 19.82 25.13 26.76
C LYS C 356 18.64 25.16 27.74
N SER C 357 17.52 25.73 27.32
CA SER C 357 16.28 25.68 28.12
C SER C 357 15.84 24.25 28.48
N PHE C 358 16.16 23.25 27.63
CA PHE C 358 15.88 21.84 27.89
C PHE C 358 17.00 21.10 28.68
N GLY C 359 18.05 21.83 29.08
CA GLY C 359 19.13 21.22 29.80
C GLY C 359 20.19 20.57 28.96
N VAL C 360 20.14 20.85 27.65
CA VAL C 360 21.08 20.24 26.71
C VAL C 360 22.20 21.27 26.46
N ASP C 361 23.43 20.81 26.61
CA ASP C 361 24.64 21.60 26.48
C ASP C 361 25.17 21.47 25.01
N SER C 362 25.28 22.59 24.32
CA SER C 362 25.81 22.66 22.94
C SER C 362 27.33 22.89 22.97
N LEU C 363 28.09 21.94 22.46
CA LEU C 363 29.53 21.96 22.56
C LEU C 363 30.25 22.54 21.33
N VAL C 364 29.68 22.31 20.16
CA VAL C 364 30.32 22.65 18.88
C VAL C 364 29.26 23.24 18.01
N ALA C 365 29.55 24.39 17.42
CA ALA C 365 28.64 25.03 16.48
C ALA C 365 29.38 25.48 15.24
N GLY C 366 28.68 25.50 14.12
CA GLY C 366 29.34 25.99 12.94
C GLY C 366 28.35 26.56 12.00
N PHE C 367 28.85 27.36 11.06
CA PHE C 367 28.09 27.73 9.92
C PHE C 367 28.74 27.17 8.60
N GLU C 368 27.95 26.80 7.60
CA GLU C 368 28.46 26.58 6.27
C GLU C 368 29.11 27.84 5.67
N PHE C 369 28.44 28.98 5.78
CA PHE C 369 28.78 30.14 4.93
C PHE C 369 28.58 31.52 5.61
N ALA C 370 28.43 31.55 6.93
CA ALA C 370 28.26 32.83 7.62
C ALA C 370 29.53 33.66 7.43
N HIS C 371 29.38 34.96 7.62
CA HIS C 371 30.52 35.88 7.51
C HIS C 371 31.02 36.20 8.91
N ARG C 372 32.16 36.89 8.98
CA ARG C 372 32.73 37.30 10.26
C ARG C 372 31.71 38.09 11.11
N ASP C 373 30.93 38.99 10.48
CA ASP C 373 29.83 39.68 11.24
C ASP C 373 28.84 38.74 12.00
N ASP C 374 28.50 37.60 11.40
CA ASP C 374 27.55 36.69 12.04
C ASP C 374 28.14 36.01 13.27
N TYR C 375 29.45 35.79 13.23
CA TYR C 375 30.15 35.08 14.29
C TYR C 375 30.45 36.08 15.44
N GLU C 376 31.04 37.18 15.06
CA GLU C 376 31.73 38.08 16.00
C GLU C 376 30.88 39.29 16.36
N GLY C 377 29.81 39.52 15.62
CA GLY C 377 29.01 40.74 15.79
C GLY C 377 29.35 41.70 14.71
N ARG C 378 28.42 42.62 14.41
CA ARG C 378 28.62 43.60 13.33
C ARG C 378 29.63 44.67 13.73
N GLU C 379 29.90 44.78 15.03
CA GLU C 379 30.99 45.66 15.49
C GLU C 379 32.24 45.43 14.65
N VAL C 380 32.59 44.17 14.35
CA VAL C 380 33.79 43.88 13.52
C VAL C 380 33.71 44.25 12.05
N ILE C 381 32.59 44.77 11.54
CA ILE C 381 32.50 45.01 10.06
C ILE C 381 33.56 45.97 9.47
N PRO C 382 34.04 46.95 10.27
CA PRO C 382 35.13 47.78 9.70
C PRO C 382 36.39 46.99 9.31
N THR C 383 36.70 45.91 10.03
CA THR C 383 37.98 45.18 9.81
C THR C 383 37.93 44.19 8.63
N ILE C 384 36.73 43.85 8.16
CA ILE C 384 36.57 42.83 7.12
C ILE C 384 36.98 43.38 5.76
N LYS C 385 37.85 42.70 5.03
CA LYS C 385 38.08 43.06 3.62
C LYS C 385 37.78 41.88 2.67
N ILE C 386 37.05 42.18 1.61
CA ILE C 386 36.62 41.20 0.62
C ILE C 386 37.74 40.63 -0.22
N ASP C 387 37.74 39.32 -0.41
CA ASP C 387 38.83 38.71 -1.17
C ASP C 387 38.48 38.59 -2.67
N ALA C 388 39.41 38.04 -3.44
CA ALA C 388 39.23 37.91 -4.91
C ALA C 388 37.95 37.13 -5.29
N ASP C 389 37.52 36.19 -4.46
CA ASP C 389 36.44 35.29 -4.87
C ASP C 389 35.07 35.86 -4.66
N SER C 390 34.97 36.94 -3.88
CA SER C 390 33.66 37.56 -3.67
C SER C 390 33.61 39.02 -4.10
N LYS C 391 34.72 39.49 -4.66
CA LYS C 391 34.90 40.92 -4.99
C LYS C 391 33.89 41.41 -6.04
N ASN C 392 33.51 40.54 -6.97
CA ASN C 392 32.70 40.97 -8.12
C ASN C 392 31.19 40.96 -7.90
N ILE C 393 30.75 40.80 -6.65
CA ILE C 393 29.33 41.00 -6.33
C ILE C 393 29.06 42.50 -6.18
N PRO C 394 28.19 43.06 -7.04
CA PRO C 394 27.91 44.50 -7.02
C PRO C 394 27.47 44.99 -5.64
N GLU C 395 27.97 46.15 -5.27
CA GLU C 395 27.64 46.77 -3.99
C GLU C 395 26.80 47.97 -4.32
N ILE C 396 25.54 47.98 -3.92
CA ILE C 396 24.71 49.10 -4.32
C ILE C 396 24.62 50.13 -3.19
N THR C 397 24.43 51.37 -3.59
CA THR C 397 24.31 52.51 -2.69
C THR C 397 22.91 53.06 -2.89
N VAL C 398 22.21 53.36 -1.78
CA VAL C 398 20.95 54.09 -1.87
C VAL C 398 21.11 55.47 -1.22
N THR C 399 20.17 56.34 -1.58
CA THR C 399 20.08 57.66 -1.00
C THR C 399 18.66 57.87 -0.42
N PRO C 400 18.53 58.74 0.58
CA PRO C 400 17.21 58.93 1.15
C PRO C 400 16.21 59.34 0.10
N ASP C 401 15.00 58.79 0.21
CA ASP C 401 13.93 59.11 -0.72
C ASP C 401 13.36 60.42 -0.19
N GLU C 402 13.51 61.51 -0.95
CA GLU C 402 13.07 62.82 -0.48
C GLU C 402 11.58 62.88 -0.13
N GLN C 403 10.75 62.14 -0.85
CA GLN C 403 9.30 62.14 -0.56
C GLN C 403 8.98 61.28 0.65
N LYS C 404 9.63 60.13 0.77
CA LYS C 404 9.15 59.11 1.71
C LYS C 404 9.93 58.95 3.01
N TYR C 405 11.11 59.55 3.10
CA TYR C 405 11.94 59.38 4.29
C TYR C 405 11.21 59.96 5.49
N ARG C 406 11.29 59.27 6.63
CA ARG C 406 10.78 59.85 7.88
C ARG C 406 11.64 59.43 9.03
N VAL C 407 11.71 60.30 10.02
CA VAL C 407 12.29 59.92 11.27
C VAL C 407 11.22 59.10 12.00
N VAL C 408 11.47 57.82 12.16
CA VAL C 408 10.52 56.99 12.86
C VAL C 408 10.72 57.06 14.35
N ILE C 409 11.90 56.75 14.84
CA ILE C 409 12.21 56.89 16.26
C ILE C 409 13.24 58.02 16.42
N PRO C 410 12.87 59.12 17.11
CA PRO C 410 13.79 60.27 17.24
C PRO C 410 15.13 59.85 17.83
N GLU C 411 16.20 60.57 17.48
CA GLU C 411 17.55 60.16 17.89
C GLU C 411 17.71 60.00 19.43
N ASP C 412 17.05 60.83 20.23
CA ASP C 412 17.24 60.75 21.70
C ASP C 412 16.57 59.46 22.23
N LYS C 413 15.41 59.15 21.67
CA LYS C 413 14.78 57.87 21.97
C LYS C 413 15.68 56.68 21.51
N VAL C 414 16.29 56.77 20.33
CA VAL C 414 17.24 55.74 19.89
C VAL C 414 18.36 55.55 20.92
N GLU C 415 18.92 56.65 21.43
CA GLU C 415 19.99 56.57 22.45
C GLU C 415 19.50 55.85 23.70
N GLU C 416 18.33 56.25 24.19
CA GLU C 416 17.77 55.66 25.41
C GLU C 416 17.44 54.15 25.27
N LEU C 417 16.94 53.75 24.10
CA LEU C 417 16.64 52.34 23.87
C LEU C 417 17.90 51.48 23.86
N LYS C 418 18.99 52.01 23.30
CA LYS C 418 20.23 51.26 23.23
C LYS C 418 20.83 51.02 24.61
N LYS C 419 20.81 52.07 25.44
CA LYS C 419 21.21 51.95 26.85
C LYS C 419 20.34 50.95 27.60
N ALA C 420 19.06 50.88 27.26
CA ALA C 420 18.18 49.87 27.85
C ALA C 420 18.30 48.46 27.26
N GLY C 421 19.31 48.21 26.40
CA GLY C 421 19.57 46.86 25.86
C GLY C 421 18.79 46.42 24.63
N VAL C 422 18.14 47.35 23.93
CA VAL C 422 17.45 47.02 22.68
C VAL C 422 18.48 47.06 21.52
N PRO C 423 18.58 45.97 20.73
CA PRO C 423 19.61 45.87 19.69
C PRO C 423 19.18 46.61 18.38
N LEU C 424 19.15 47.94 18.45
CA LEU C 424 18.70 48.79 17.32
C LEU C 424 19.81 48.96 16.30
N SER C 425 19.47 48.59 15.07
CA SER C 425 20.30 48.78 13.89
C SER C 425 21.71 48.27 14.15
N SER C 426 21.76 47.17 14.90
CA SER C 426 22.96 46.59 15.49
C SER C 426 22.80 45.08 15.54
N TYR C 427 23.92 44.37 15.48
CA TYR C 427 23.90 42.96 15.76
C TYR C 427 25.19 42.37 16.39
N GLY C 428 25.02 41.49 17.39
CA GLY C 428 26.09 40.93 18.24
C GLY C 428 26.89 39.67 17.86
N GLY C 429 26.23 38.53 17.57
CA GLY C 429 26.93 37.36 17.01
C GLY C 429 26.67 36.10 17.78
N MET C 430 26.85 34.96 17.13
CA MET C 430 26.65 33.69 17.77
C MET C 430 27.62 33.53 18.95
N MET C 431 28.82 34.12 18.85
CA MET C 431 29.84 33.82 19.84
C MET C 431 29.43 34.35 21.22
N LYS C 432 28.88 35.55 21.25
CA LYS C 432 28.54 36.23 22.50
C LYS C 432 27.69 35.38 23.40
N GLU C 433 26.72 34.66 22.88
CA GLU C 433 25.86 34.00 23.83
C GLU C 433 26.12 32.54 23.95
N MET C 434 27.18 32.08 23.29
CA MET C 434 27.70 30.76 23.57
C MET C 434 28.52 30.81 24.84
N HIS C 435 28.52 29.71 25.58
CA HIS C 435 29.28 29.66 26.81
C HIS C 435 30.75 29.37 26.53
N ASP C 436 31.57 29.50 27.57
CA ASP C 436 33.00 29.34 27.46
C ASP C 436 33.41 27.87 27.34
N GLY C 437 34.42 27.59 26.51
CA GLY C 437 34.96 26.23 26.36
C GLY C 437 34.52 25.55 25.06
N THR C 438 33.67 26.23 24.32
CA THR C 438 32.99 25.71 23.17
C THR C 438 33.57 26.20 21.84
N ILE C 439 33.39 25.35 20.85
CA ILE C 439 34.15 25.45 19.63
C ILE C 439 33.30 25.84 18.43
N LEU C 440 33.82 26.74 17.59
CA LEU C 440 33.16 27.13 16.37
C LEU C 440 33.98 26.61 15.19
N ILE C 441 33.29 26.01 14.23
CA ILE C 441 33.97 25.55 13.01
C ILE C 441 33.26 26.16 11.79
N ASP C 442 33.97 27.04 11.07
CA ASP C 442 33.44 27.66 9.84
C ASP C 442 33.71 26.74 8.64
N ASP C 443 32.71 26.59 7.75
CA ASP C 443 32.79 25.66 6.64
C ASP C 443 33.22 24.27 7.09
N MET C 444 32.52 23.74 8.07
CA MET C 444 32.81 22.40 8.56
C MET C 444 32.69 21.34 7.48
N ASN C 445 33.65 20.43 7.41
CA ASN C 445 33.61 19.38 6.41
C ASN C 445 33.43 18.02 7.04
N HIS C 446 33.26 17.00 6.22
CA HIS C 446 33.01 15.66 6.68
C HIS C 446 34.09 15.14 7.67
N HIS C 447 35.36 15.34 7.30
CA HIS C 447 36.50 15.01 8.17
C HIS C 447 36.35 15.66 9.53
N ASP C 448 36.13 16.95 9.54
CA ASP C 448 35.92 17.69 10.77
C ASP C 448 34.76 17.11 11.62
N MET C 449 33.63 16.89 10.97
CA MET C 449 32.47 16.38 11.70
C MET C 449 32.76 15.03 12.32
N GLU C 450 33.46 14.16 11.57
CA GLU C 450 33.81 12.84 12.11
C GLU C 450 34.78 12.87 13.29
N VAL C 451 35.72 13.80 13.29
CA VAL C 451 36.57 13.94 14.49
C VAL C 451 35.73 14.40 15.68
N VAL C 452 34.85 15.38 15.43
CA VAL C 452 33.98 15.84 16.51
C VAL C 452 33.16 14.70 17.08
N LEU C 453 32.57 13.88 16.20
CA LEU C 453 31.75 12.78 16.66
C LEU C 453 32.56 11.75 17.47
N GLU C 454 33.75 11.41 16.98
CA GLU C 454 34.56 10.40 17.64
C GLU C 454 35.10 10.91 18.96
N LYS C 455 35.50 12.17 19.02
CA LYS C 455 36.14 12.71 20.24
C LYS C 455 35.18 13.19 21.28
N LEU C 456 34.05 13.77 20.89
CA LEU C 456 33.12 14.29 21.87
C LEU C 456 31.93 13.41 22.19
N LYS C 457 31.63 12.46 21.30
CA LYS C 457 30.50 11.52 21.53
C LYS C 457 29.24 12.25 21.95
N PRO C 458 28.81 13.22 21.16
CA PRO C 458 27.59 13.91 21.51
C PRO C 458 26.37 13.00 21.43
N ASP C 459 25.35 13.33 22.21
CA ASP C 459 24.12 12.54 22.16
C ASP C 459 23.33 12.88 20.90
N MET C 460 23.57 14.05 20.36
CA MET C 460 22.83 14.48 19.18
C MET C 460 23.63 15.50 18.38
N PHE C 461 23.39 15.53 17.09
CA PHE C 461 24.14 16.43 16.16
C PHE C 461 23.18 16.90 15.09
N PHE C 462 22.74 18.14 15.22
CA PHE C 462 21.75 18.76 14.31
C PHE C 462 22.45 19.26 13.07
N ALA C 463 21.92 18.92 11.90
CA ALA C 463 22.56 19.32 10.64
C ALA C 463 21.53 19.33 9.51
N GLY C 464 21.91 18.88 8.35
CA GLY C 464 21.02 18.83 7.18
C GLY C 464 20.94 17.43 6.61
N ILE C 465 20.42 17.36 5.40
CA ILE C 465 20.08 16.08 4.79
C ILE C 465 21.33 15.30 4.43
N LYS C 466 22.40 15.99 4.06
CA LYS C 466 23.62 15.29 3.60
C LYS C 466 24.37 14.68 4.77
N GLU C 467 24.22 15.28 5.94
CA GLU C 467 24.89 14.77 7.14
C GLU C 467 24.03 13.82 7.98
N LYS C 468 22.71 13.99 7.92
CA LYS C 468 21.81 13.24 8.81
C LYS C 468 22.11 11.74 8.90
N PHE C 469 22.17 11.04 7.78
CA PHE C 469 22.28 9.60 7.78
C PHE C 469 23.72 9.18 8.07
N VAL C 470 24.68 10.02 7.70
CA VAL C 470 26.07 9.79 8.13
C VAL C 470 26.17 9.73 9.64
N ILE C 471 25.57 10.72 10.31
CA ILE C 471 25.58 10.79 11.76
C ILE C 471 24.81 9.60 12.34
N GLN C 472 23.62 9.33 11.80
CA GLN C 472 22.79 8.25 12.36
C GLN C 472 23.31 6.84 12.15
N LYS C 473 24.04 6.61 11.08
CA LYS C 473 24.70 5.32 10.88
C LYS C 473 25.69 5.03 12.05
N GLY C 474 26.23 6.08 12.67
CA GLY C 474 27.13 5.97 13.84
C GLY C 474 26.40 5.91 15.18
N GLY C 475 25.08 5.77 15.16
CA GLY C 475 24.26 5.58 16.37
C GLY C 475 24.00 6.86 17.13
N VAL C 476 24.06 8.00 16.44
CA VAL C 476 23.86 9.30 17.06
C VAL C 476 22.67 9.98 16.38
N LEU C 477 21.76 10.57 17.17
CA LEU C 477 20.53 11.17 16.61
C LEU C 477 20.93 12.42 15.85
N SER C 478 20.38 12.60 14.66
CA SER C 478 20.60 13.85 13.89
C SER C 478 19.28 14.37 13.40
N LYS C 479 18.79 15.39 14.04
CA LYS C 479 17.55 16.02 13.56
C LYS C 479 17.96 17.15 12.62
N GLN C 480 17.20 17.32 11.55
CA GLN C 480 17.46 18.34 10.53
C GLN C 480 17.00 19.74 10.93
N LEU C 481 17.90 20.70 10.85
CA LEU C 481 17.54 22.08 11.18
C LEU C 481 17.21 22.94 9.98
N HIS C 482 17.31 22.40 8.78
CA HIS C 482 16.80 23.12 7.63
C HIS C 482 15.36 22.72 7.33
N SER C 483 15.16 21.45 7.00
CA SER C 483 13.84 20.93 6.58
C SER C 483 12.95 20.63 7.77
N TYR C 484 13.49 20.68 9.00
CA TYR C 484 12.73 20.26 10.19
C TYR C 484 12.20 18.82 10.10
N ASP C 485 12.87 17.94 9.36
CA ASP C 485 12.38 16.58 9.16
C ASP C 485 10.88 16.60 8.78
N TYR C 486 10.51 17.57 7.94
CA TYR C 486 9.21 17.53 7.25
C TYR C 486 8.09 17.85 8.23
N ASN C 487 8.46 18.54 9.29
CA ASN C 487 7.52 18.99 10.34
C ASN C 487 7.52 20.51 10.48
N GLY C 488 7.00 20.98 11.61
CA GLY C 488 7.02 22.41 11.83
C GLY C 488 5.65 22.91 12.11
N PRO C 489 5.56 24.14 12.57
CA PRO C 489 6.66 25.08 12.73
C PRO C 489 7.60 24.74 13.89
N TYR C 490 8.85 25.16 13.80
CA TYR C 490 9.76 25.13 14.95
C TYR C 490 9.94 26.53 15.56
N ALA C 491 9.54 27.57 14.83
CA ALA C 491 9.52 28.93 15.42
C ALA C 491 8.27 29.18 16.29
N GLY C 492 8.37 30.16 17.17
CA GLY C 492 7.22 30.61 17.96
C GLY C 492 6.99 29.72 19.18
N PHE C 493 5.95 30.06 19.95
CA PHE C 493 5.61 29.26 21.12
C PHE C 493 5.16 27.86 20.74
N ARG C 494 4.34 27.71 19.72
CA ARG C 494 3.97 26.36 19.31
C ARG C 494 5.14 25.60 18.75
N GLY C 495 6.07 26.31 18.17
CA GLY C 495 7.31 25.75 17.66
C GLY C 495 8.18 25.09 18.68
N VAL C 496 8.26 25.66 19.87
CA VAL C 496 9.08 25.05 20.92
C VAL C 496 8.53 23.66 21.26
N VAL C 497 7.21 23.54 21.34
CA VAL C 497 6.58 22.29 21.66
C VAL C 497 6.80 21.24 20.54
N ASN C 498 6.67 21.67 19.29
CA ASN C 498 6.90 20.76 18.13
C ASN C 498 8.32 20.25 18.11
N PHE C 499 9.27 21.16 18.32
CA PHE C 499 10.67 20.86 18.32
C PHE C 499 10.97 19.87 19.47
N GLY C 500 10.50 20.21 20.68
CA GLY C 500 10.78 19.35 21.81
C GLY C 500 10.21 17.96 21.65
N HIS C 501 8.97 17.89 21.21
CA HIS C 501 8.26 16.61 21.02
C HIS C 501 9.03 15.75 20.02
N GLU C 502 9.44 16.32 18.88
CA GLU C 502 10.19 15.55 17.89
C GLU C 502 11.54 15.14 18.45
N LEU C 503 12.18 15.99 19.24
CA LEU C 503 13.51 15.69 19.75
C LEU C 503 13.45 14.56 20.78
N VAL C 504 12.52 14.66 21.71
CA VAL C 504 12.34 13.56 22.70
C VAL C 504 11.99 12.28 21.97
N ASN C 505 11.08 12.37 20.99
CA ASN C 505 10.75 11.18 20.21
C ASN C 505 11.97 10.55 19.55
N GLY C 506 12.89 11.37 19.06
CA GLY C 506 14.06 10.87 18.38
C GLY C 506 15.01 10.19 19.35
N ILE C 507 15.25 10.84 20.48
CA ILE C 507 16.17 10.30 21.48
C ILE C 507 15.70 8.96 22.05
N TYR C 508 14.39 8.83 22.28
CA TYR C 508 13.84 7.63 22.96
C TYR C 508 13.29 6.56 21.99
N THR C 509 13.62 6.69 20.70
CA THR C 509 13.31 5.65 19.70
C THR C 509 14.01 4.36 20.16
N PRO C 510 13.24 3.29 20.36
CA PRO C 510 13.84 2.06 20.88
C PRO C 510 14.94 1.45 20.04
N ALA C 511 14.92 1.61 18.71
CA ALA C 511 15.88 0.91 17.88
C ALA C 511 17.32 1.31 18.13
N TRP C 512 17.55 2.51 18.67
CA TRP C 512 18.92 2.93 18.98
C TRP C 512 19.63 1.91 19.86
N LYS C 513 18.87 1.23 20.71
CA LYS C 513 19.41 0.22 21.64
C LYS C 513 19.42 -1.20 21.13
N MET C 514 19.00 -1.39 19.89
CA MET C 514 18.91 -2.70 19.31
C MET C 514 19.90 -2.92 18.18
N ILE C 515 20.83 -1.98 18.00
CA ILE C 515 21.76 -2.01 16.89
C ILE C 515 22.68 -3.24 16.88
N THR C 516 23.19 -3.58 18.05
CA THR C 516 24.05 -4.75 18.20
C THR C 516 23.26 -6.04 18.27
N PRO C 517 23.53 -6.99 17.37
CA PRO C 517 22.72 -8.20 17.43
C PRO C 517 23.12 -9.07 18.63
N PRO C 518 22.22 -9.93 19.08
CA PRO C 518 22.54 -10.69 20.33
C PRO C 518 23.66 -11.71 20.17
N TRP C 519 23.97 -12.10 18.94
CA TRP C 519 25.10 -12.99 18.72
C TRP C 519 26.47 -12.27 18.74
N LYS C 520 26.49 -10.95 18.99
CA LYS C 520 27.76 -10.16 19.14
C LYS C 520 27.97 -9.38 20.45
N MET D 1 -5.23 22.12 -6.01
CA MET D 1 -3.79 21.85 -6.09
C MET D 1 -3.45 21.94 -7.58
N LEU D 2 -2.24 22.42 -7.91
CA LEU D 2 -1.88 22.66 -9.30
C LEU D 2 -2.97 23.49 -10.01
N ASP D 3 -3.45 24.53 -9.32
CA ASP D 3 -4.60 25.30 -9.79
C ASP D 3 -4.32 26.13 -11.02
N ALA D 4 -3.04 26.38 -11.28
CA ALA D 4 -2.64 27.19 -12.43
C ALA D 4 -2.52 26.41 -13.77
N THR D 5 -2.67 25.09 -13.74
CA THR D 5 -2.59 24.26 -14.92
C THR D 5 -3.94 24.27 -15.62
N PRO D 6 -3.98 24.82 -16.83
CA PRO D 6 -5.29 24.89 -17.54
C PRO D 6 -5.68 23.60 -18.27
N LYS D 7 -6.98 23.38 -18.49
CA LYS D 7 -7.44 22.28 -19.34
C LYS D 7 -7.10 22.51 -20.81
N GLU D 8 -7.27 23.76 -21.26
CA GLU D 8 -7.11 24.11 -22.68
C GLU D 8 -5.61 24.17 -22.94
N ILE D 9 -5.13 23.37 -23.86
CA ILE D 9 -3.70 23.28 -24.13
C ILE D 9 -3.23 24.25 -25.22
N VAL D 10 -2.19 25.03 -24.89
CA VAL D 10 -1.55 25.92 -25.85
C VAL D 10 -0.15 25.36 -26.00
N GLU D 11 0.35 25.35 -27.23
CA GLU D 11 1.67 24.81 -27.50
C GLU D 11 2.72 25.56 -26.69
N ARG D 12 3.58 24.80 -26.04
CA ARG D 12 4.74 25.35 -25.35
C ARG D 12 5.94 24.84 -26.10
N LYS D 13 6.77 25.75 -26.62
CA LYS D 13 8.02 25.39 -27.27
C LYS D 13 9.26 25.77 -26.45
N ALA D 14 9.12 26.59 -25.39
CA ALA D 14 10.32 27.04 -24.70
C ALA D 14 10.32 26.86 -23.17
N LEU D 15 9.15 27.01 -22.58
CA LEU D 15 9.02 26.98 -21.11
C LEU D 15 8.81 25.52 -20.65
N ARG D 16 9.82 24.97 -19.99
CA ARG D 16 9.75 23.67 -19.43
C ARG D 16 9.20 23.77 -18.02
N ILE D 17 8.22 22.93 -17.72
CA ILE D 17 7.51 22.99 -16.45
C ILE D 17 7.47 21.62 -15.79
N ASN D 18 7.95 21.50 -14.55
CA ASN D 18 7.80 20.23 -13.81
C ASN D 18 8.34 19.05 -14.60
N PRO D 19 9.67 19.03 -14.74
CA PRO D 19 10.31 18.12 -15.70
C PRO D 19 10.28 16.66 -15.30
N ALA D 20 10.33 15.81 -16.32
CA ALA D 20 10.37 14.37 -16.16
C ALA D 20 11.77 13.82 -16.42
N LYS D 21 12.75 14.62 -16.01
CA LYS D 21 14.17 14.28 -16.08
C LYS D 21 14.91 15.20 -15.13
N THR D 22 16.14 14.80 -14.79
CA THR D 22 17.11 15.74 -14.27
C THR D 22 18.43 15.67 -15.11
N CYS D 23 19.47 16.35 -14.67
CA CYS D 23 20.70 16.46 -15.50
C CYS D 23 21.66 15.27 -15.31
N GLN D 24 22.54 15.07 -16.27
CA GLN D 24 23.49 13.96 -16.23
C GLN D 24 24.21 13.68 -14.93
N PRO D 25 24.78 14.69 -14.24
CA PRO D 25 25.74 14.30 -13.21
C PRO D 25 25.29 13.37 -12.11
N VAL D 26 24.05 13.47 -11.62
CA VAL D 26 23.65 12.53 -10.59
C VAL D 26 23.63 11.09 -11.06
N GLY D 27 23.41 10.86 -12.34
CA GLY D 27 23.41 9.51 -12.88
C GLY D 27 24.83 8.97 -12.86
N ALA D 28 25.80 9.82 -13.20
CA ALA D 28 27.21 9.42 -13.09
C ALA D 28 27.63 9.21 -11.63
N MET D 29 27.09 10.01 -10.72
CA MET D 29 27.40 9.88 -9.33
C MET D 29 26.91 8.54 -8.81
N TYR D 30 25.70 8.17 -9.20
CA TYR D 30 25.07 6.91 -8.81
C TYR D 30 25.88 5.71 -9.34
N ALA D 31 26.26 5.78 -10.62
CA ALA D 31 27.11 4.76 -11.21
C ALA D 31 28.44 4.60 -10.46
N ALA D 32 29.06 5.71 -10.08
CA ALA D 32 30.30 5.71 -9.36
C ALA D 32 30.17 5.12 -7.97
N LEU D 33 29.06 5.36 -7.26
CA LEU D 33 28.82 4.69 -6.01
C LEU D 33 28.63 3.16 -6.15
N GLY D 34 28.45 2.68 -7.39
CA GLY D 34 28.38 1.28 -7.62
C GLY D 34 29.76 0.61 -7.81
N ILE D 35 30.82 1.37 -7.54
CA ILE D 35 32.20 0.84 -7.48
C ILE D 35 32.66 0.83 -6.04
N HIS D 36 33.17 -0.30 -5.56
CA HIS D 36 33.69 -0.38 -4.23
C HIS D 36 34.84 0.58 -3.96
N ASN D 37 34.78 1.27 -2.83
CA ASN D 37 35.83 2.17 -2.35
C ASN D 37 36.09 3.29 -3.33
N CYS D 38 35.02 3.78 -3.93
CA CYS D 38 35.07 4.87 -4.87
C CYS D 38 34.49 6.11 -4.26
N LEU D 39 35.18 7.22 -4.44
CA LEU D 39 34.60 8.52 -4.15
C LEU D 39 34.23 9.22 -5.45
N PRO D 40 32.90 9.48 -5.69
CA PRO D 40 32.54 10.26 -6.83
C PRO D 40 33.01 11.67 -6.69
N HIS D 41 33.40 12.29 -7.80
CA HIS D 41 33.92 13.66 -7.77
C HIS D 41 33.26 14.49 -8.83
N SER D 42 32.70 15.60 -8.40
CA SER D 42 31.97 16.55 -9.26
C SER D 42 32.85 17.73 -9.65
N HIS D 43 33.30 17.74 -10.91
CA HIS D 43 34.18 18.79 -11.42
C HIS D 43 33.40 19.98 -11.92
N GLY D 44 33.11 20.90 -11.00
CA GLY D 44 32.30 22.05 -11.29
C GLY D 44 32.11 22.88 -10.05
N SER D 45 31.11 23.75 -10.08
CA SER D 45 30.78 24.52 -8.93
C SER D 45 30.06 23.59 -7.93
N GLN D 46 30.26 23.89 -6.64
CA GLN D 46 29.85 23.00 -5.57
C GLN D 46 28.36 22.87 -5.38
N GLY D 47 27.59 23.82 -5.92
CA GLY D 47 26.13 23.74 -5.83
C GLY D 47 25.61 22.45 -6.46
N CYS D 48 26.21 22.05 -7.58
CA CYS D 48 25.85 20.84 -8.25
C CYS D 48 26.05 19.59 -7.32
N CYS D 49 27.23 19.44 -6.76
CA CYS D 49 27.55 18.31 -5.88
C CYS D 49 26.57 18.24 -4.69
N SER D 50 26.31 19.37 -4.09
CA SER D 50 25.41 19.38 -2.95
C SER D 50 24.01 18.94 -3.36
N TYR D 51 23.53 19.44 -4.50
CA TYR D 51 22.18 19.03 -4.97
C TYR D 51 22.08 17.53 -5.32
N HIS D 52 23.15 17.01 -5.93
CA HIS D 52 23.16 15.66 -6.44
C HIS D 52 23.28 14.68 -5.27
N ARG D 53 24.15 15.00 -4.33
CA ARG D 53 24.24 14.19 -3.10
C ARG D 53 22.90 14.20 -2.37
N THR D 54 22.26 15.35 -2.38
CA THR D 54 21.02 15.50 -1.62
C THR D 54 19.90 14.61 -2.17
N VAL D 55 19.70 14.61 -3.48
CA VAL D 55 18.60 13.84 -4.05
C VAL D 55 18.79 12.34 -3.79
N LEU D 56 20.03 11.88 -3.79
CA LEU D 56 20.32 10.49 -3.49
C LEU D 56 19.97 10.15 -2.05
N SER D 57 20.34 11.03 -1.11
CA SER D 57 19.97 10.80 0.27
C SER D 57 18.46 10.89 0.52
N ARG D 58 17.76 11.77 -0.20
CA ARG D 58 16.32 11.86 -0.06
C ARG D 58 15.63 10.63 -0.63
N HIS D 59 16.17 10.05 -1.68
CA HIS D 59 15.61 8.83 -2.26
C HIS D 59 15.91 7.57 -1.42
N PHE D 60 17.17 7.39 -1.05
CA PHE D 60 17.57 6.18 -0.35
C PHE D 60 17.54 6.22 1.19
N LYS D 61 17.42 7.41 1.77
CA LYS D 61 17.49 7.62 3.21
C LYS D 61 18.82 6.99 3.72
N GLU D 62 19.88 7.34 3.02
CA GLU D 62 21.24 6.81 3.26
C GLU D 62 22.20 7.96 3.00
N PRO D 63 23.45 7.81 3.41
CA PRO D 63 24.48 8.77 3.05
C PRO D 63 24.82 8.65 1.56
N ALA D 64 25.31 9.71 0.97
CA ALA D 64 25.71 9.67 -0.43
C ALA D 64 26.90 10.61 -0.52
N MET D 65 28.08 10.05 -0.49
CA MET D 65 29.29 10.82 -0.48
C MET D 65 29.81 11.20 -1.83
N ALA D 66 30.25 12.44 -1.95
CA ALA D 66 30.92 12.93 -3.12
C ALA D 66 31.73 14.19 -2.81
N SER D 67 32.79 14.38 -3.58
CA SER D 67 33.64 15.55 -3.49
C SER D 67 33.41 16.48 -4.65
N THR D 68 33.91 17.71 -4.56
CA THR D 68 33.76 18.65 -5.64
C THR D 68 35.03 19.50 -5.82
N SER D 69 35.23 19.96 -7.04
CA SER D 69 36.32 20.90 -7.37
C SER D 69 36.05 22.31 -6.88
N SER D 70 34.80 22.60 -6.49
CA SER D 70 34.42 23.89 -5.95
C SER D 70 34.91 25.10 -6.80
N PHE D 71 34.51 25.12 -8.04
CA PHE D 71 34.85 26.25 -8.94
C PHE D 71 34.37 27.56 -8.36
N THR D 72 35.22 28.57 -8.48
CA THR D 72 34.85 29.97 -8.20
C THR D 72 34.95 30.76 -9.51
N GLU D 73 34.76 32.06 -9.41
CA GLU D 73 34.89 32.92 -10.55
C GLU D 73 36.28 32.80 -11.17
N GLY D 74 37.31 32.57 -10.36
CA GLY D 74 38.67 32.24 -10.86
C GLY D 74 38.71 31.11 -11.85
N ALA D 75 38.08 29.98 -11.53
CA ALA D 75 38.02 28.90 -12.49
C ALA D 75 37.25 29.21 -13.74
N SER D 76 36.26 30.08 -13.63
CA SER D 76 35.51 30.49 -14.79
C SER D 76 36.35 31.27 -15.79
N VAL D 77 37.44 31.87 -15.33
CA VAL D 77 38.36 32.59 -16.20
C VAL D 77 39.53 31.72 -16.65
N PHE D 78 40.10 30.90 -15.74
CA PHE D 78 41.34 30.14 -15.97
C PHE D 78 41.16 28.65 -16.14
N GLY D 79 39.92 28.18 -16.03
CA GLY D 79 39.68 26.77 -16.06
C GLY D 79 39.88 26.11 -14.73
N GLY D 80 39.45 24.86 -14.63
CA GLY D 80 39.42 24.17 -13.34
C GLY D 80 40.60 23.25 -13.06
N GLY D 81 41.68 23.39 -13.85
CA GLY D 81 42.84 22.52 -13.62
C GLY D 81 43.43 22.59 -12.23
N SER D 82 43.64 23.80 -11.72
CA SER D 82 44.23 23.93 -10.40
C SER D 82 43.27 23.39 -9.33
N ASN D 83 41.95 23.61 -9.50
CA ASN D 83 40.97 23.06 -8.54
C ASN D 83 40.97 21.52 -8.45
N ILE D 84 41.03 20.82 -9.57
CA ILE D 84 40.94 19.39 -9.49
C ILE D 84 42.27 18.79 -8.96
N LYS D 85 43.40 19.44 -9.24
CA LYS D 85 44.67 18.95 -8.69
C LYS D 85 44.71 19.13 -7.18
N THR D 86 44.20 20.24 -6.71
CA THR D 86 44.13 20.45 -5.27
C THR D 86 43.16 19.44 -4.68
N ALA D 87 42.05 19.17 -5.38
CA ALA D 87 41.05 18.26 -4.81
C ALA D 87 41.65 16.87 -4.58
N VAL D 88 42.36 16.38 -5.58
CA VAL D 88 42.84 15.01 -5.57
C VAL D 88 43.83 14.84 -4.42
N LYS D 89 44.70 15.82 -4.20
CA LYS D 89 45.59 15.77 -3.04
C LYS D 89 44.87 15.70 -1.71
N ASN D 90 43.83 16.50 -1.55
CA ASN D 90 43.07 16.47 -0.33
C ASN D 90 42.25 15.17 -0.19
N ILE D 91 41.78 14.63 -1.31
CA ILE D 91 40.91 13.46 -1.24
C ILE D 91 41.71 12.26 -0.76
N PHE D 92 42.85 12.01 -1.40
CA PHE D 92 43.63 10.81 -1.06
C PHE D 92 44.15 10.86 0.37
N SER D 93 44.58 12.03 0.82
CA SER D 93 45.04 12.22 2.20
C SER D 93 43.97 12.17 3.25
N LEU D 94 42.81 12.80 3.04
CA LEU D 94 41.78 12.81 4.09
C LEU D 94 40.88 11.64 4.08
N TYR D 95 40.53 11.16 2.89
CA TYR D 95 39.45 10.19 2.77
C TYR D 95 39.87 8.87 2.17
N ASN D 96 41.06 8.83 1.55
CA ASN D 96 41.67 7.57 1.12
C ASN D 96 40.77 6.60 0.35
N PRO D 97 40.07 7.07 -0.69
CA PRO D 97 39.41 6.09 -1.55
C PRO D 97 40.41 5.28 -2.36
N ASP D 98 39.97 4.16 -2.93
CA ASP D 98 40.84 3.44 -3.88
C ASP D 98 40.77 4.00 -5.28
N ILE D 99 39.67 4.66 -5.62
CA ILE D 99 39.46 5.21 -6.94
C ILE D 99 38.60 6.47 -6.81
N ILE D 100 39.03 7.52 -7.49
CA ILE D 100 38.21 8.73 -7.66
C ILE D 100 37.55 8.70 -9.05
N ALA D 101 36.24 8.80 -9.08
CA ALA D 101 35.54 8.78 -10.34
C ALA D 101 34.98 10.16 -10.64
N VAL D 102 35.59 10.86 -11.58
CA VAL D 102 35.25 12.23 -11.91
C VAL D 102 34.17 12.32 -13.02
N HIS D 103 33.18 13.14 -12.77
CA HIS D 103 32.24 13.60 -13.78
C HIS D 103 32.28 15.15 -13.82
N THR D 104 31.65 15.72 -14.83
CA THR D 104 31.69 17.14 -15.05
C THR D 104 30.30 17.78 -14.93
N THR D 105 30.25 19.10 -14.95
CA THR D 105 29.01 19.82 -14.87
C THR D 105 28.83 20.64 -16.12
N CYS D 106 27.67 21.25 -16.25
CA CYS D 106 27.49 22.24 -17.30
C CYS D 106 28.57 23.36 -17.32
N LEU D 107 29.10 23.72 -16.17
CA LEU D 107 30.11 24.75 -16.08
C LEU D 107 31.45 24.29 -16.71
N SER D 108 31.95 23.15 -16.31
CA SER D 108 33.24 22.68 -16.86
C SER D 108 33.12 22.30 -18.33
N GLU D 109 31.96 21.77 -18.73
CA GLU D 109 31.69 21.50 -20.13
C GLU D 109 31.62 22.78 -20.96
N THR D 110 30.93 23.82 -20.50
CA THR D 110 30.82 25.06 -21.21
C THR D 110 32.23 25.70 -21.39
N LEU D 111 33.06 25.59 -20.33
CA LEU D 111 34.44 26.05 -20.34
C LEU D 111 35.38 25.21 -21.19
N GLY D 112 35.00 24.00 -21.54
CA GLY D 112 35.90 23.11 -22.30
C GLY D 112 37.08 22.57 -21.53
N ASP D 113 36.91 22.35 -20.21
CA ASP D 113 38.00 21.83 -19.39
C ASP D 113 38.48 20.49 -19.91
N ASP D 114 39.81 20.28 -19.86
CA ASP D 114 40.47 19.14 -20.44
C ASP D 114 40.89 18.14 -19.38
N LEU D 115 39.97 17.24 -19.01
CA LEU D 115 40.26 16.34 -17.92
C LEU D 115 41.40 15.38 -18.23
N PRO D 116 41.46 14.83 -19.47
CA PRO D 116 42.61 13.89 -19.67
C PRO D 116 43.99 14.54 -19.43
N THR D 117 44.12 15.81 -19.75
CA THR D 117 45.38 16.55 -19.50
C THR D 117 45.63 16.75 -18.03
N TYR D 118 44.60 17.17 -17.27
CA TYR D 118 44.84 17.36 -15.86
C TYR D 118 45.23 16.03 -15.23
N ILE D 119 44.58 14.93 -15.63
CA ILE D 119 44.87 13.64 -14.99
C ILE D 119 46.31 13.14 -15.31
N SER D 120 46.75 13.30 -16.56
CA SER D 120 48.15 12.91 -16.85
C SER D 120 49.12 13.84 -16.09
N GLN D 121 48.82 15.13 -16.01
CA GLN D 121 49.68 16.03 -15.24
C GLN D 121 49.75 15.62 -13.78
N MET D 122 48.67 15.05 -13.25
CA MET D 122 48.67 14.64 -11.84
C MET D 122 49.51 13.41 -11.63
N GLU D 123 49.40 12.49 -12.57
CA GLU D 123 50.22 11.29 -12.56
C GLU D 123 51.70 11.71 -12.57
N ASP D 124 52.09 12.51 -13.55
CA ASP D 124 53.48 13.03 -13.63
C ASP D 124 53.97 13.65 -12.34
N ALA D 125 53.15 14.48 -11.72
CA ALA D 125 53.54 15.17 -10.49
C ALA D 125 53.57 14.27 -9.23
N GLY D 126 53.09 13.02 -9.34
CA GLY D 126 53.00 12.12 -8.20
C GLY D 126 51.88 12.42 -7.21
N SER D 127 50.79 13.03 -7.68
CA SER D 127 49.69 13.39 -6.78
C SER D 127 48.76 12.21 -6.57
N ILE D 128 48.91 11.21 -7.43
CA ILE D 128 48.13 9.99 -7.35
C ILE D 128 48.98 8.88 -6.74
N PRO D 129 48.70 8.50 -5.49
CA PRO D 129 49.57 7.49 -4.86
C PRO D 129 49.52 6.15 -5.57
N GLU D 130 50.59 5.37 -5.50
CA GLU D 130 50.62 4.14 -6.26
C GLU D 130 49.53 3.22 -5.70
N GLY D 131 48.91 2.45 -6.58
CA GLY D 131 47.81 1.60 -6.19
C GLY D 131 46.45 2.31 -6.29
N LYS D 132 46.44 3.64 -6.35
CA LYS D 132 45.18 4.42 -6.50
C LYS D 132 44.93 4.84 -7.91
N LEU D 133 43.68 5.16 -8.21
CA LEU D 133 43.25 5.38 -9.56
C LEU D 133 42.37 6.62 -9.64
N VAL D 134 42.47 7.34 -10.74
CA VAL D 134 41.55 8.41 -11.05
C VAL D 134 41.02 8.20 -12.45
N ILE D 135 39.70 8.15 -12.57
CA ILE D 135 39.04 7.98 -13.86
C ILE D 135 38.06 9.13 -14.07
N HIS D 136 37.60 9.26 -15.30
CA HIS D 136 36.62 10.30 -15.61
C HIS D 136 35.69 9.95 -16.76
N THR D 137 34.61 10.73 -16.80
CA THR D 137 33.74 10.86 -17.96
C THR D 137 33.32 12.33 -18.08
N ASN D 138 32.69 12.65 -19.18
CA ASN D 138 32.20 13.99 -19.45
C ASN D 138 30.69 13.91 -19.43
N THR D 139 30.09 14.77 -18.63
CA THR D 139 28.65 14.71 -18.42
C THR D 139 27.96 16.06 -18.58
N PRO D 140 27.92 16.59 -19.83
CA PRO D 140 27.25 17.88 -20.07
C PRO D 140 25.76 17.85 -19.77
N SER D 141 25.32 18.69 -18.85
N SER D 141 25.30 18.71 -18.88
CA SER D 141 23.93 18.65 -18.37
CA SER D 141 23.93 18.67 -18.40
C SER D 141 22.91 19.14 -19.40
C SER D 141 22.91 19.15 -19.39
N TYR D 142 23.39 19.86 -20.41
CA TYR D 142 22.52 20.34 -21.47
C TYR D 142 22.32 19.28 -22.57
N VAL D 143 22.83 18.07 -22.36
CA VAL D 143 22.64 16.94 -23.28
C VAL D 143 21.96 15.83 -22.49
N GLY D 144 20.87 15.31 -23.01
CA GLY D 144 20.27 14.10 -22.44
C GLY D 144 19.74 14.35 -21.03
N SER D 145 19.92 13.35 -20.18
CA SER D 145 19.41 13.38 -18.78
C SER D 145 20.34 12.65 -17.84
N HIS D 146 19.94 12.54 -16.58
CA HIS D 146 20.62 11.70 -15.67
C HIS D 146 20.88 10.26 -16.18
N VAL D 147 20.02 9.71 -17.02
CA VAL D 147 20.23 8.38 -17.57
C VAL D 147 21.48 8.38 -18.46
N THR D 148 21.62 9.47 -19.22
CA THR D 148 22.80 9.65 -20.11
C THR D 148 24.07 9.72 -19.29
N GLY D 149 23.96 10.35 -18.12
CA GLY D 149 25.11 10.49 -17.26
C GLY D 149 25.57 9.19 -16.69
N PHE D 150 24.62 8.37 -16.25
CA PHE D 150 24.92 7.00 -15.89
C PHE D 150 25.63 6.26 -17.04
N ALA D 151 25.08 6.39 -18.23
CA ALA D 151 25.63 5.70 -19.43
C ALA D 151 27.08 6.12 -19.67
N ASN D 152 27.33 7.43 -19.51
CA ASN D 152 28.66 7.99 -19.71
C ASN D 152 29.65 7.51 -18.67
N MET D 153 29.25 7.47 -17.40
CA MET D 153 30.14 6.98 -16.38
C MET D 153 30.46 5.50 -16.58
N VAL D 154 29.49 4.69 -17.03
CA VAL D 154 29.77 3.28 -17.32
C VAL D 154 30.84 3.22 -18.44
N GLN D 155 30.71 4.05 -19.43
CA GLN D 155 31.70 4.08 -20.50
C GLN D 155 33.06 4.47 -19.93
N GLY D 156 33.09 5.45 -19.05
CA GLY D 156 34.35 5.83 -18.41
C GLY D 156 35.05 4.71 -17.66
N ILE D 157 34.27 3.88 -16.94
CA ILE D 157 34.80 2.75 -16.25
C ILE D 157 35.47 1.81 -17.26
N VAL D 158 34.76 1.47 -18.32
CA VAL D 158 35.31 0.60 -19.37
C VAL D 158 36.58 1.20 -19.97
N ASN D 159 36.51 2.46 -20.38
CA ASN D 159 37.66 3.21 -20.96
C ASN D 159 38.92 3.07 -20.11
N TYR D 160 38.80 3.28 -18.82
CA TYR D 160 39.93 3.29 -17.93
C TYR D 160 40.32 1.91 -17.39
N LEU D 161 39.36 1.00 -17.17
CA LEU D 161 39.69 -0.17 -16.37
C LEU D 161 39.71 -1.49 -17.08
N SER D 162 38.79 -1.71 -18.01
CA SER D 162 38.53 -3.06 -18.50
C SER D 162 39.76 -3.46 -19.34
N GLU D 163 40.25 -4.68 -19.14
CA GLU D 163 41.43 -5.13 -19.90
C GLU D 163 41.28 -6.60 -20.26
N ASN D 164 41.37 -6.90 -21.55
CA ASN D 164 41.50 -8.29 -22.00
C ASN D 164 42.98 -8.70 -21.85
N THR D 165 43.25 -9.60 -20.93
CA THR D 165 44.62 -10.03 -20.68
C THR D 165 44.84 -11.44 -21.26
N GLY D 166 43.85 -12.00 -21.96
CA GLY D 166 43.95 -13.37 -22.45
C GLY D 166 43.52 -14.48 -21.49
N ALA D 167 43.39 -14.19 -20.20
CA ALA D 167 42.92 -15.18 -19.22
C ALA D 167 41.38 -15.16 -19.11
N LYS D 168 40.71 -16.03 -19.86
CA LYS D 168 39.24 -16.13 -19.85
C LYS D 168 38.73 -16.45 -18.46
N ASN D 169 37.69 -15.73 -18.01
CA ASN D 169 37.21 -15.90 -16.65
C ASN D 169 35.98 -16.80 -16.60
N GLY D 170 35.42 -17.12 -17.76
CA GLY D 170 34.18 -17.88 -17.83
C GLY D 170 32.93 -17.13 -17.36
N LYS D 171 32.97 -15.79 -17.32
CA LYS D 171 31.89 -14.99 -16.74
C LYS D 171 31.08 -14.27 -17.77
N ILE D 172 29.86 -13.93 -17.41
CA ILE D 172 29.07 -13.03 -18.21
C ILE D 172 29.06 -11.69 -17.47
N ASN D 173 29.38 -10.62 -18.19
CA ASN D 173 29.20 -9.27 -17.65
C ASN D 173 27.72 -8.91 -17.69
N VAL D 174 27.23 -8.25 -16.64
CA VAL D 174 25.90 -7.66 -16.77
C VAL D 174 25.94 -6.19 -16.31
N ILE D 175 25.49 -5.32 -17.20
CA ILE D 175 25.30 -3.90 -16.93
C ILE D 175 23.81 -3.72 -16.69
N PRO D 176 23.42 -3.42 -15.46
CA PRO D 176 22.00 -3.58 -15.08
C PRO D 176 21.15 -2.36 -15.43
N GLY D 177 21.79 -1.31 -15.89
CA GLY D 177 21.13 -0.08 -16.25
C GLY D 177 20.84 0.79 -15.02
N PHE D 178 20.04 1.84 -15.26
CA PHE D 178 19.74 2.83 -14.23
C PHE D 178 18.55 2.28 -13.41
N VAL D 179 18.88 1.30 -12.58
CA VAL D 179 17.93 0.65 -11.70
C VAL D 179 18.44 0.72 -10.28
N GLY D 180 17.57 0.43 -9.30
CA GLY D 180 17.94 0.53 -7.91
C GLY D 180 18.67 -0.67 -7.38
N PRO D 181 19.22 -0.54 -6.18
CA PRO D 181 19.98 -1.62 -5.57
C PRO D 181 19.16 -2.90 -5.35
N ALA D 182 17.84 -2.80 -5.11
CA ALA D 182 17.05 -4.01 -4.95
C ALA D 182 16.95 -4.77 -6.28
N ASP D 183 16.93 -4.03 -7.38
CA ASP D 183 16.89 -4.60 -8.70
C ASP D 183 18.20 -5.29 -9.03
N MET D 184 19.30 -4.64 -8.71
CA MET D 184 20.60 -5.26 -8.84
C MET D 184 20.66 -6.54 -8.02
N ARG D 185 20.19 -6.51 -6.78
CA ARG D 185 20.16 -7.74 -5.99
C ARG D 185 19.37 -8.84 -6.64
N GLU D 186 18.21 -8.51 -7.20
CA GLU D 186 17.35 -9.52 -7.81
C GLU D 186 18.01 -10.11 -9.06
N ILE D 187 18.62 -9.26 -9.88
CA ILE D 187 19.35 -9.75 -11.06
C ILE D 187 20.49 -10.69 -10.67
N LYS D 188 21.26 -10.34 -9.67
CA LYS D 188 22.28 -11.24 -9.14
C LYS D 188 21.68 -12.55 -8.64
N ARG D 189 20.54 -12.46 -7.97
CA ARG D 189 19.92 -13.67 -7.41
C ARG D 189 19.55 -14.66 -8.51
N LEU D 190 19.04 -14.13 -9.62
CA LEU D 190 18.69 -14.94 -10.77
C LEU D 190 19.92 -15.59 -11.46
N PHE D 191 21.01 -14.83 -11.62
CA PHE D 191 22.27 -15.40 -12.13
C PHE D 191 22.70 -16.54 -11.24
N GLU D 192 22.70 -16.32 -9.94
CA GLU D 192 23.08 -17.32 -8.98
C GLU D 192 22.12 -18.55 -9.00
N ALA D 193 20.82 -18.35 -9.15
CA ALA D 193 19.90 -19.50 -9.21
C ALA D 193 20.11 -20.33 -10.47
N MET D 194 20.53 -19.70 -11.57
CA MET D 194 20.84 -20.37 -12.83
C MET D 194 22.24 -20.99 -12.81
N ASP D 195 23.03 -20.67 -11.81
CA ASP D 195 24.39 -21.17 -11.70
C ASP D 195 25.34 -20.58 -12.74
N ILE D 196 25.19 -19.29 -13.02
CA ILE D 196 26.02 -18.62 -14.02
C ILE D 196 26.93 -17.60 -13.36
N PRO D 197 28.26 -17.87 -13.36
CA PRO D 197 29.23 -16.87 -12.90
C PRO D 197 29.11 -15.56 -13.70
N TYR D 198 29.25 -14.43 -13.00
CA TYR D 198 29.03 -13.12 -13.62
C TYR D 198 29.84 -12.01 -12.94
N ILE D 199 29.90 -10.87 -13.62
CA ILE D 199 30.37 -9.63 -13.03
C ILE D 199 29.28 -8.58 -13.33
N MET D 200 28.72 -8.01 -12.29
CA MET D 200 27.76 -6.93 -12.47
C MET D 200 28.48 -5.63 -12.24
N PHE D 201 28.28 -4.67 -13.15
CA PHE D 201 28.77 -3.30 -12.92
C PHE D 201 27.93 -2.25 -13.63
N PRO D 202 27.71 -1.08 -13.02
CA PRO D 202 27.91 -0.81 -11.59
C PRO D 202 27.00 -1.65 -10.73
N ASP D 203 27.26 -1.67 -9.44
CA ASP D 203 26.40 -2.40 -8.49
C ASP D 203 26.30 -1.64 -7.18
N THR D 204 25.15 -0.99 -6.94
CA THR D 204 24.98 -0.17 -5.71
C THR D 204 24.35 -0.94 -4.57
N SER D 205 24.09 -2.22 -4.75
CA SER D 205 23.68 -3.04 -3.62
C SER D 205 24.80 -3.10 -2.58
N GLY D 206 24.41 -3.00 -1.32
CA GLY D 206 25.33 -2.90 -0.23
C GLY D 206 26.01 -1.55 -0.16
N VAL D 207 25.59 -0.59 -0.98
CA VAL D 207 26.11 0.80 -0.93
C VAL D 207 24.99 1.81 -0.59
N LEU D 208 23.87 1.71 -1.30
CA LEU D 208 22.74 2.64 -1.06
C LEU D 208 21.50 1.98 -0.41
N ASP D 209 21.67 0.75 0.06
CA ASP D 209 20.60 0.01 0.76
C ASP D 209 21.12 -0.72 1.97
N GLY D 210 22.12 -0.14 2.60
CA GLY D 210 22.90 -0.86 3.59
C GLY D 210 22.31 -0.82 4.97
N PRO D 211 22.84 -1.66 5.85
CA PRO D 211 22.42 -1.77 7.24
C PRO D 211 22.96 -0.68 8.12
N THR D 212 22.33 -0.51 9.29
CA THR D 212 22.92 0.31 10.34
C THR D 212 23.59 -0.69 11.27
N THR D 213 24.89 -0.52 11.48
CA THR D 213 25.66 -1.39 12.39
C THR D 213 26.19 -0.60 13.59
N GLY D 214 25.97 0.70 13.61
CA GLY D 214 26.41 1.55 14.71
C GLY D 214 27.77 2.18 14.48
N GLU D 215 28.42 1.77 13.41
CA GLU D 215 29.66 2.41 12.91
C GLU D 215 29.45 2.90 11.49
N TYR D 216 29.76 4.16 11.26
CA TYR D 216 29.68 4.70 9.92
C TYR D 216 30.91 4.29 9.12
N LYS D 217 30.67 3.74 7.93
CA LYS D 217 31.76 3.41 7.04
C LYS D 217 31.63 4.25 5.82
N MET D 218 32.62 5.07 5.59
CA MET D 218 32.57 5.97 4.44
C MET D 218 32.35 5.20 3.13
N TYR D 219 33.09 4.09 2.96
CA TYR D 219 32.95 3.23 1.80
C TYR D 219 32.27 1.97 2.23
N PRO D 220 30.99 1.84 1.92
CA PRO D 220 30.26 0.63 2.31
C PRO D 220 30.82 -0.67 1.74
N GLU D 221 30.34 -1.79 2.28
CA GLU D 221 30.74 -3.13 1.83
C GLU D 221 30.54 -3.39 0.36
N GLY D 222 29.49 -2.84 -0.22
CA GLY D 222 29.16 -3.15 -1.59
C GLY D 222 29.94 -2.44 -2.64
N GLY D 223 29.50 -2.61 -3.88
CA GLY D 223 30.14 -1.96 -5.02
C GLY D 223 30.98 -3.02 -5.73
N THR D 224 31.08 -2.92 -7.05
CA THR D 224 31.91 -3.85 -7.82
C THR D 224 33.34 -3.51 -7.51
N LYS D 225 34.15 -4.54 -7.27
CA LYS D 225 35.57 -4.35 -6.99
C LYS D 225 36.37 -3.97 -8.22
N ILE D 226 37.33 -3.08 -8.01
CA ILE D 226 38.19 -2.61 -9.11
C ILE D 226 38.82 -3.82 -9.86
N GLU D 227 39.37 -4.78 -9.12
CA GLU D 227 39.95 -5.99 -9.75
C GLU D 227 38.91 -6.67 -10.66
N ASP D 228 37.63 -6.69 -10.28
CA ASP D 228 36.61 -7.27 -11.15
C ASP D 228 36.23 -6.37 -12.30
N LEU D 229 36.29 -5.05 -12.12
CA LEU D 229 36.07 -4.12 -13.22
C LEU D 229 37.17 -4.34 -14.32
N LYS D 230 38.41 -4.49 -13.87
CA LYS D 230 39.50 -4.77 -14.85
C LYS D 230 39.18 -6.04 -15.63
N ASP D 231 38.69 -7.05 -14.91
CA ASP D 231 38.46 -8.40 -15.43
C ASP D 231 37.26 -8.52 -16.38
N THR D 232 36.42 -7.47 -16.48
CA THR D 232 35.33 -7.50 -17.44
C THR D 232 35.81 -7.71 -18.87
N GLY D 233 37.07 -7.38 -19.12
CA GLY D 233 37.62 -7.57 -20.46
C GLY D 233 37.88 -9.04 -20.80
N ASN D 234 37.85 -9.91 -19.79
CA ASN D 234 38.14 -11.33 -19.99
C ASN D 234 36.85 -12.18 -20.06
N SER D 235 35.69 -11.52 -20.06
CA SER D 235 34.45 -12.22 -20.01
C SER D 235 34.03 -12.77 -21.38
N ASP D 236 33.08 -13.68 -21.36
CA ASP D 236 32.52 -14.28 -22.59
C ASP D 236 31.48 -13.44 -23.32
N LEU D 237 30.71 -12.66 -22.57
CA LEU D 237 29.63 -11.91 -23.15
C LEU D 237 29.25 -10.78 -22.17
N THR D 238 28.72 -9.71 -22.72
CA THR D 238 28.10 -8.65 -21.90
C THR D 238 26.62 -8.55 -22.20
N LEU D 239 25.81 -8.59 -21.15
CA LEU D 239 24.38 -8.34 -21.29
C LEU D 239 24.14 -6.91 -20.83
N SER D 240 23.59 -6.15 -21.75
CA SER D 240 23.31 -4.74 -21.60
C SER D 240 21.82 -4.62 -21.33
N LEU D 241 21.46 -4.33 -20.08
CA LEU D 241 20.04 -4.26 -19.73
C LEU D 241 19.57 -2.79 -19.78
N GLY D 242 18.69 -2.51 -20.74
CA GLY D 242 18.23 -1.18 -21.04
C GLY D 242 19.19 -0.41 -21.94
N SER D 243 18.77 -0.20 -23.18
CA SER D 243 19.68 0.41 -24.17
C SER D 243 20.17 1.82 -23.79
N TYR D 244 19.30 2.66 -23.27
CA TYR D 244 19.74 4.02 -22.93
C TYR D 244 20.84 4.03 -21.86
N ALA D 245 20.69 3.28 -20.80
CA ALA D 245 21.65 3.36 -19.74
C ALA D 245 22.91 2.53 -19.97
N SER D 246 22.77 1.44 -20.72
CA SER D 246 23.79 0.38 -20.68
C SER D 246 24.53 0.12 -22.01
N ASP D 247 23.95 0.50 -23.13
CA ASP D 247 24.53 0.09 -24.45
C ASP D 247 25.87 0.74 -24.70
N LEU D 248 26.01 2.00 -24.33
CA LEU D 248 27.26 2.70 -24.59
C LEU D 248 28.43 1.96 -23.97
N GLY D 249 28.26 1.57 -22.70
CA GLY D 249 29.27 0.82 -22.02
C GLY D 249 29.53 -0.55 -22.66
N ALA D 250 28.48 -1.29 -22.96
CA ALA D 250 28.63 -2.61 -23.57
C ALA D 250 29.36 -2.54 -24.92
N LYS D 251 28.95 -1.61 -25.75
CA LYS D 251 29.61 -1.35 -27.07
C LYS D 251 31.06 -0.88 -26.96
N THR D 252 31.33 -0.02 -25.98
CA THR D 252 32.67 0.38 -25.70
C THR D 252 33.54 -0.83 -25.33
N LEU D 253 33.00 -1.73 -24.51
CA LEU D 253 33.78 -2.86 -24.04
C LEU D 253 33.99 -3.85 -25.22
N GLU D 254 33.06 -3.84 -26.16
CA GLU D 254 33.24 -4.67 -27.37
C GLU D 254 34.38 -4.14 -28.24
N LYS D 255 34.49 -2.83 -28.38
CA LYS D 255 35.52 -2.23 -29.20
C LYS D 255 36.88 -2.37 -28.54
N LYS D 256 36.95 -2.16 -27.23
CA LYS D 256 38.20 -2.16 -26.52
C LYS D 256 38.72 -3.57 -26.30
N CYS D 257 37.85 -4.51 -25.95
CA CYS D 257 38.30 -5.82 -25.45
C CYS D 257 37.76 -7.03 -26.22
N LYS D 258 36.98 -6.79 -27.25
CA LYS D 258 36.35 -7.84 -28.08
C LYS D 258 35.34 -8.69 -27.34
N VAL D 259 34.73 -8.18 -26.27
CA VAL D 259 33.69 -8.93 -25.58
C VAL D 259 32.38 -8.62 -26.31
N PRO D 260 31.75 -9.64 -26.92
CA PRO D 260 30.51 -9.37 -27.63
C PRO D 260 29.38 -9.00 -26.61
N PHE D 261 28.34 -8.35 -27.08
CA PHE D 261 27.25 -7.98 -26.17
C PHE D 261 25.93 -8.25 -26.79
N LYS D 262 24.93 -8.33 -25.92
CA LYS D 262 23.57 -8.47 -26.32
C LYS D 262 22.75 -7.47 -25.52
N THR D 263 21.84 -6.80 -26.19
CA THR D 263 20.98 -5.80 -25.60
C THR D 263 19.65 -6.41 -25.23
N LEU D 264 19.20 -6.14 -24.02
CA LEU D 264 17.93 -6.66 -23.53
C LEU D 264 17.12 -5.53 -22.91
N ARG D 265 15.79 -5.65 -22.94
CA ARG D 265 14.97 -4.76 -22.14
C ARG D 265 15.26 -4.91 -20.67
N THR D 266 15.15 -3.82 -19.92
CA THR D 266 15.12 -3.92 -18.46
C THR D 266 14.10 -5.00 -18.09
N PRO D 267 14.48 -5.98 -17.26
CA PRO D 267 13.60 -7.15 -17.06
C PRO D 267 12.44 -6.86 -16.08
N ILE D 268 11.45 -6.10 -16.55
CA ILE D 268 10.20 -5.82 -15.85
C ILE D 268 9.06 -6.46 -16.61
N GLY D 269 8.27 -7.27 -15.89
CA GLY D 269 7.09 -7.90 -16.47
C GLY D 269 7.41 -9.31 -17.01
N VAL D 270 6.48 -9.88 -17.76
CA VAL D 270 6.59 -11.28 -18.17
C VAL D 270 7.56 -11.46 -19.32
N SER D 271 7.28 -10.86 -20.47
CA SER D 271 8.13 -11.11 -21.65
C SER D 271 9.56 -10.59 -21.46
N ALA D 272 9.73 -9.43 -20.82
CA ALA D 272 11.07 -8.94 -20.59
C ALA D 272 11.91 -9.79 -19.60
N THR D 273 11.28 -10.34 -18.54
CA THR D 273 12.02 -11.22 -17.67
C THR D 273 12.29 -12.55 -18.42
N ASP D 274 11.29 -13.01 -19.16
CA ASP D 274 11.43 -14.27 -19.96
C ASP D 274 12.63 -14.11 -20.92
N GLU D 275 12.72 -12.96 -21.60
CA GLU D 275 13.81 -12.72 -22.59
C GLU D 275 15.16 -12.75 -21.89
N PHE D 276 15.22 -12.23 -20.66
CA PHE D 276 16.42 -12.23 -19.89
C PHE D 276 16.84 -13.65 -19.48
N ILE D 277 15.88 -14.42 -18.98
CA ILE D 277 16.15 -15.78 -18.58
C ILE D 277 16.60 -16.57 -19.82
N MET D 278 15.90 -16.39 -20.91
CA MET D 278 16.25 -17.13 -22.14
C MET D 278 17.61 -16.72 -22.66
N ALA D 279 17.99 -15.44 -22.54
CA ALA D 279 19.33 -15.05 -22.95
C ALA D 279 20.40 -15.76 -22.12
N LEU D 280 20.19 -15.81 -20.80
CA LEU D 280 21.11 -16.53 -19.91
C LEU D 280 21.20 -18.01 -20.28
N SER D 281 20.06 -18.62 -20.53
CA SER D 281 20.05 -20.06 -20.84
C SER D 281 20.75 -20.33 -22.18
N GLU D 282 20.42 -19.55 -23.20
CA GLU D 282 21.04 -19.71 -24.51
C GLU D 282 22.54 -19.41 -24.50
N ALA D 283 22.98 -18.44 -23.70
CA ALA D 283 24.41 -18.11 -23.63
C ALA D 283 25.26 -19.17 -22.95
N THR D 284 24.69 -20.02 -22.10
CA THR D 284 25.49 -20.87 -21.24
C THR D 284 25.15 -22.36 -21.33
N GLY D 285 24.07 -22.70 -22.00
CA GLY D 285 23.56 -24.05 -21.98
C GLY D 285 22.84 -24.47 -20.71
N LYS D 286 22.81 -23.63 -19.69
CA LYS D 286 22.21 -24.02 -18.39
C LYS D 286 20.67 -24.03 -18.42
N GLU D 287 20.08 -25.04 -17.75
CA GLU D 287 18.61 -25.22 -17.69
C GLU D 287 18.01 -24.21 -16.73
N VAL D 288 16.78 -23.80 -16.98
CA VAL D 288 16.08 -22.95 -16.02
C VAL D 288 15.60 -23.81 -14.85
N PRO D 289 16.03 -23.50 -13.61
CA PRO D 289 15.66 -24.30 -12.44
C PRO D 289 14.20 -24.12 -11.99
N ALA D 290 13.74 -25.07 -11.20
CA ALA D 290 12.33 -25.15 -10.80
C ALA D 290 11.94 -23.94 -9.98
N SER D 291 12.88 -23.40 -9.19
CA SER D 291 12.61 -22.23 -8.35
C SER D 291 12.17 -21.01 -9.18
N ILE D 292 12.88 -20.75 -10.29
CA ILE D 292 12.52 -19.66 -11.18
C ILE D 292 11.21 -19.93 -11.92
N GLU D 293 11.02 -21.17 -12.40
CA GLU D 293 9.81 -21.48 -13.09
C GLU D 293 8.61 -21.34 -12.14
N GLU D 294 8.79 -21.71 -10.86
CA GLU D 294 7.70 -21.61 -9.88
C GLU D 294 7.32 -20.13 -9.69
N GLU D 295 8.32 -19.27 -9.58
CA GLU D 295 8.08 -17.84 -9.38
C GLU D 295 7.30 -17.31 -10.56
N ARG D 296 7.73 -17.65 -11.79
CA ARG D 296 6.98 -17.24 -12.96
C ARG D 296 5.52 -17.68 -12.92
N GLY D 297 5.30 -18.96 -12.58
CA GLY D 297 3.96 -19.50 -12.43
C GLY D 297 3.11 -18.82 -11.37
N GLN D 298 3.74 -18.37 -10.30
CA GLN D 298 3.02 -17.59 -9.28
C GLN D 298 2.63 -16.19 -9.78
N LEU D 299 3.52 -15.56 -10.55
CA LEU D 299 3.15 -14.34 -11.24
C LEU D 299 1.96 -14.50 -12.21
N ILE D 300 2.01 -15.53 -13.06
CA ILE D 300 0.89 -15.79 -13.93
C ILE D 300 -0.42 -16.01 -13.14
N ASP D 301 -0.29 -16.78 -12.07
CA ASP D 301 -1.43 -17.09 -11.21
C ASP D 301 -2.04 -15.80 -10.64
N LEU D 302 -1.17 -14.92 -10.18
CA LEU D 302 -1.61 -13.62 -9.72
C LEU D 302 -2.27 -12.74 -10.80
N MET D 303 -1.69 -12.71 -11.99
CA MET D 303 -2.25 -11.94 -13.07
C MET D 303 -3.63 -12.40 -13.43
N ILE D 304 -3.86 -13.72 -13.40
CA ILE D 304 -5.16 -14.27 -13.71
C ILE D 304 -6.10 -14.05 -12.54
N ASP D 305 -5.64 -14.32 -11.31
CA ASP D 305 -6.51 -14.15 -10.14
C ASP D 305 -7.01 -12.69 -9.99
N ALA D 306 -6.15 -11.72 -10.28
CA ALA D 306 -6.49 -10.31 -10.12
C ALA D 306 -7.02 -9.66 -11.39
N GLN D 307 -7.25 -10.45 -12.44
CA GLN D 307 -7.46 -9.88 -13.77
C GLN D 307 -8.61 -8.90 -13.82
N GLN D 308 -9.68 -9.11 -13.05
CA GLN D 308 -10.84 -8.24 -13.25
C GLN D 308 -10.60 -6.78 -12.95
N TYR D 309 -9.63 -6.51 -12.08
CA TYR D 309 -9.32 -5.17 -11.65
C TYR D 309 -8.37 -4.43 -12.60
N LEU D 310 -7.86 -5.17 -13.58
CA LEU D 310 -6.81 -4.68 -14.43
C LEU D 310 -7.27 -4.46 -15.88
N GLN D 311 -8.20 -5.30 -16.34
CA GLN D 311 -8.58 -5.28 -17.76
C GLN D 311 -9.12 -3.95 -18.16
N GLY D 312 -8.53 -3.39 -19.20
CA GLY D 312 -9.08 -2.14 -19.74
C GLY D 312 -8.79 -0.87 -18.92
N LYS D 313 -7.98 -0.98 -17.87
CA LYS D 313 -7.69 0.18 -17.06
C LYS D 313 -6.72 1.12 -17.84
N LYS D 314 -7.01 2.41 -17.81
CA LYS D 314 -6.19 3.42 -18.46
C LYS D 314 -5.11 3.93 -17.51
N VAL D 315 -3.85 3.81 -17.97
CA VAL D 315 -2.70 4.13 -17.14
C VAL D 315 -1.90 5.31 -17.72
N ALA D 316 -1.54 6.26 -16.85
CA ALA D 316 -0.57 7.31 -17.22
C ALA D 316 0.77 6.93 -16.57
N LEU D 317 1.86 6.91 -17.37
CA LEU D 317 3.21 6.53 -16.94
C LEU D 317 4.18 7.65 -17.34
N LEU D 318 5.04 8.05 -16.41
CA LEU D 318 6.12 8.99 -16.69
C LEU D 318 7.37 8.48 -16.05
N GLY D 319 8.48 8.53 -16.77
CA GLY D 319 9.74 8.15 -16.15
C GLY D 319 10.84 8.01 -17.15
N ASP D 320 11.82 7.23 -16.77
CA ASP D 320 13.05 7.04 -17.55
C ASP D 320 12.80 5.99 -18.61
N PRO D 321 13.46 6.15 -19.76
CA PRO D 321 13.02 5.44 -20.91
C PRO D 321 13.12 3.89 -20.83
N ASP D 322 14.20 3.31 -20.33
CA ASP D 322 14.35 1.87 -20.31
C ASP D 322 13.24 1.26 -19.44
N GLU D 323 12.99 1.91 -18.31
CA GLU D 323 12.06 1.41 -17.30
C GLU D 323 10.62 1.55 -17.78
N ILE D 324 10.30 2.65 -18.41
CA ILE D 324 8.96 2.93 -18.90
C ILE D 324 8.59 2.08 -20.14
N ILE D 325 9.57 1.81 -21.00
CA ILE D 325 9.35 0.87 -22.08
C ILE D 325 8.91 -0.49 -21.55
N ALA D 326 9.70 -1.04 -20.64
CA ALA D 326 9.41 -2.37 -20.09
C ALA D 326 8.13 -2.37 -19.26
N LEU D 327 7.94 -1.33 -18.43
CA LEU D 327 6.71 -1.26 -17.66
C LEU D 327 5.46 -1.10 -18.53
N SER D 328 5.55 -0.35 -19.62
CA SER D 328 4.40 -0.16 -20.51
C SER D 328 4.04 -1.50 -21.13
N LYS D 329 5.05 -2.31 -21.50
CA LYS D 329 4.77 -3.67 -22.02
C LYS D 329 4.08 -4.52 -20.96
N PHE D 330 4.54 -4.41 -19.73
CA PHE D 330 3.90 -5.16 -18.62
C PHE D 330 2.44 -4.73 -18.41
N ILE D 331 2.17 -3.44 -18.51
CA ILE D 331 0.84 -2.91 -18.38
C ILE D 331 -0.07 -3.55 -19.43
N ILE D 332 0.44 -3.69 -20.66
CA ILE D 332 -0.30 -4.37 -21.73
C ILE D 332 -0.52 -5.86 -21.42
N GLU D 333 0.54 -6.49 -20.90
CA GLU D 333 0.46 -7.89 -20.49
C GLU D 333 -0.55 -8.14 -19.40
N LEU D 334 -0.78 -7.13 -18.57
CA LEU D 334 -1.78 -7.21 -17.51
C LEU D 334 -3.18 -7.01 -18.02
N GLY D 335 -3.30 -6.57 -19.26
CA GLY D 335 -4.58 -6.34 -19.94
C GLY D 335 -5.04 -4.93 -19.84
N ALA D 336 -4.17 -4.08 -19.32
CA ALA D 336 -4.44 -2.68 -19.16
C ALA D 336 -3.89 -1.87 -20.35
N ILE D 337 -4.14 -0.54 -20.32
CA ILE D 337 -3.85 0.35 -21.44
C ILE D 337 -2.89 1.46 -21.04
N PRO D 338 -1.68 1.48 -21.64
CA PRO D 338 -0.82 2.66 -21.50
C PRO D 338 -1.46 3.76 -22.32
N LYS D 339 -2.11 4.68 -21.64
CA LYS D 339 -2.85 5.76 -22.22
C LYS D 339 -2.03 6.99 -22.51
N TYR D 340 -1.26 7.44 -21.51
CA TYR D 340 -0.34 8.58 -21.62
C TYR D 340 1.03 8.08 -21.18
N VAL D 341 2.02 8.19 -22.04
CA VAL D 341 3.31 7.58 -21.75
C VAL D 341 4.40 8.57 -22.10
N VAL D 342 5.17 9.00 -21.10
CA VAL D 342 6.06 10.17 -21.27
C VAL D 342 7.41 9.88 -20.65
N THR D 343 8.48 10.31 -21.34
CA THR D 343 9.77 10.41 -20.70
C THR D 343 10.33 11.80 -20.96
N GLY D 344 11.11 12.32 -20.01
CA GLY D 344 11.80 13.61 -20.21
C GLY D 344 13.12 13.40 -20.93
N THR D 345 13.55 12.16 -21.05
CA THR D 345 14.87 11.83 -21.69
C THR D 345 14.75 11.77 -23.24
N PRO D 346 15.58 12.54 -23.97
CA PRO D 346 15.41 12.57 -25.44
C PRO D 346 15.84 11.28 -26.10
N GLY D 347 15.34 11.02 -27.30
CA GLY D 347 15.73 9.82 -28.04
C GLY D 347 14.57 9.20 -28.76
N MET D 348 14.87 8.69 -29.96
CA MET D 348 13.90 8.06 -30.83
C MET D 348 13.40 6.68 -30.36
N LYS D 349 14.25 5.90 -29.71
CA LYS D 349 13.90 4.52 -29.40
C LYS D 349 12.59 4.40 -28.62
N PHE D 350 12.45 5.21 -27.58
CA PHE D 350 11.26 5.16 -26.77
C PHE D 350 9.99 5.32 -27.59
N GLN D 351 9.99 6.28 -28.50
CA GLN D 351 8.83 6.55 -29.30
C GLN D 351 8.50 5.34 -30.19
N LYS D 352 9.51 4.74 -30.81
CA LYS D 352 9.27 3.59 -31.68
C LYS D 352 8.79 2.38 -30.91
N GLU D 353 9.41 2.09 -29.77
CA GLU D 353 9.07 0.87 -29.02
C GLU D 353 7.69 0.96 -28.41
N ILE D 354 7.31 2.11 -27.88
CA ILE D 354 5.99 2.24 -27.30
C ILE D 354 4.94 2.20 -28.42
N ASP D 355 5.16 2.94 -29.50
CA ASP D 355 4.25 2.90 -30.65
C ASP D 355 4.02 1.46 -31.14
N ALA D 356 5.10 0.69 -31.23
CA ALA D 356 5.07 -0.67 -31.74
C ALA D 356 4.27 -1.62 -30.83
N MET D 357 4.47 -1.52 -29.52
CA MET D 357 3.72 -2.39 -28.63
C MET D 357 2.24 -1.98 -28.60
N LEU D 358 1.93 -0.70 -28.69
CA LEU D 358 0.55 -0.27 -28.73
C LEU D 358 -0.17 -0.82 -30.00
N ALA D 359 0.47 -0.65 -31.15
CA ALA D 359 -0.04 -1.19 -32.42
C ALA D 359 -0.28 -2.69 -32.33
N GLU D 360 0.69 -3.44 -31.84
CA GLU D 360 0.56 -4.88 -31.66
C GLU D 360 -0.66 -5.33 -30.80
N ALA D 361 -1.01 -4.53 -29.80
CA ALA D 361 -2.14 -4.83 -28.92
C ALA D 361 -3.43 -4.23 -29.43
N GLY D 362 -3.39 -3.52 -30.56
CA GLY D 362 -4.58 -2.87 -31.11
C GLY D 362 -5.05 -1.64 -30.37
N ILE D 363 -4.13 -0.98 -29.66
CA ILE D 363 -4.53 0.18 -28.88
C ILE D 363 -4.32 1.42 -29.65
N GLU D 364 -5.40 2.16 -29.84
CA GLU D 364 -5.41 3.42 -30.55
C GLU D 364 -5.82 4.49 -29.55
N GLY D 365 -5.35 5.71 -29.74
CA GLY D 365 -5.77 6.82 -28.94
C GLY D 365 -4.85 7.15 -27.75
N SER D 366 -3.74 6.43 -27.63
CA SER D 366 -2.77 6.79 -26.60
C SER D 366 -1.87 7.94 -27.04
N LYS D 367 -1.34 8.70 -26.08
CA LYS D 367 -0.43 9.80 -26.36
C LYS D 367 0.90 9.45 -25.78
N VAL D 368 1.91 9.52 -26.62
CA VAL D 368 3.25 9.14 -26.28
C VAL D 368 4.13 10.35 -26.57
N LYS D 369 4.90 10.79 -25.60
CA LYS D 369 5.73 11.97 -25.80
C LYS D 369 7.14 11.84 -25.24
N VAL D 370 8.11 12.07 -26.10
CA VAL D 370 9.52 12.17 -25.71
C VAL D 370 9.80 13.65 -25.41
N GLU D 371 10.54 13.91 -24.33
CA GLU D 371 10.75 15.27 -23.79
C GLU D 371 9.45 15.94 -23.46
N GLY D 372 8.56 15.15 -22.88
CA GLY D 372 7.37 15.69 -22.27
C GLY D 372 7.65 15.91 -20.79
N ASP D 373 6.73 16.56 -20.10
CA ASP D 373 6.88 16.82 -18.68
C ASP D 373 5.58 16.54 -17.90
N PHE D 374 5.60 16.73 -16.58
CA PHE D 374 4.44 16.42 -15.73
C PHE D 374 3.29 17.41 -16.02
N PHE D 375 3.61 18.61 -16.50
CA PHE D 375 2.55 19.58 -16.85
C PHE D 375 1.76 19.08 -18.07
N ASP D 376 2.47 18.54 -19.05
CA ASP D 376 1.83 17.93 -20.21
C ASP D 376 0.85 16.83 -19.76
N VAL D 377 1.32 15.90 -18.93
CA VAL D 377 0.48 14.78 -18.56
C VAL D 377 -0.71 15.26 -17.77
N HIS D 378 -0.50 16.23 -16.91
CA HIS D 378 -1.60 16.77 -16.20
C HIS D 378 -2.69 17.36 -17.10
N GLN D 379 -2.28 18.15 -18.07
CA GLN D 379 -3.26 18.69 -19.03
C GLN D 379 -3.98 17.59 -19.81
N TRP D 380 -3.26 16.58 -20.22
CA TRP D 380 -3.94 15.46 -20.91
C TRP D 380 -4.98 14.79 -20.02
N ILE D 381 -4.64 14.57 -18.76
CA ILE D 381 -5.55 13.98 -17.82
C ILE D 381 -6.79 14.86 -17.63
N LYS D 382 -6.65 16.19 -17.59
CA LYS D 382 -7.84 17.05 -17.46
C LYS D 382 -8.79 16.92 -18.66
N ASN D 383 -8.26 16.49 -19.79
CA ASN D 383 -9.04 16.31 -21.00
C ASN D 383 -9.65 14.92 -21.11
N GLU D 384 -8.91 13.88 -20.76
CA GLU D 384 -9.47 12.56 -20.64
C GLU D 384 -8.78 11.85 -19.48
N GLY D 385 -9.58 11.45 -18.50
CA GLY D 385 -9.08 10.83 -17.25
C GLY D 385 -8.43 9.47 -17.38
N VAL D 386 -7.74 9.05 -16.32
CA VAL D 386 -7.08 7.77 -16.27
C VAL D 386 -7.48 7.10 -14.96
N ASP D 387 -7.18 5.80 -14.89
CA ASP D 387 -7.51 4.98 -13.73
C ASP D 387 -6.33 4.69 -12.80
N LEU D 388 -5.13 5.02 -13.27
CA LEU D 388 -3.89 4.71 -12.59
C LEU D 388 -2.78 5.66 -13.06
N LEU D 389 -1.95 6.11 -12.12
CA LEU D 389 -0.78 6.92 -12.42
C LEU D 389 0.45 6.24 -11.85
N ILE D 390 1.49 6.10 -12.66
CA ILE D 390 2.75 5.51 -12.22
C ILE D 390 3.89 6.48 -12.57
N SER D 391 4.63 6.92 -11.56
CA SER D 391 5.74 7.87 -11.78
C SER D 391 6.55 7.97 -10.52
N ASN D 392 7.55 8.86 -10.56
CA ASN D 392 8.29 9.15 -9.31
C ASN D 392 7.43 10.04 -8.38
N THR D 393 8.05 10.52 -7.29
CA THR D 393 7.34 11.21 -6.26
C THR D 393 6.54 12.39 -6.79
N TYR D 394 7.04 13.05 -7.83
CA TYR D 394 6.37 14.27 -8.29
C TYR D 394 4.98 14.07 -8.90
N GLY D 395 4.60 12.85 -9.20
CA GLY D 395 3.23 12.55 -9.58
C GLY D 395 2.21 12.68 -8.48
N LYS D 396 2.67 12.77 -7.23
CA LYS D 396 1.75 12.81 -6.15
C LYS D 396 0.83 14.03 -6.23
N PHE D 397 1.29 15.11 -6.84
CA PHE D 397 0.48 16.32 -6.90
C PHE D 397 -0.70 16.10 -7.86
N ILE D 398 -0.43 15.47 -8.98
CA ILE D 398 -1.48 15.12 -9.95
C ILE D 398 -2.42 14.06 -9.37
N ALA D 399 -1.84 13.07 -8.72
CA ALA D 399 -2.66 12.06 -8.06
C ALA D 399 -3.69 12.65 -7.07
N ARG D 400 -3.27 13.59 -6.24
CA ARG D 400 -4.19 14.16 -5.29
C ARG D 400 -5.21 15.04 -6.01
N GLU D 401 -4.72 15.96 -6.82
CA GLU D 401 -5.61 16.89 -7.54
C GLU D 401 -6.68 16.17 -8.38
N GLU D 402 -6.31 15.09 -9.04
CA GLU D 402 -7.24 14.42 -9.95
C GLU D 402 -7.84 13.13 -9.35
N ASN D 403 -7.45 12.77 -8.12
CA ASN D 403 -7.94 11.62 -7.40
C ASN D 403 -7.67 10.31 -8.16
N ILE D 404 -6.39 10.04 -8.45
CA ILE D 404 -5.99 8.91 -9.27
C ILE D 404 -5.16 8.01 -8.40
N PRO D 405 -5.52 6.70 -8.34
CA PRO D 405 -4.65 5.69 -7.67
C PRO D 405 -3.21 5.79 -8.20
N PHE D 406 -2.24 5.77 -7.27
CA PHE D 406 -0.87 6.21 -7.58
C PHE D 406 0.16 5.22 -7.06
N VAL D 407 1.02 4.79 -7.96
CA VAL D 407 2.10 3.90 -7.68
C VAL D 407 3.43 4.65 -7.91
N ARG D 408 4.24 4.75 -6.85
CA ARG D 408 5.57 5.33 -6.95
C ARG D 408 6.50 4.33 -7.61
N PHE D 409 7.24 4.83 -8.60
CA PHE D 409 8.10 3.98 -9.43
C PHE D 409 9.28 4.84 -9.92
N GLY D 410 10.47 4.26 -9.94
CA GLY D 410 11.61 4.88 -10.58
C GLY D 410 12.27 5.89 -9.68
N PHE D 411 12.73 6.96 -10.28
CA PHE D 411 13.63 7.91 -9.57
C PHE D 411 13.25 9.34 -9.74
N PRO D 412 13.22 10.16 -8.68
CA PRO D 412 13.41 9.77 -7.27
C PRO D 412 12.06 9.58 -6.55
N ILE D 413 12.09 8.67 -5.59
CA ILE D 413 11.00 8.44 -4.65
C ILE D 413 11.54 8.90 -3.31
N MET D 414 10.99 9.97 -2.79
CA MET D 414 11.55 10.66 -1.66
C MET D 414 10.60 10.74 -0.49
N ASP D 415 9.44 10.08 -0.61
CA ASP D 415 8.38 10.28 0.38
C ASP D 415 7.83 9.01 1.01
N ARG D 416 8.54 7.90 0.85
CA ARG D 416 8.15 6.62 1.48
C ARG D 416 9.42 5.91 1.94
N TYR D 417 9.24 4.95 2.83
CA TYR D 417 10.38 4.31 3.48
C TYR D 417 10.46 2.86 3.10
N GLY D 418 11.64 2.42 2.69
CA GLY D 418 11.90 1.00 2.43
C GLY D 418 11.67 0.53 1.01
N HIS D 419 11.23 1.41 0.11
CA HIS D 419 11.03 1.06 -1.33
C HIS D 419 12.30 0.56 -2.00
N TYR D 420 13.46 1.03 -1.52
CA TYR D 420 14.78 0.60 -2.03
C TYR D 420 15.12 -0.82 -1.61
N TYR D 421 14.29 -1.45 -0.78
CA TYR D 421 14.43 -2.89 -0.51
C TYR D 421 13.55 -3.77 -1.39
N ASN D 422 12.72 -3.17 -2.25
CA ASN D 422 11.68 -3.85 -3.02
C ASN D 422 12.09 -3.93 -4.50
N PRO D 423 12.36 -5.14 -5.04
CA PRO D 423 12.61 -5.18 -6.50
C PRO D 423 11.36 -4.87 -7.32
N LYS D 424 11.58 -4.28 -8.50
CA LYS D 424 10.59 -4.14 -9.53
C LYS D 424 10.92 -5.06 -10.74
N VAL D 425 12.12 -5.63 -10.78
CA VAL D 425 12.54 -6.51 -11.88
C VAL D 425 12.33 -7.98 -11.55
N GLY D 426 12.30 -8.78 -12.61
CA GLY D 426 12.16 -10.22 -12.42
C GLY D 426 10.73 -10.61 -12.12
N TYR D 427 10.51 -11.91 -11.95
CA TYR D 427 9.18 -12.40 -11.63
C TYR D 427 8.77 -11.93 -10.22
N LYS D 428 9.72 -11.93 -9.29
CA LYS D 428 9.48 -11.41 -7.91
C LYS D 428 9.07 -9.94 -7.90
N GLY D 429 9.77 -9.11 -8.67
CA GLY D 429 9.46 -7.69 -8.78
C GLY D 429 8.13 -7.49 -9.46
N ALA D 430 7.82 -8.34 -10.46
CA ALA D 430 6.57 -8.27 -11.14
C ALA D 430 5.41 -8.50 -10.17
N ILE D 431 5.53 -9.51 -9.32
CA ILE D 431 4.51 -9.80 -8.28
C ILE D 431 4.35 -8.58 -7.39
N ARG D 432 5.46 -7.95 -7.00
CA ARG D 432 5.35 -6.74 -6.14
C ARG D 432 4.58 -5.62 -6.82
N LEU D 433 4.86 -5.41 -8.13
CA LEU D 433 4.16 -4.40 -8.89
C LEU D 433 2.68 -4.69 -8.97
N VAL D 434 2.29 -5.95 -9.27
CA VAL D 434 0.87 -6.27 -9.32
C VAL D 434 0.14 -6.02 -8.00
N GLU D 435 0.77 -6.43 -6.92
CA GLU D 435 0.24 -6.19 -5.58
C GLU D 435 -0.01 -4.70 -5.39
N GLU D 436 0.99 -3.86 -5.70
CA GLU D 436 0.90 -2.40 -5.50
C GLU D 436 -0.22 -1.81 -6.35
N ILE D 437 -0.30 -2.23 -7.63
CA ILE D 437 -1.26 -1.69 -8.54
C ILE D 437 -2.68 -2.07 -8.10
N THR D 438 -2.89 -3.35 -7.79
CA THR D 438 -4.19 -3.78 -7.32
C THR D 438 -4.58 -3.20 -5.98
N ASN D 439 -3.63 -3.08 -5.09
CA ASN D 439 -3.89 -2.47 -3.80
C ASN D 439 -4.42 -1.04 -3.94
N VAL D 440 -3.80 -0.21 -4.79
CA VAL D 440 -4.21 1.18 -4.88
C VAL D 440 -5.51 1.32 -5.63
N ILE D 441 -5.80 0.41 -6.56
CA ILE D 441 -7.07 0.43 -7.28
C ILE D 441 -8.19 0.03 -6.31
N LEU D 442 -7.96 -1.07 -5.57
CA LEU D 442 -8.96 -1.48 -4.60
C LEU D 442 -9.14 -0.49 -3.45
N ASP D 443 -8.06 0.12 -2.97
CA ASP D 443 -8.16 1.13 -1.87
C ASP D 443 -9.11 2.29 -2.27
N LYS D 444 -9.03 2.73 -3.52
CA LYS D 444 -9.89 3.76 -3.99
C LYS D 444 -11.34 3.30 -4.11
N ILE D 445 -11.52 2.15 -4.69
CA ILE D 445 -12.87 1.57 -4.81
C ILE D 445 -13.56 1.52 -3.45
N GLU D 446 -12.83 1.05 -2.44
CA GLU D 446 -13.43 0.81 -1.12
C GLU D 446 -13.58 2.07 -0.29
N ARG D 447 -12.81 3.12 -0.61
CA ARG D 447 -12.95 4.39 0.08
C ARG D 447 -14.16 5.16 -0.44
N GLU D 448 -14.42 5.02 -1.73
CA GLU D 448 -15.40 5.84 -2.44
C GLU D 448 -16.73 5.18 -2.73
N CYS D 449 -16.82 3.87 -2.59
CA CYS D 449 -18.11 3.20 -2.89
C CYS D 449 -19.16 3.63 -1.87
N THR D 450 -20.42 3.55 -2.24
CA THR D 450 -21.48 3.79 -1.28
C THR D 450 -21.42 2.70 -0.22
N GLU D 451 -21.95 3.02 0.96
CA GLU D 451 -21.97 2.00 2.03
C GLU D 451 -22.65 0.70 1.59
N GLU D 452 -23.74 0.78 0.84
CA GLU D 452 -24.44 -0.46 0.44
C GLU D 452 -23.60 -1.32 -0.54
N ASP D 453 -22.60 -0.71 -1.20
CA ASP D 453 -21.75 -1.42 -2.17
C ASP D 453 -20.45 -1.89 -1.57
N PHE D 454 -20.26 -1.65 -0.29
CA PHE D 454 -19.09 -2.09 0.41
C PHE D 454 -19.14 -3.60 0.55
N GLU D 455 -17.97 -4.23 0.50
CA GLU D 455 -17.82 -5.70 0.28
C GLU D 455 -16.84 -6.26 1.29
N VAL D 456 -17.08 -7.50 1.71
CA VAL D 456 -16.09 -8.23 2.43
C VAL D 456 -15.06 -8.78 1.48
N VAL D 457 -15.45 -9.68 0.58
CA VAL D 457 -14.53 -10.28 -0.35
C VAL D 457 -14.34 -9.45 -1.62
N ARG D 458 -13.12 -9.43 -2.14
CA ARG D 458 -12.82 -8.82 -3.46
C ARG D 458 -11.92 -9.73 -4.25
#